data_1ZS8
#
_entry.id   1ZS8
#
_cell.length_a   124.110
_cell.length_b   134.710
_cell.length_c   149.370
_cell.angle_alpha   90.00
_cell.angle_beta   90.00
_cell.angle_gamma   90.00
#
_symmetry.space_group_name_H-M   'P 21 21 21'
#
loop_
_entity.id
_entity.type
_entity.pdbx_description
1 polymer 'histocompatibility 2, M region locus 10.5'
2 polymer Beta-2-microglobulin
3 non-polymer 2-acetamido-2-deoxy-beta-D-glucopyranose
#
loop_
_entity_poly.entity_id
_entity_poly.type
_entity_poly.pdbx_seq_one_letter_code
_entity_poly.pdbx_strand_id
1 'polypeptide(L)'
;SHWLKTFRIVIMEPGILEPRFIQVSYVDSIQYQGFDSRSETAGMQPRAAWMKQEPPEYWKNETEHAMGASLLARRTLIYM
VTENNNKKNDYHTLQEVFGCNVAHDGSFLGGHYGLTYYGYDYIILNEDLNSWTTEGKVGGKFNPDRTQGSVTEGWRTYLK
GECTERFLRCLDLGKETLLRSDAPRTHVTHKVTPEGNVTLRCWALGFYPADITLTWKRDGKNHTQDMELPDTRPAGDGTF
QKWAAVVVPFGEELRYTCHVHHEGLPGPLTLKWG
;
A,C,E,G,I
2 'polypeptide(L)'
;IQRTPKIQVYSRHPAENGKSNFLNCYVSGFHPSDIEVDLLKNGERIEKVEHSDLSFSKDWSFYLLYYTEFTPTEKDEYAC
RVNHVTLSQPKIVKWDRDM
;
B,D,F,H,J
#
loop_
_chem_comp.id
_chem_comp.type
_chem_comp.name
_chem_comp.formula
NAG D-saccharide, beta linking 2-acetamido-2-deoxy-beta-D-glucopyranose 'C8 H15 N O6'
#
# COMPACT_ATOMS: atom_id res chain seq x y z
N SER A 1 -9.25 10.43 21.33
CA SER A 1 -7.93 10.96 20.90
C SER A 1 -7.64 10.48 19.48
N HIS A 2 -6.95 11.32 18.71
CA HIS A 2 -6.62 10.98 17.33
C HIS A 2 -5.19 11.33 16.97
N TRP A 3 -4.71 10.70 15.91
CA TRP A 3 -3.36 10.96 15.44
C TRP A 3 -3.34 11.18 13.94
N LEU A 4 -2.56 12.17 13.52
CA LEU A 4 -2.37 12.45 12.11
C LEU A 4 -0.87 12.26 12.00
N LYS A 5 -0.44 11.25 11.25
CA LYS A 5 0.99 10.97 11.10
C LYS A 5 1.39 10.92 9.63
N THR A 6 2.61 11.35 9.34
CA THR A 6 3.12 11.31 7.99
C THR A 6 4.37 10.46 8.01
N PHE A 7 4.45 9.56 7.03
CA PHE A 7 5.59 8.68 6.91
C PHE A 7 6.37 8.98 5.65
N ARG A 8 7.70 8.98 5.75
CA ARG A 8 8.55 9.23 4.60
C ARG A 8 9.55 8.08 4.59
N ILE A 9 9.84 7.54 3.41
CA ILE A 9 10.80 6.45 3.31
C ILE A 9 11.71 6.73 2.13
N VAL A 10 13.01 6.51 2.31
CA VAL A 10 13.96 6.69 1.22
C VAL A 10 14.65 5.35 1.14
N ILE A 11 14.50 4.66 0.03
CA ILE A 11 15.09 3.34 -0.14
C ILE A 11 16.21 3.26 -1.15
N MET A 12 17.26 2.55 -0.79
CA MET A 12 18.40 2.34 -1.66
C MET A 12 18.60 0.84 -1.70
N GLU A 13 18.53 0.27 -2.89
CA GLU A 13 18.70 -1.16 -3.03
C GLU A 13 20.00 -1.38 -3.79
N PRO A 14 20.62 -2.56 -3.64
CA PRO A 14 21.87 -2.87 -4.34
C PRO A 14 21.62 -2.90 -5.85
N GLY A 15 22.10 -1.89 -6.56
CA GLY A 15 21.89 -1.86 -7.99
C GLY A 15 21.06 -0.69 -8.49
N ILE A 16 19.93 -0.43 -7.84
CA ILE A 16 19.07 0.68 -8.22
C ILE A 16 19.90 1.95 -8.42
N LEU A 17 19.78 2.55 -9.60
CA LEU A 17 20.52 3.76 -9.90
C LEU A 17 20.17 4.87 -8.91
N GLU A 18 18.91 5.26 -8.88
CA GLU A 18 18.45 6.31 -7.97
C GLU A 18 17.64 5.75 -6.81
N PRO A 19 17.69 6.42 -5.65
CA PRO A 19 16.96 5.99 -4.46
C PRO A 19 15.47 6.17 -4.69
N ARG A 20 14.66 5.30 -4.11
CA ARG A 20 13.22 5.40 -4.24
C ARG A 20 12.66 6.16 -3.03
N PHE A 21 11.69 7.02 -3.27
CA PHE A 21 11.11 7.77 -2.19
C PHE A 21 9.61 7.59 -2.20
N ILE A 22 9.02 7.40 -1.03
CA ILE A 22 7.58 7.27 -0.95
C ILE A 22 7.14 8.01 0.29
N GLN A 23 5.94 8.58 0.25
CA GLN A 23 5.43 9.34 1.39
C GLN A 23 3.93 9.09 1.56
N VAL A 24 3.53 8.57 2.72
CA VAL A 24 2.12 8.32 2.99
C VAL A 24 1.64 9.05 4.24
N SER A 25 0.35 9.37 4.28
CA SER A 25 -0.20 10.04 5.44
C SER A 25 -1.44 9.34 5.94
N TYR A 26 -1.52 9.20 7.26
CA TYR A 26 -2.64 8.54 7.90
C TYR A 26 -3.32 9.47 8.89
N VAL A 27 -4.62 9.25 9.09
CA VAL A 27 -5.37 9.96 10.11
C VAL A 27 -5.89 8.71 10.83
N ASP A 28 -5.21 8.38 11.92
CA ASP A 28 -5.48 7.17 12.69
C ASP A 28 -5.28 5.96 11.78
N SER A 29 -6.02 4.87 11.96
CA SER A 29 -5.80 3.68 11.13
C SER A 29 -5.96 3.88 9.62
N ILE A 30 -6.55 5.00 9.20
CA ILE A 30 -6.79 5.26 7.77
C ILE A 30 -5.74 6.06 6.99
N GLN A 31 -5.28 5.50 5.88
CA GLN A 31 -4.31 6.19 5.01
C GLN A 31 -5.16 6.99 4.03
N TYR A 32 -4.82 8.24 3.79
CA TYR A 32 -5.61 9.01 2.85
C TYR A 32 -4.86 9.60 1.65
N GLN A 33 -3.53 9.58 1.71
CA GLN A 33 -2.70 10.11 0.62
C GLN A 33 -1.58 9.15 0.33
N GLY A 34 -0.81 9.47 -0.70
CA GLY A 34 0.30 8.61 -1.04
C GLY A 34 1.05 9.16 -2.22
N PHE A 35 2.36 9.26 -2.10
CA PHE A 35 3.23 9.73 -3.17
C PHE A 35 4.33 8.68 -3.29
N ASP A 36 4.69 8.33 -4.51
CA ASP A 36 5.70 7.29 -4.71
C ASP A 36 6.60 7.73 -5.85
N SER A 37 7.90 7.89 -5.59
CA SER A 37 8.79 8.32 -6.65
C SER A 37 8.69 7.40 -7.87
N ARG A 38 8.48 6.10 -7.67
CA ARG A 38 8.33 5.21 -8.81
C ARG A 38 6.92 5.47 -9.38
N SER A 39 6.47 6.72 -9.23
CA SER A 39 5.14 7.20 -9.66
C SER A 39 4.20 6.12 -10.14
N GLY A 43 1.32 11.75 -9.55
CA GLY A 43 1.83 12.64 -8.51
C GLY A 43 1.42 12.23 -7.11
N MET A 44 0.98 13.18 -6.28
CA MET A 44 0.52 12.86 -4.93
C MET A 44 -0.96 12.43 -5.02
N GLN A 45 -1.21 11.13 -4.97
CA GLN A 45 -2.55 10.59 -5.08
C GLN A 45 -3.33 10.43 -3.78
N PRO A 46 -4.66 10.26 -3.88
CA PRO A 46 -5.56 10.09 -2.72
C PRO A 46 -5.66 8.60 -2.44
N ARG A 47 -5.96 8.24 -1.20
CA ARG A 47 -6.08 6.84 -0.85
C ARG A 47 -7.41 6.54 -0.18
N ALA A 48 -7.98 7.55 0.44
CA ALA A 48 -9.27 7.39 1.10
C ALA A 48 -10.35 7.99 0.20
N ALA A 49 -11.41 7.21 -0.03
CA ALA A 49 -12.51 7.62 -0.88
C ALA A 49 -12.96 9.06 -0.64
N TRP A 50 -13.06 9.44 0.62
CA TRP A 50 -13.49 10.78 0.97
C TRP A 50 -12.55 11.93 0.58
N MET A 51 -11.34 11.59 0.16
CA MET A 51 -10.39 12.64 -0.21
C MET A 51 -10.69 13.25 -1.57
N LYS A 52 -11.40 12.50 -2.40
CA LYS A 52 -11.75 12.96 -3.73
C LYS A 52 -12.47 14.32 -3.73
N GLN A 53 -12.76 14.84 -2.54
CA GLN A 53 -13.45 16.11 -2.39
C GLN A 53 -12.49 17.30 -2.29
N GLU A 54 -11.23 17.13 -2.69
CA GLU A 54 -10.29 18.25 -2.62
C GLU A 54 -9.99 18.82 -3.99
N PRO A 55 -9.77 20.15 -4.06
CA PRO A 55 -9.47 20.90 -5.27
C PRO A 55 -8.20 20.41 -5.95
N PRO A 56 -8.13 20.50 -7.28
CA PRO A 56 -6.90 20.03 -7.90
C PRO A 56 -5.75 20.92 -7.43
N GLU A 57 -6.08 22.15 -7.03
CA GLU A 57 -5.09 23.11 -6.55
C GLU A 57 -4.40 22.51 -5.34
N TYR A 58 -5.12 21.62 -4.67
CA TYR A 58 -4.61 20.93 -3.49
C TYR A 58 -3.52 19.94 -3.85
N TRP A 59 -3.88 18.95 -4.65
CA TRP A 59 -2.91 17.94 -5.06
C TRP A 59 -1.74 18.61 -5.76
N LYS A 60 -1.98 19.77 -6.38
CA LYS A 60 -0.88 20.47 -7.02
C LYS A 60 0.05 20.85 -5.87
N ASN A 61 -0.50 21.53 -4.88
CA ASN A 61 0.24 21.95 -3.70
C ASN A 61 1.00 20.72 -3.16
N GLU A 62 0.25 19.73 -2.70
CA GLU A 62 0.79 18.51 -2.13
C GLU A 62 1.90 17.87 -2.95
N THR A 63 1.66 17.66 -4.23
CA THR A 63 2.67 17.03 -5.04
C THR A 63 3.91 17.89 -5.07
N GLU A 64 3.74 19.20 -5.07
CA GLU A 64 4.90 20.08 -5.08
C GLU A 64 5.74 19.81 -3.82
N HIS A 65 5.07 19.77 -2.66
CA HIS A 65 5.77 19.52 -1.41
C HIS A 65 6.50 18.19 -1.37
N ALA A 66 5.82 17.11 -1.71
CA ALA A 66 6.43 15.78 -1.70
C ALA A 66 7.66 15.82 -2.60
N MET A 67 7.52 16.47 -3.75
CA MET A 67 8.60 16.62 -4.72
C MET A 67 9.81 17.22 -4.00
N GLY A 68 9.56 18.27 -3.24
CA GLY A 68 10.62 18.93 -2.50
C GLY A 68 11.21 18.05 -1.42
N ALA A 69 10.36 17.60 -0.51
CA ALA A 69 10.80 16.74 0.58
C ALA A 69 11.71 15.64 0.06
N SER A 70 11.29 15.02 -1.03
CA SER A 70 12.02 13.93 -1.64
C SER A 70 13.48 14.27 -2.01
N LEU A 71 13.69 15.44 -2.64
CA LEU A 71 15.06 15.82 -3.00
C LEU A 71 15.85 15.89 -1.70
N LEU A 72 15.26 16.50 -0.69
CA LEU A 72 15.90 16.61 0.61
C LEU A 72 16.23 15.27 1.27
N ALA A 73 15.25 14.39 1.33
CA ALA A 73 15.43 13.09 1.94
C ALA A 73 16.55 12.27 1.29
N ARG A 74 16.53 12.18 -0.03
CA ARG A 74 17.55 11.42 -0.74
C ARG A 74 18.91 11.99 -0.40
N ARG A 75 19.03 13.32 -0.46
CA ARG A 75 20.30 13.97 -0.16
C ARG A 75 20.79 13.52 1.21
N THR A 76 19.89 13.56 2.19
CA THR A 76 20.24 13.15 3.54
C THR A 76 20.66 11.70 3.67
N LEU A 77 19.93 10.78 3.04
CA LEU A 77 20.30 9.37 3.14
C LEU A 77 21.73 9.21 2.64
N ILE A 78 22.01 9.79 1.48
CA ILE A 78 23.35 9.71 0.89
C ILE A 78 24.39 10.30 1.84
N TYR A 79 24.03 11.41 2.48
CA TYR A 79 24.93 12.05 3.40
C TYR A 79 25.30 11.07 4.50
N MET A 80 24.29 10.55 5.17
CA MET A 80 24.53 9.61 6.27
C MET A 80 25.22 8.33 5.84
N VAL A 81 24.89 7.78 4.68
CA VAL A 81 25.57 6.55 4.27
C VAL A 81 27.05 6.86 4.19
N THR A 82 27.35 8.11 3.88
CA THR A 82 28.73 8.59 3.77
C THR A 82 29.37 8.70 5.14
N GLU A 83 28.81 9.56 5.99
CA GLU A 83 29.34 9.75 7.33
C GLU A 83 29.65 8.42 8.01
N ASN A 84 28.75 7.46 7.91
CA ASN A 84 28.98 6.16 8.54
C ASN A 84 29.88 5.30 7.67
N ASN A 85 30.38 5.89 6.60
CA ASN A 85 31.26 5.20 5.67
C ASN A 85 30.81 3.77 5.34
N ASN A 86 29.60 3.62 4.80
CA ASN A 86 29.06 2.29 4.44
C ASN A 86 29.13 2.00 2.95
N LYS A 87 29.15 0.71 2.61
CA LYS A 87 29.19 0.28 1.20
C LYS A 87 28.11 0.96 0.36
N LYS A 88 28.48 2.01 -0.35
CA LYS A 88 27.54 2.76 -1.19
C LYS A 88 26.49 1.88 -1.87
N ASN A 89 26.92 0.78 -2.49
CA ASN A 89 25.97 -0.10 -3.17
C ASN A 89 25.49 -1.27 -2.33
N ASP A 90 24.22 -1.20 -1.95
CA ASP A 90 23.51 -2.21 -1.19
C ASP A 90 22.44 -1.48 -0.39
N TYR A 91 21.71 -2.19 0.47
CA TYR A 91 20.63 -1.61 1.25
C TYR A 91 20.94 -0.45 2.18
N HIS A 92 20.05 0.54 2.15
CA HIS A 92 20.14 1.74 2.99
C HIS A 92 18.72 2.27 3.09
N THR A 93 18.31 2.69 4.28
CA THR A 93 16.95 3.18 4.42
C THR A 93 16.89 4.40 5.31
N LEU A 94 16.12 5.39 4.90
CA LEU A 94 15.96 6.57 5.72
C LEU A 94 14.46 6.60 5.99
N GLN A 95 14.06 6.59 7.26
CA GLN A 95 12.65 6.62 7.60
C GLN A 95 12.39 7.79 8.51
N GLU A 96 11.27 8.47 8.30
CA GLU A 96 10.92 9.64 9.09
C GLU A 96 9.43 9.62 9.40
N VAL A 97 9.04 9.98 10.62
CA VAL A 97 7.64 9.98 11.01
C VAL A 97 7.39 11.21 11.82
N PHE A 98 6.31 11.92 11.55
CA PHE A 98 5.99 13.05 12.40
C PHE A 98 4.46 13.14 12.42
N GLY A 99 3.91 13.77 13.44
CA GLY A 99 2.47 13.85 13.50
C GLY A 99 1.94 14.45 14.78
N CYS A 100 0.70 14.90 14.73
CA CYS A 100 0.11 15.52 15.90
C CYS A 100 -1.01 14.69 16.49
N ASN A 101 -1.02 14.65 17.81
CA ASN A 101 -2.02 13.94 18.56
C ASN A 101 -3.09 14.95 18.92
N VAL A 102 -4.25 14.88 18.29
CA VAL A 102 -5.31 15.83 18.59
C VAL A 102 -6.46 15.17 19.34
N ALA A 103 -6.98 15.86 20.35
CA ALA A 103 -8.08 15.34 21.14
C ALA A 103 -9.43 15.39 20.43
N HIS A 104 -10.38 14.62 20.96
CA HIS A 104 -11.72 14.55 20.40
C HIS A 104 -12.34 15.93 20.17
N ASP A 105 -11.89 16.92 20.92
CA ASP A 105 -12.41 18.29 20.81
C ASP A 105 -11.52 19.28 20.05
N GLY A 106 -10.84 18.80 19.02
CA GLY A 106 -9.99 19.66 18.21
C GLY A 106 -8.77 20.29 18.87
N SER A 107 -8.54 19.97 20.15
CA SER A 107 -7.39 20.54 20.85
C SER A 107 -6.13 19.67 20.80
N PHE A 108 -5.01 20.35 20.63
CA PHE A 108 -3.70 19.71 20.56
C PHE A 108 -3.36 18.98 21.86
N LEU A 109 -3.02 17.70 21.76
CA LEU A 109 -2.67 16.91 22.96
C LEU A 109 -1.16 16.71 23.00
N GLY A 110 -0.58 16.41 21.84
CA GLY A 110 0.85 16.19 21.75
C GLY A 110 1.25 16.02 20.30
N GLY A 111 2.48 15.60 20.08
CA GLY A 111 2.96 15.43 18.73
C GLY A 111 4.16 14.51 18.72
N HIS A 112 4.70 14.21 17.55
CA HIS A 112 5.83 13.32 17.48
C HIS A 112 6.64 13.57 16.22
N TYR A 113 7.92 13.24 16.32
CA TYR A 113 8.83 13.36 15.21
C TYR A 113 10.03 12.44 15.46
N GLY A 114 10.42 11.69 14.44
CA GLY A 114 11.55 10.78 14.55
C GLY A 114 12.14 10.51 13.19
N LEU A 115 13.45 10.35 13.15
CA LEU A 115 14.14 10.10 11.89
C LEU A 115 15.26 9.06 12.07
N THR A 116 15.39 8.15 11.10
CA THR A 116 16.45 7.14 11.17
C THR A 116 17.19 6.86 9.89
N TYR A 117 18.43 6.41 10.06
CA TYR A 117 19.21 5.91 8.97
C TYR A 117 19.21 4.56 9.67
N TYR A 118 18.12 3.81 9.49
CA TYR A 118 17.94 2.54 10.16
C TYR A 118 19.19 1.73 10.50
N GLY A 119 19.43 1.53 11.79
CA GLY A 119 20.58 0.78 12.22
C GLY A 119 21.83 1.61 12.44
N TYR A 120 21.75 2.91 12.19
CA TYR A 120 22.93 3.74 12.36
C TYR A 120 22.70 5.03 13.12
N ASP A 121 21.64 5.74 12.74
CA ASP A 121 21.38 7.01 13.39
C ASP A 121 19.92 7.23 13.72
N TYR A 122 19.69 7.89 14.83
CA TYR A 122 18.36 8.17 15.26
C TYR A 122 18.34 9.59 15.82
N ILE A 123 17.40 10.38 15.33
CA ILE A 123 17.22 11.73 15.80
C ILE A 123 15.76 11.70 16.19
N ILE A 124 15.47 12.04 17.45
CA ILE A 124 14.08 11.95 17.88
C ILE A 124 13.58 13.01 18.82
N LEU A 125 12.49 13.67 18.43
CA LEU A 125 11.90 14.70 19.26
C LEU A 125 11.25 14.00 20.45
N ASN A 126 11.52 14.49 21.66
CA ASN A 126 10.97 13.89 22.87
C ASN A 126 9.55 14.30 23.17
N GLU A 127 8.86 13.56 24.04
CA GLU A 127 7.48 13.89 24.38
C GLU A 127 7.45 15.30 24.93
N ASP A 128 8.52 15.68 25.62
CA ASP A 128 8.63 17.03 26.17
C ASP A 128 8.54 18.03 25.02
N LEU A 129 8.52 17.51 23.80
CA LEU A 129 8.49 18.31 22.57
C LEU A 129 9.42 19.52 22.68
N ASN A 130 10.39 19.44 23.59
CA ASN A 130 11.34 20.53 23.79
C ASN A 130 12.79 20.04 23.75
N SER A 131 12.96 18.72 23.85
CA SER A 131 14.28 18.10 23.83
C SER A 131 14.42 17.06 22.71
N TRP A 132 15.64 16.62 22.45
CA TRP A 132 15.87 15.63 21.41
C TRP A 132 16.59 14.37 21.92
N THR A 133 16.84 13.44 20.99
CA THR A 133 17.55 12.21 21.31
C THR A 133 18.43 11.81 20.13
N THR A 134 19.63 12.39 20.10
CA THR A 134 20.60 12.09 19.08
C THR A 134 21.00 10.62 19.30
N GLU A 135 21.62 10.00 18.29
CA GLU A 135 22.05 8.62 18.39
C GLU A 135 22.80 8.26 17.11
N GLY A 136 24.05 7.82 17.24
CA GLY A 136 24.84 7.47 16.06
C GLY A 136 25.93 8.47 15.65
N LYS A 137 26.82 8.08 14.74
CA LYS A 137 27.88 8.99 14.29
C LYS A 137 27.24 10.32 13.92
N VAL A 138 26.40 10.28 12.90
CA VAL A 138 25.69 11.48 12.46
C VAL A 138 24.57 11.64 13.45
N GLY A 139 23.94 12.79 13.49
CA GLY A 139 22.83 12.91 14.40
C GLY A 139 23.21 12.79 15.85
N GLY A 140 24.30 12.09 16.15
CA GLY A 140 24.74 12.04 17.52
C GLY A 140 25.27 13.46 17.64
N LYS A 141 25.77 13.93 16.50
CA LYS A 141 26.33 15.27 16.35
C LYS A 141 25.23 16.19 15.82
N PHE A 142 24.06 16.13 16.43
CA PHE A 142 22.92 16.94 16.01
C PHE A 142 22.73 18.18 16.86
N ASN A 143 22.49 19.31 16.21
CA ASN A 143 22.27 20.59 16.89
C ASN A 143 20.87 20.70 17.49
N SER A 150 15.42 26.67 17.86
CA SER A 150 15.08 27.06 16.50
C SER A 150 14.47 25.86 15.77
N VAL A 151 15.30 24.85 15.50
CA VAL A 151 14.83 23.65 14.80
C VAL A 151 13.68 23.08 15.60
N THR A 152 13.82 23.15 16.92
CA THR A 152 12.82 22.64 17.83
C THR A 152 11.50 23.41 17.72
N GLU A 153 11.56 24.73 17.86
CA GLU A 153 10.36 25.56 17.78
C GLU A 153 9.64 25.34 16.45
N GLY A 154 10.42 25.05 15.40
CA GLY A 154 9.82 24.81 14.10
C GLY A 154 8.78 23.72 14.19
N TRP A 155 9.18 22.60 14.78
CA TRP A 155 8.29 21.47 14.96
C TRP A 155 7.21 21.74 15.98
N ARG A 156 7.59 22.32 17.10
CA ARG A 156 6.62 22.64 18.14
C ARG A 156 5.49 23.39 17.44
N THR A 157 5.85 24.21 16.46
CA THR A 157 4.86 24.99 15.73
C THR A 157 4.11 24.15 14.74
N TYR A 158 4.81 23.68 13.71
CA TYR A 158 4.17 22.87 12.68
C TYR A 158 3.18 21.93 13.33
N LEU A 159 3.62 21.26 14.39
CA LEU A 159 2.76 20.31 15.07
C LEU A 159 1.53 20.94 15.71
N LYS A 160 1.71 21.97 16.52
CA LYS A 160 0.57 22.64 17.14
C LYS A 160 -0.26 23.36 16.09
N GLY A 161 0.42 24.01 15.14
CA GLY A 161 -0.26 24.76 14.10
C GLY A 161 -0.72 24.03 12.85
N GLU A 162 0.05 24.19 11.78
CA GLU A 162 -0.27 23.57 10.50
C GLU A 162 -0.80 22.15 10.63
N CYS A 163 -0.05 21.26 11.31
CA CYS A 163 -0.47 19.87 11.49
C CYS A 163 -1.90 19.75 12.05
N THR A 164 -2.18 20.43 13.15
CA THR A 164 -3.52 20.36 13.72
C THR A 164 -4.55 20.93 12.78
N GLU A 165 -4.20 22.05 12.14
CA GLU A 165 -5.11 22.65 11.19
C GLU A 165 -5.37 21.55 10.16
N ARG A 166 -4.29 20.92 9.68
CA ARG A 166 -4.41 19.84 8.70
C ARG A 166 -5.31 18.74 9.24
N PHE A 167 -5.15 18.39 10.51
CA PHE A 167 -6.00 17.35 11.06
C PHE A 167 -7.46 17.75 11.04
N LEU A 168 -7.78 18.83 11.75
CA LEU A 168 -9.16 19.33 11.83
C LEU A 168 -9.83 19.32 10.47
N ARG A 169 -9.15 19.88 9.48
CA ARG A 169 -9.68 19.93 8.11
C ARG A 169 -9.98 18.53 7.58
N CYS A 170 -9.19 17.55 8.01
CA CYS A 170 -9.37 16.18 7.57
C CYS A 170 -10.61 15.56 8.18
N LEU A 171 -10.79 15.81 9.48
CA LEU A 171 -11.92 15.29 10.20
C LEU A 171 -13.20 15.87 9.60
N ASP A 172 -13.10 17.14 9.20
CA ASP A 172 -14.23 17.83 8.60
C ASP A 172 -14.70 17.01 7.40
N LEU A 173 -13.76 16.62 6.56
CA LEU A 173 -14.04 15.86 5.34
C LEU A 173 -14.29 14.35 5.43
N GLY A 174 -14.10 13.74 6.59
CA GLY A 174 -14.30 12.31 6.68
C GLY A 174 -14.96 11.79 7.95
N LYS A 175 -15.43 12.72 8.78
CA LYS A 175 -16.09 12.40 10.05
C LYS A 175 -17.00 11.18 9.93
N GLU A 176 -17.78 11.16 8.85
CA GLU A 176 -18.72 10.07 8.59
C GLU A 176 -18.09 8.68 8.70
N THR A 177 -16.94 8.47 8.07
CA THR A 177 -16.27 7.17 8.10
C THR A 177 -15.18 7.08 9.17
N LEU A 178 -14.60 8.23 9.50
CA LEU A 178 -13.54 8.31 10.49
C LEU A 178 -13.96 8.14 11.93
N LEU A 179 -15.18 8.58 12.24
CA LEU A 179 -15.66 8.48 13.59
C LEU A 179 -16.71 7.39 13.77
N ARG A 180 -16.84 6.50 12.79
CA ARG A 180 -17.82 5.42 12.90
C ARG A 180 -17.41 4.44 13.98
N SER A 181 -18.33 3.53 14.30
CA SER A 181 -18.08 2.50 15.29
C SER A 181 -18.75 1.29 14.67
N ASP A 182 -17.93 0.37 14.15
CA ASP A 182 -18.43 -0.85 13.53
C ASP A 182 -18.13 -1.96 14.49
N ALA A 183 -19.18 -2.60 15.00
CA ALA A 183 -19.03 -3.68 15.97
C ALA A 183 -18.51 -4.96 15.37
N PRO A 184 -17.85 -5.79 16.20
CA PRO A 184 -17.28 -7.07 15.81
C PRO A 184 -18.36 -8.08 15.52
N ARG A 185 -18.14 -8.92 14.52
CA ARG A 185 -19.07 -10.00 14.23
C ARG A 185 -18.23 -11.06 14.93
N THR A 186 -18.74 -11.65 16.01
CA THR A 186 -17.96 -12.65 16.75
C THR A 186 -18.52 -14.05 16.71
N HIS A 187 -17.68 -15.04 17.08
CA HIS A 187 -18.09 -16.44 17.11
C HIS A 187 -16.95 -17.30 17.66
N VAL A 188 -17.25 -18.56 17.98
CA VAL A 188 -16.21 -19.44 18.50
C VAL A 188 -16.03 -20.68 17.63
N THR A 189 -14.85 -21.28 17.67
CA THR A 189 -14.56 -22.47 16.88
C THR A 189 -13.84 -23.53 17.69
N HIS A 190 -14.26 -24.79 17.50
CA HIS A 190 -13.68 -25.93 18.22
C HIS A 190 -12.75 -26.77 17.36
N LYS A 191 -11.49 -26.81 17.76
CA LYS A 191 -10.47 -27.59 17.05
C LYS A 191 -9.97 -28.72 17.93
N VAL A 192 -9.66 -29.85 17.30
CA VAL A 192 -9.15 -31.02 18.01
C VAL A 192 -7.64 -31.12 17.84
N THR A 193 -6.95 -31.59 18.86
CA THR A 193 -5.49 -31.73 18.81
C THR A 193 -5.09 -33.00 18.05
N VAL A 198 -8.25 -29.87 23.64
CA VAL A 198 -8.60 -29.17 22.39
C VAL A 198 -8.22 -27.69 22.44
N THR A 199 -8.52 -26.99 21.35
CA THR A 199 -8.22 -25.57 21.25
C THR A 199 -9.43 -24.80 20.73
N LEU A 200 -9.97 -23.94 21.58
CA LEU A 200 -11.13 -23.12 21.28
C LEU A 200 -10.65 -21.73 20.83
N ARG A 201 -11.19 -21.26 19.71
CA ARG A 201 -10.80 -19.98 19.13
C ARG A 201 -11.97 -18.98 19.11
N CYS A 202 -11.70 -17.78 19.62
CA CYS A 202 -12.68 -16.70 19.73
C CYS A 202 -12.36 -15.69 18.61
N TRP A 203 -13.27 -15.53 17.64
CA TRP A 203 -13.05 -14.63 16.52
C TRP A 203 -13.86 -13.34 16.56
N ALA A 204 -13.21 -12.23 16.20
CA ALA A 204 -13.85 -10.91 16.15
C ALA A 204 -13.54 -10.36 14.76
N LEU A 205 -14.57 -10.14 13.94
CA LEU A 205 -14.33 -9.66 12.58
C LEU A 205 -15.06 -8.39 12.12
N GLY A 206 -14.42 -7.67 11.18
CA GLY A 206 -15.01 -6.48 10.62
C GLY A 206 -15.30 -5.34 11.57
N PHE A 207 -14.53 -5.23 12.65
CA PHE A 207 -14.76 -4.16 13.59
C PHE A 207 -13.86 -2.96 13.34
N TYR A 208 -14.35 -1.80 13.76
CA TYR A 208 -13.65 -0.54 13.61
C TYR A 208 -14.23 0.33 14.72
N PRO A 209 -13.41 1.05 15.48
CA PRO A 209 -11.95 1.19 15.49
C PRO A 209 -11.29 -0.15 15.77
N ALA A 210 -9.96 -0.13 15.77
CA ALA A 210 -9.17 -1.32 15.99
C ALA A 210 -8.97 -1.70 17.45
N ASP A 211 -9.26 -0.78 18.35
CA ASP A 211 -9.10 -1.07 19.78
C ASP A 211 -10.16 -2.07 20.18
N ILE A 212 -9.74 -3.28 20.52
CA ILE A 212 -10.71 -4.30 20.92
C ILE A 212 -10.14 -5.13 22.05
N THR A 213 -10.96 -5.96 22.71
CA THR A 213 -10.47 -6.81 23.80
C THR A 213 -11.04 -8.23 23.80
N LEU A 214 -10.15 -9.22 23.74
CA LEU A 214 -10.53 -10.63 23.73
C LEU A 214 -9.84 -11.43 24.83
N THR A 215 -10.62 -11.97 25.75
CA THR A 215 -10.07 -12.74 26.86
C THR A 215 -10.88 -13.99 27.18
N TRP A 216 -10.21 -15.02 27.70
CA TRP A 216 -10.87 -16.26 28.08
C TRP A 216 -10.91 -16.40 29.59
N LYS A 217 -11.75 -17.30 30.08
CA LYS A 217 -11.88 -17.51 31.52
C LYS A 217 -12.27 -18.93 31.86
N ARG A 218 -11.44 -19.59 32.66
CA ARG A 218 -11.75 -20.95 33.11
C ARG A 218 -12.68 -20.72 34.29
N ASP A 219 -13.94 -21.11 34.12
CA ASP A 219 -14.94 -20.94 35.16
C ASP A 219 -14.91 -19.50 35.67
N GLY A 220 -15.31 -18.58 34.80
CA GLY A 220 -15.35 -17.17 35.15
C GLY A 220 -14.12 -16.57 35.82
N LYS A 221 -12.97 -17.23 35.72
CA LYS A 221 -11.75 -16.72 36.33
C LYS A 221 -10.76 -16.24 35.27
N ASN A 222 -10.21 -15.04 35.46
CA ASN A 222 -9.23 -14.51 34.50
C ASN A 222 -8.23 -15.64 34.24
N HIS A 223 -8.31 -16.29 33.09
CA HIS A 223 -7.39 -17.38 32.81
C HIS A 223 -6.23 -16.95 31.90
N THR A 224 -5.09 -16.60 32.49
CA THR A 224 -3.93 -16.16 31.73
C THR A 224 -2.92 -17.27 31.45
N GLN A 225 -1.90 -16.92 30.67
CA GLN A 225 -0.82 -17.84 30.30
C GLN A 225 -1.15 -18.91 29.26
N ASP A 226 -1.85 -19.96 29.69
CA ASP A 226 -2.21 -21.08 28.83
C ASP A 226 -2.97 -20.75 27.53
N MET A 227 -3.06 -19.46 27.19
CA MET A 227 -3.77 -19.04 25.99
C MET A 227 -2.84 -18.46 24.92
N GLU A 228 -3.44 -18.01 23.82
CA GLU A 228 -2.72 -17.42 22.70
C GLU A 228 -3.31 -16.04 22.39
N LEU A 229 -2.46 -15.03 22.22
CA LEU A 229 -2.93 -13.67 21.94
C LEU A 229 -2.24 -13.01 20.75
N PRO A 230 -2.69 -13.35 19.53
CA PRO A 230 -2.15 -12.84 18.26
C PRO A 230 -2.18 -11.31 18.17
N ASP A 231 -2.25 -10.81 16.94
CA ASP A 231 -2.28 -9.37 16.70
C ASP A 231 -3.31 -8.95 15.68
N THR A 232 -4.07 -7.92 16.02
CA THR A 232 -5.09 -7.40 15.13
C THR A 232 -4.51 -7.29 13.72
N ARG A 233 -5.26 -7.74 12.73
CA ARG A 233 -4.83 -7.67 11.35
C ARG A 233 -5.97 -7.06 10.57
N PRO A 234 -5.69 -6.39 9.45
CA PRO A 234 -6.73 -5.76 8.64
C PRO A 234 -7.59 -6.67 7.78
N ALA A 235 -8.90 -6.42 7.78
CA ALA A 235 -9.82 -7.22 6.99
C ALA A 235 -9.60 -6.90 5.52
N GLY A 236 -9.09 -5.69 5.25
CA GLY A 236 -8.85 -5.27 3.88
C GLY A 236 -9.81 -4.18 3.47
N ASP A 237 -10.95 -4.08 4.13
CA ASP A 237 -11.95 -3.06 3.79
C ASP A 237 -11.90 -1.81 4.67
N GLY A 238 -11.00 -1.78 5.64
CA GLY A 238 -10.93 -0.60 6.49
C GLY A 238 -11.31 -0.91 7.92
N THR A 239 -11.60 -2.19 8.17
CA THR A 239 -11.98 -2.70 9.48
C THR A 239 -10.91 -3.70 9.86
N PHE A 240 -11.05 -4.34 11.02
CA PHE A 240 -10.05 -5.30 11.46
C PHE A 240 -10.55 -6.66 11.90
N GLN A 241 -9.60 -7.53 12.22
CA GLN A 241 -9.87 -8.89 12.67
C GLN A 241 -8.94 -9.17 13.81
N LYS A 242 -9.34 -10.09 14.68
CA LYS A 242 -8.49 -10.48 15.80
C LYS A 242 -9.07 -11.74 16.37
N TRP A 243 -8.20 -12.59 16.94
CA TRP A 243 -8.63 -13.84 17.53
C TRP A 243 -7.79 -14.18 18.75
N ALA A 244 -8.32 -15.09 19.57
CA ALA A 244 -7.63 -15.54 20.78
C ALA A 244 -8.11 -16.96 20.98
N ALA A 245 -7.18 -17.82 21.41
CA ALA A 245 -7.54 -19.20 21.61
C ALA A 245 -6.90 -19.77 22.86
N VAL A 246 -7.37 -20.94 23.25
CA VAL A 246 -6.84 -21.62 24.43
C VAL A 246 -6.85 -23.11 24.20
N VAL A 247 -6.19 -23.80 25.11
CA VAL A 247 -6.08 -25.25 25.07
C VAL A 247 -6.80 -25.79 26.30
N VAL A 248 -7.78 -26.66 26.08
CA VAL A 248 -8.56 -27.23 27.15
C VAL A 248 -8.84 -28.71 26.93
N PRO A 249 -8.73 -29.54 28.00
CA PRO A 249 -8.95 -31.00 28.03
C PRO A 249 -10.19 -31.53 27.30
N PHE A 250 -9.96 -32.38 26.30
CA PHE A 250 -11.03 -32.97 25.49
C PHE A 250 -12.32 -33.14 26.27
N GLY A 251 -13.37 -32.44 25.84
CA GLY A 251 -14.64 -32.53 26.51
C GLY A 251 -14.81 -31.55 27.65
N GLU A 252 -13.79 -31.41 28.49
CA GLU A 252 -13.82 -30.49 29.63
C GLU A 252 -13.75 -29.04 29.12
N GLU A 253 -14.54 -28.78 28.09
CA GLU A 253 -14.59 -27.47 27.42
C GLU A 253 -15.35 -26.35 28.13
N LEU A 254 -16.69 -26.48 28.16
CA LEU A 254 -17.58 -25.48 28.77
C LEU A 254 -17.13 -24.71 30.01
N ARG A 255 -15.98 -25.07 30.60
CA ARG A 255 -15.50 -24.35 31.77
C ARG A 255 -14.75 -23.10 31.31
N TYR A 256 -14.83 -22.82 30.00
CA TYR A 256 -14.17 -21.68 29.38
C TYR A 256 -15.11 -20.79 28.56
N THR A 257 -15.01 -19.49 28.79
CA THR A 257 -15.84 -18.50 28.10
C THR A 257 -15.00 -17.33 27.65
N CYS A 258 -15.22 -16.81 26.45
CA CYS A 258 -14.44 -15.65 26.02
C CYS A 258 -15.29 -14.40 26.03
N HIS A 259 -14.70 -13.33 26.53
CA HIS A 259 -15.37 -12.05 26.65
C HIS A 259 -14.81 -11.03 25.67
N VAL A 260 -15.70 -10.46 24.87
CA VAL A 260 -15.35 -9.47 23.86
C VAL A 260 -15.81 -8.10 24.30
N HIS A 261 -14.91 -7.13 24.25
CA HIS A 261 -15.22 -5.76 24.62
C HIS A 261 -14.85 -4.85 23.46
N HIS A 262 -15.79 -4.03 23.00
CA HIS A 262 -15.50 -3.11 21.91
C HIS A 262 -16.48 -1.95 21.73
N GLU A 263 -15.87 -0.77 21.59
CA GLU A 263 -16.54 0.49 21.41
C GLU A 263 -17.88 0.44 20.70
N GLY A 264 -18.01 -0.40 19.69
CA GLY A 264 -19.27 -0.46 18.96
C GLY A 264 -20.30 -1.46 19.45
N LEU A 265 -20.19 -1.94 20.68
CA LEU A 265 -21.15 -2.89 21.21
C LEU A 265 -22.00 -2.33 22.33
N PRO A 266 -23.26 -2.78 22.43
CA PRO A 266 -24.15 -2.29 23.49
C PRO A 266 -23.50 -2.49 24.85
N GLY A 267 -22.79 -3.60 25.00
CA GLY A 267 -22.12 -3.89 26.25
C GLY A 267 -21.23 -5.09 26.07
N PRO A 268 -20.63 -5.66 27.14
CA PRO A 268 -19.76 -6.82 26.99
C PRO A 268 -20.52 -7.97 26.35
N LEU A 269 -19.78 -8.84 25.67
CA LEU A 269 -20.37 -9.97 24.99
C LEU A 269 -19.69 -11.22 25.49
N THR A 270 -20.43 -12.27 25.77
CA THR A 270 -19.79 -13.48 26.24
C THR A 270 -20.10 -14.66 25.34
N LEU A 271 -19.08 -15.47 25.07
CA LEU A 271 -19.24 -16.64 24.21
C LEU A 271 -18.62 -17.90 24.82
N LYS A 272 -19.25 -19.03 24.51
CA LYS A 272 -18.83 -20.34 24.97
C LYS A 272 -18.96 -21.27 23.75
N TRP A 273 -18.35 -22.44 23.81
CA TRP A 273 -18.44 -23.37 22.69
C TRP A 273 -19.89 -23.75 22.46
N GLY A 274 -20.45 -23.31 21.32
CA GLY A 274 -21.83 -23.61 21.01
C GLY A 274 -22.10 -25.11 20.94
N ILE B 1 20.20 -4.08 11.04
CA ILE B 1 19.73 -5.45 11.43
C ILE B 1 18.50 -5.89 10.65
N GLN B 2 18.67 -6.87 9.76
CA GLN B 2 17.56 -7.37 8.95
C GLN B 2 16.55 -8.14 9.77
N ARG B 3 15.29 -8.12 9.33
CA ARG B 3 14.22 -8.80 10.05
C ARG B 3 13.25 -9.50 9.11
N THR B 4 13.14 -10.80 9.25
CA THR B 4 12.25 -11.58 8.40
C THR B 4 10.79 -11.27 8.70
N PRO B 5 9.96 -11.24 7.65
CA PRO B 5 8.52 -10.96 7.69
C PRO B 5 7.65 -11.99 8.37
N LYS B 6 6.53 -11.54 8.96
CA LYS B 6 5.56 -12.43 9.61
C LYS B 6 4.44 -12.51 8.58
N ILE B 7 4.00 -13.72 8.27
CA ILE B 7 2.98 -13.90 7.25
C ILE B 7 1.67 -14.51 7.71
N GLN B 8 0.57 -13.85 7.35
CA GLN B 8 -0.76 -14.32 7.69
C GLN B 8 -1.60 -14.42 6.41
N VAL B 9 -2.22 -15.58 6.19
CA VAL B 9 -3.05 -15.76 4.99
C VAL B 9 -4.48 -15.99 5.48
N TYR B 10 -5.39 -15.14 5.03
CA TYR B 10 -6.77 -15.24 5.48
C TYR B 10 -7.77 -14.55 4.56
N SER B 11 -9.06 -14.79 4.81
CA SER B 11 -10.11 -14.19 3.99
C SER B 11 -10.74 -12.96 4.65
N ARG B 12 -11.17 -11.98 3.86
CA ARG B 12 -11.78 -10.80 4.42
C ARG B 12 -12.98 -11.24 5.25
N HIS B 13 -13.98 -11.82 4.57
CA HIS B 13 -15.17 -12.33 5.21
C HIS B 13 -14.97 -13.84 5.30
N PRO B 14 -15.73 -14.52 6.17
CA PRO B 14 -15.59 -15.98 6.33
C PRO B 14 -15.76 -16.76 5.04
N ALA B 15 -14.92 -17.78 4.87
CA ALA B 15 -14.92 -18.62 3.69
C ALA B 15 -16.27 -19.31 3.42
N GLU B 16 -17.06 -18.75 2.50
CA GLU B 16 -18.34 -19.34 2.15
C GLU B 16 -18.22 -19.90 0.74
N ASN B 17 -18.00 -21.22 0.65
CA ASN B 17 -17.84 -21.87 -0.65
C ASN B 17 -18.68 -21.30 -1.78
N GLY B 18 -18.09 -21.17 -2.95
CA GLY B 18 -18.83 -20.63 -4.08
C GLY B 18 -19.29 -19.20 -3.90
N LYS B 19 -19.11 -18.66 -2.69
CA LYS B 19 -19.48 -17.29 -2.42
C LYS B 19 -18.24 -16.42 -2.65
N SER B 20 -18.41 -15.31 -3.36
CA SER B 20 -17.31 -14.40 -3.64
C SER B 20 -16.60 -14.03 -2.35
N ASN B 21 -15.48 -13.30 -2.46
CA ASN B 21 -14.73 -12.93 -1.26
C ASN B 21 -13.45 -12.16 -1.62
N PHE B 22 -12.52 -12.13 -0.67
CA PHE B 22 -11.22 -11.48 -0.81
C PHE B 22 -10.17 -12.27 -0.04
N LEU B 23 -9.05 -12.56 -0.70
CA LEU B 23 -7.98 -13.32 -0.05
C LEU B 23 -6.83 -12.38 0.30
N ASN B 24 -6.49 -12.35 1.59
CA ASN B 24 -5.44 -11.49 2.08
C ASN B 24 -4.15 -12.18 2.52
N CYS B 25 -3.02 -11.56 2.20
CA CYS B 25 -1.72 -12.03 2.66
C CYS B 25 -1.13 -10.81 3.34
N TYR B 26 -1.01 -10.88 4.65
CA TYR B 26 -0.50 -9.78 5.43
C TYR B 26 0.93 -10.04 5.87
N VAL B 27 1.85 -9.22 5.39
CA VAL B 27 3.25 -9.38 5.75
C VAL B 27 3.65 -8.18 6.58
N SER B 28 4.35 -8.45 7.68
CA SER B 28 4.73 -7.38 8.58
C SER B 28 5.95 -7.71 9.42
N GLY B 29 6.50 -6.66 10.04
CA GLY B 29 7.65 -6.79 10.90
C GLY B 29 8.93 -7.10 10.16
N PHE B 30 8.97 -6.79 8.87
CA PHE B 30 10.18 -7.08 8.11
C PHE B 30 11.01 -5.86 7.79
N HIS B 31 12.27 -6.10 7.51
CA HIS B 31 13.22 -5.05 7.20
C HIS B 31 14.44 -5.72 6.57
N PRO B 32 14.91 -5.21 5.43
CA PRO B 32 14.37 -4.05 4.70
C PRO B 32 13.07 -4.38 3.98
N SER B 33 12.51 -3.36 3.32
CA SER B 33 11.26 -3.46 2.59
C SER B 33 11.30 -4.24 1.28
N ASP B 34 12.49 -4.61 0.84
CA ASP B 34 12.60 -5.37 -0.40
C ASP B 34 11.99 -6.74 -0.14
N ILE B 35 10.72 -6.89 -0.49
CA ILE B 35 10.01 -8.14 -0.26
C ILE B 35 9.21 -8.59 -1.50
N GLU B 36 9.09 -9.89 -1.69
CA GLU B 36 8.35 -10.45 -2.82
C GLU B 36 7.17 -11.27 -2.26
N VAL B 37 5.96 -10.94 -2.70
CA VAL B 37 4.75 -11.62 -2.20
C VAL B 37 3.78 -12.15 -3.27
N ASP B 38 3.50 -13.45 -3.21
CA ASP B 38 2.60 -14.11 -4.16
C ASP B 38 1.41 -14.84 -3.58
N LEU B 39 0.30 -14.76 -4.29
CA LEU B 39 -0.92 -15.45 -3.93
C LEU B 39 -1.07 -16.57 -4.95
N LEU B 40 -1.17 -17.81 -4.48
CA LEU B 40 -1.27 -18.96 -5.36
C LEU B 40 -2.59 -19.72 -5.27
N LYS B 41 -3.13 -20.10 -6.44
CA LYS B 41 -4.35 -20.89 -6.48
C LYS B 41 -3.94 -22.26 -7.01
N ASN B 42 -4.01 -23.25 -6.14
CA ASN B 42 -3.62 -24.61 -6.51
C ASN B 42 -2.19 -24.67 -7.01
N GLY B 43 -1.47 -23.55 -6.87
CA GLY B 43 -0.07 -23.52 -7.29
C GLY B 43 0.29 -22.42 -8.28
N GLU B 44 -0.63 -22.11 -9.19
CA GLU B 44 -0.36 -21.09 -10.19
C GLU B 44 -0.45 -19.69 -9.59
N ARG B 45 0.65 -18.94 -9.69
CA ARG B 45 0.71 -17.57 -9.18
C ARG B 45 -0.46 -16.77 -9.77
N ILE B 46 -1.37 -16.29 -8.91
CA ILE B 46 -2.55 -15.53 -9.35
C ILE B 46 -2.25 -14.18 -10.01
N GLU B 47 -3.02 -13.88 -11.06
CA GLU B 47 -2.87 -12.65 -11.84
C GLU B 47 -3.02 -11.34 -11.07
N LYS B 48 -3.99 -10.53 -11.46
CA LYS B 48 -4.23 -9.22 -10.85
C LYS B 48 -4.40 -9.25 -9.32
N VAL B 49 -3.33 -8.88 -8.62
CA VAL B 49 -3.29 -8.85 -7.17
C VAL B 49 -2.86 -7.49 -6.64
N GLU B 50 -3.74 -6.80 -5.93
CA GLU B 50 -3.39 -5.49 -5.38
C GLU B 50 -2.70 -5.62 -4.01
N HIS B 51 -2.10 -4.52 -3.56
CA HIS B 51 -1.41 -4.50 -2.28
C HIS B 51 -1.41 -3.07 -1.76
N SER B 52 -1.42 -2.94 -0.45
CA SER B 52 -1.44 -1.66 0.24
C SER B 52 -0.16 -0.89 0.06
N ASP B 53 -0.21 0.40 0.39
CA ASP B 53 0.99 1.25 0.33
C ASP B 53 1.90 0.87 1.49
N LEU B 54 3.19 0.97 1.25
CA LEU B 54 4.20 0.64 2.24
C LEU B 54 4.18 1.62 3.39
N SER B 55 4.24 1.11 4.61
CA SER B 55 4.27 1.97 5.78
C SER B 55 5.06 1.19 6.82
N PHE B 56 5.49 1.86 7.89
CA PHE B 56 6.25 1.14 8.90
C PHE B 56 5.65 1.34 10.30
N SER B 57 6.00 0.42 11.19
CA SER B 57 5.52 0.43 12.55
C SER B 57 6.48 1.21 13.42
N LYS B 58 6.15 1.33 14.70
CA LYS B 58 6.97 2.04 15.66
C LYS B 58 8.42 1.56 15.67
N ASP B 59 8.64 0.26 15.61
CA ASP B 59 10.00 -0.28 15.61
C ASP B 59 10.66 -0.19 14.24
N TRP B 60 10.08 0.66 13.39
CA TRP B 60 10.58 0.89 12.05
C TRP B 60 10.42 -0.29 11.10
N SER B 61 9.87 -1.42 11.54
CA SER B 61 9.69 -2.55 10.64
C SER B 61 8.54 -2.24 9.67
N PHE B 62 8.59 -2.83 8.48
CA PHE B 62 7.56 -2.58 7.46
C PHE B 62 6.43 -3.57 7.43
N TYR B 63 5.33 -3.17 6.80
CA TYR B 63 4.17 -4.04 6.64
C TYR B 63 3.39 -3.72 5.36
N LEU B 64 2.75 -4.74 4.79
CA LEU B 64 1.97 -4.60 3.56
C LEU B 64 0.84 -5.60 3.56
N LEU B 65 -0.19 -5.31 2.78
CA LEU B 65 -1.30 -6.23 2.64
C LEU B 65 -1.51 -6.49 1.15
N TYR B 66 -1.44 -7.76 0.75
CA TYR B 66 -1.69 -8.14 -0.65
C TYR B 66 -3.06 -8.83 -0.67
N TYR B 67 -3.83 -8.63 -1.73
CA TYR B 67 -5.16 -9.23 -1.79
C TYR B 67 -5.77 -9.29 -3.19
N THR B 68 -6.80 -10.12 -3.33
CA THR B 68 -7.56 -10.32 -4.57
C THR B 68 -8.97 -10.79 -4.24
N GLU B 69 -9.87 -10.67 -5.22
CA GLU B 69 -11.24 -11.15 -5.04
C GLU B 69 -11.12 -12.62 -5.35
N PHE B 70 -12.00 -13.44 -4.79
CA PHE B 70 -11.92 -14.86 -5.07
C PHE B 70 -13.09 -15.64 -4.50
N THR B 71 -13.60 -16.60 -5.27
CA THR B 71 -14.70 -17.43 -4.79
C THR B 71 -14.08 -18.79 -4.47
N PRO B 72 -13.87 -19.05 -3.19
CA PRO B 72 -13.27 -20.32 -2.79
C PRO B 72 -14.14 -21.50 -3.19
N THR B 73 -13.54 -22.68 -3.19
CA THR B 73 -14.25 -23.90 -3.52
C THR B 73 -13.68 -24.96 -2.58
N GLU B 74 -14.40 -26.06 -2.38
CA GLU B 74 -13.92 -27.10 -1.49
C GLU B 74 -12.70 -27.77 -2.11
N LYS B 75 -12.58 -27.61 -3.43
CA LYS B 75 -11.48 -28.21 -4.18
C LYS B 75 -10.22 -27.34 -4.19
N ASP B 76 -10.37 -26.09 -4.63
CA ASP B 76 -9.26 -25.15 -4.71
C ASP B 76 -8.49 -24.97 -3.41
N GLU B 77 -7.18 -25.07 -3.48
CA GLU B 77 -6.35 -24.89 -2.31
C GLU B 77 -5.47 -23.66 -2.60
N TYR B 78 -5.57 -22.63 -1.75
CA TYR B 78 -4.79 -21.39 -1.93
C TYR B 78 -3.66 -21.21 -0.91
N ALA B 79 -2.77 -20.26 -1.19
CA ALA B 79 -1.63 -19.97 -0.31
C ALA B 79 -0.85 -18.71 -0.71
N CYS B 80 0.04 -18.27 0.19
CA CYS B 80 0.86 -17.09 -0.05
C CYS B 80 2.33 -17.52 -0.07
N ARG B 81 3.08 -16.96 -0.99
CA ARG B 81 4.50 -17.28 -1.08
C ARG B 81 5.29 -15.99 -0.92
N VAL B 82 6.27 -16.00 -0.02
CA VAL B 82 7.06 -14.81 0.27
C VAL B 82 8.56 -15.03 0.12
N ASN B 83 9.26 -14.12 -0.55
CA ASN B 83 10.71 -14.21 -0.68
C ASN B 83 11.24 -12.92 -0.10
N HIS B 84 12.25 -13.01 0.76
CA HIS B 84 12.82 -11.82 1.37
C HIS B 84 14.31 -11.99 1.62
N VAL B 85 15.02 -10.87 1.64
CA VAL B 85 16.45 -10.87 1.87
C VAL B 85 16.86 -11.81 3.00
N THR B 86 15.94 -12.07 3.91
CA THR B 86 16.23 -12.95 5.04
C THR B 86 15.77 -14.38 4.89
N LEU B 87 15.32 -14.74 3.70
CA LEU B 87 14.86 -16.10 3.45
C LEU B 87 15.74 -16.79 2.43
N SER B 88 16.25 -17.96 2.79
CA SER B 88 17.11 -18.74 1.90
C SER B 88 16.28 -19.16 0.69
N GLN B 89 15.14 -19.76 0.96
CA GLN B 89 14.22 -20.19 -0.07
C GLN B 89 12.86 -19.64 0.29
N PRO B 90 12.11 -19.15 -0.70
CA PRO B 90 10.78 -18.59 -0.48
C PRO B 90 9.89 -19.38 0.47
N LYS B 91 9.28 -18.64 1.39
CA LYS B 91 8.40 -19.19 2.40
C LYS B 91 6.99 -19.30 1.80
N ILE B 92 6.32 -20.42 2.06
CA ILE B 92 4.97 -20.62 1.54
C ILE B 92 4.02 -20.97 2.66
N VAL B 93 2.96 -20.18 2.79
CA VAL B 93 1.98 -20.40 3.84
C VAL B 93 0.62 -20.70 3.20
N LYS B 94 0.12 -21.91 3.42
CA LYS B 94 -1.15 -22.31 2.84
C LYS B 94 -2.30 -21.69 3.61
N TRP B 95 -3.31 -21.20 2.89
CA TRP B 95 -4.48 -20.60 3.51
C TRP B 95 -5.31 -21.64 4.21
N ASP B 96 -5.39 -21.57 5.54
CA ASP B 96 -6.22 -22.51 6.28
C ASP B 96 -7.61 -21.90 6.29
N ARG B 97 -8.62 -22.68 5.93
CA ARG B 97 -9.98 -22.15 5.91
C ARG B 97 -10.53 -21.75 7.28
N ASP B 98 -10.09 -22.45 8.32
CA ASP B 98 -10.55 -22.19 9.69
C ASP B 98 -9.59 -21.28 10.47
N MET B 99 -8.90 -20.40 9.74
CA MET B 99 -7.94 -19.46 10.32
C MET B 99 -7.77 -18.18 9.52
N SER C 1 -8.07 18.29 -46.20
CA SER C 1 -7.78 17.94 -44.79
C SER C 1 -6.55 18.71 -44.32
N HIS C 2 -6.53 19.06 -43.04
CA HIS C 2 -5.43 19.83 -42.47
C HIS C 2 -4.99 19.30 -41.13
N TRP C 3 -3.77 19.67 -40.75
CA TRP C 3 -3.24 19.24 -39.46
C TRP C 3 -2.60 20.42 -38.74
N LEU C 4 -2.86 20.48 -37.44
CA LEU C 4 -2.26 21.50 -36.59
C LEU C 4 -1.51 20.61 -35.61
N LYS C 5 -0.19 20.67 -35.61
CA LYS C 5 0.62 19.85 -34.71
C LYS C 5 1.58 20.70 -33.90
N THR C 6 1.84 20.27 -32.67
CA THR C 6 2.78 20.97 -31.82
C THR C 6 3.87 19.98 -31.44
N PHE C 7 5.11 20.46 -31.53
CA PHE C 7 6.25 19.63 -31.22
C PHE C 7 6.96 20.18 -30.00
N ARG C 8 7.39 19.30 -29.11
CA ARG C 8 8.11 19.69 -27.91
C ARG C 8 9.36 18.82 -27.90
N ILE C 9 10.50 19.40 -27.55
CA ILE C 9 11.73 18.64 -27.49
C ILE C 9 12.48 19.02 -26.21
N VAL C 10 13.02 18.04 -25.51
CA VAL C 10 13.80 18.32 -24.32
C VAL C 10 15.11 17.64 -24.60
N ILE C 11 16.18 18.41 -24.67
CA ILE C 11 17.48 17.86 -24.99
C ILE C 11 18.48 17.92 -23.85
N MET C 12 19.21 16.83 -23.68
CA MET C 12 20.25 16.73 -22.66
C MET C 12 21.49 16.28 -23.39
N GLU C 13 22.54 17.09 -23.33
CA GLU C 13 23.77 16.75 -24.01
C GLU C 13 24.81 16.47 -22.93
N PRO C 14 25.86 15.70 -23.26
CA PRO C 14 26.91 15.39 -22.29
C PRO C 14 27.65 16.67 -21.90
N GLY C 15 27.43 17.15 -20.68
CA GLY C 15 28.09 18.37 -20.26
C GLY C 15 27.16 19.53 -19.96
N ILE C 16 26.21 19.79 -20.85
CA ILE C 16 25.26 20.87 -20.64
C ILE C 16 24.68 20.82 -19.23
N LEU C 17 24.81 21.92 -18.50
CA LEU C 17 24.30 21.98 -17.14
C LEU C 17 22.80 21.71 -17.11
N GLU C 18 22.03 22.55 -17.77
CA GLU C 18 20.58 22.39 -17.82
C GLU C 18 20.10 21.88 -19.18
N PRO C 19 18.99 21.14 -19.19
CA PRO C 19 18.43 20.59 -20.42
C PRO C 19 17.87 21.72 -21.27
N ARG C 20 17.96 21.57 -22.58
CA ARG C 20 17.42 22.57 -23.50
C ARG C 20 16.00 22.20 -23.91
N PHE C 21 15.12 23.18 -23.97
CA PHE C 21 13.75 22.90 -24.36
C PHE C 21 13.36 23.78 -25.52
N ILE C 22 12.68 23.21 -26.50
CA ILE C 22 12.22 24.00 -27.63
C ILE C 22 10.84 23.51 -27.97
N GLN C 23 9.99 24.42 -28.45
CA GLN C 23 8.63 24.05 -28.81
C GLN C 23 8.19 24.78 -30.08
N VAL C 24 7.82 24.03 -31.12
CA VAL C 24 7.37 24.64 -32.38
C VAL C 24 5.98 24.16 -32.75
N SER C 25 5.25 25.00 -33.48
CA SER C 25 3.92 24.63 -33.92
C SER C 25 3.74 24.84 -35.41
N TYR C 26 3.12 23.86 -36.05
CA TYR C 26 2.90 23.91 -37.48
C TYR C 26 1.40 23.81 -37.79
N VAL C 27 1.01 24.39 -38.91
CA VAL C 27 -0.36 24.25 -39.41
C VAL C 27 0.03 23.73 -40.79
N ASP C 28 -0.05 22.41 -40.95
CA ASP C 28 0.38 21.72 -42.14
C ASP C 28 1.86 21.99 -42.38
N SER C 29 2.33 22.06 -43.61
CA SER C 29 3.77 22.26 -43.85
C SER C 29 4.37 23.54 -43.26
N ILE C 30 3.52 24.49 -42.84
CA ILE C 30 3.99 25.77 -42.31
C ILE C 30 4.17 25.90 -40.80
N GLN C 31 5.36 26.33 -40.37
CA GLN C 31 5.64 26.55 -38.96
C GLN C 31 5.24 27.99 -38.69
N TYR C 32 4.53 28.27 -37.61
CA TYR C 32 4.15 29.65 -37.34
C TYR C 32 4.60 30.23 -36.01
N GLN C 33 5.07 29.37 -35.10
CA GLN C 33 5.54 29.80 -33.79
C GLN C 33 6.82 29.10 -33.45
N GLY C 34 7.41 29.49 -32.32
CA GLY C 34 8.65 28.86 -31.92
C GLY C 34 9.11 29.42 -30.61
N PHE C 35 9.44 28.54 -29.68
CA PHE C 35 9.96 28.92 -28.37
C PHE C 35 11.22 28.09 -28.17
N ASP C 36 12.28 28.71 -27.66
CA ASP C 36 13.54 28.00 -27.48
C ASP C 36 14.13 28.40 -26.15
N SER C 37 14.33 27.45 -25.24
CA SER C 37 14.89 27.80 -23.94
C SER C 37 16.21 28.57 -24.09
N ARG C 38 17.01 28.24 -25.10
CA ARG C 38 18.27 28.98 -25.28
C ARG C 38 17.86 30.33 -25.90
N SER C 39 16.66 30.81 -25.53
CA SER C 39 16.04 32.05 -26.02
C SER C 39 16.79 32.73 -27.15
N GLY C 43 11.13 35.38 -26.04
CA GLY C 43 10.07 34.51 -25.55
C GLY C 43 9.49 33.61 -26.63
N MET C 44 8.17 33.47 -26.69
CA MET C 44 7.53 32.66 -27.74
C MET C 44 7.37 33.53 -29.00
N GLN C 45 8.27 33.33 -29.96
CA GLN C 45 8.27 34.12 -31.19
C GLN C 45 7.40 33.58 -32.33
N PRO C 46 7.11 34.43 -33.33
CA PRO C 46 6.31 34.08 -34.52
C PRO C 46 7.26 33.57 -35.58
N ARG C 47 6.78 32.73 -36.49
CA ARG C 47 7.63 32.20 -37.55
C ARG C 47 7.02 32.45 -38.92
N ALA C 48 5.71 32.58 -38.95
CA ALA C 48 5.03 32.83 -40.20
C ALA C 48 4.66 34.32 -40.27
N ALA C 49 5.00 34.94 -41.39
CA ALA C 49 4.75 36.36 -41.59
C ALA C 49 3.35 36.80 -41.14
N TRP C 50 2.35 35.99 -41.48
CA TRP C 50 0.98 36.32 -41.11
C TRP C 50 0.64 36.30 -39.62
N MET C 51 1.56 35.80 -38.80
CA MET C 51 1.29 35.74 -37.37
C MET C 51 1.43 37.09 -36.69
N LYS C 52 2.20 37.98 -37.31
CA LYS C 52 2.44 39.31 -36.77
C LYS C 52 1.14 40.07 -36.47
N GLN C 53 0.01 39.47 -36.83
CA GLN C 53 -1.31 40.08 -36.60
C GLN C 53 -1.93 39.71 -35.26
N GLU C 54 -1.14 39.20 -34.33
CA GLU C 54 -1.70 38.83 -33.03
C GLU C 54 -1.29 39.82 -31.94
N PRO C 55 -2.20 40.04 -30.98
CA PRO C 55 -2.02 40.95 -29.84
C PRO C 55 -0.84 40.57 -28.99
N PRO C 56 -0.17 41.55 -28.37
CA PRO C 56 0.96 41.14 -27.54
C PRO C 56 0.44 40.30 -26.37
N GLU C 57 -0.84 40.50 -26.04
CA GLU C 57 -1.48 39.75 -24.96
C GLU C 57 -1.41 38.27 -25.29
N TYR C 58 -1.34 37.99 -26.58
CA TYR C 58 -1.26 36.63 -27.10
C TYR C 58 0.07 36.00 -26.77
N TRP C 59 1.14 36.59 -27.31
CA TRP C 59 2.48 36.07 -27.07
C TRP C 59 2.75 36.03 -25.58
N LYS C 60 2.11 36.92 -24.81
CA LYS C 60 2.30 36.90 -23.37
C LYS C 60 1.74 35.55 -22.94
N ASN C 61 0.48 35.30 -23.31
CA ASN C 61 -0.19 34.05 -22.99
C ASN C 61 0.73 32.90 -23.39
N GLU C 62 0.97 32.78 -24.69
CA GLU C 62 1.81 31.73 -25.25
C GLU C 62 3.13 31.51 -24.54
N THR C 63 3.89 32.57 -24.35
CA THR C 63 5.17 32.42 -23.68
C THR C 63 4.96 31.87 -22.29
N GLU C 64 3.89 32.29 -21.62
CA GLU C 64 3.63 31.80 -20.28
C GLU C 64 3.47 30.28 -20.35
N HIS C 65 2.66 29.80 -21.29
CA HIS C 65 2.42 28.37 -21.43
C HIS C 65 3.68 27.56 -21.71
N ALA C 66 4.44 27.99 -22.71
CA ALA C 66 5.68 27.29 -23.07
C ALA C 66 6.57 27.22 -21.83
N MET C 67 6.64 28.33 -21.10
CA MET C 67 7.42 28.43 -19.88
C MET C 67 7.01 27.29 -18.95
N GLY C 68 5.70 27.11 -18.79
CA GLY C 68 5.18 26.07 -17.94
C GLY C 68 5.50 24.69 -18.46
N ALA C 69 5.05 24.41 -19.68
CA ALA C 69 5.29 23.11 -20.29
C ALA C 69 6.74 22.69 -20.12
N SER C 70 7.64 23.62 -20.36
CA SER C 70 9.08 23.38 -20.26
C SER C 70 9.52 22.85 -18.88
N LEU C 71 9.04 23.46 -17.80
CA LEU C 71 9.43 22.99 -16.47
C LEU C 71 8.97 21.55 -16.38
N LEU C 72 7.74 21.28 -16.81
CA LEU C 72 7.19 19.95 -16.80
C LEU C 72 7.99 18.93 -17.62
N ALA C 73 8.28 19.27 -18.87
CA ALA C 73 9.02 18.38 -19.74
C ALA C 73 10.40 18.01 -19.20
N ARG C 74 11.16 18.99 -18.75
CA ARG C 74 12.48 18.71 -18.21
C ARG C 74 12.35 17.76 -17.04
N ARG C 75 11.41 18.05 -16.14
CA ARG C 75 11.20 17.19 -14.97
C ARG C 75 10.99 15.75 -15.42
N THR C 76 10.12 15.57 -16.41
CA THR C 76 9.85 14.24 -16.94
C THR C 76 11.04 13.55 -17.55
N LEU C 77 11.81 14.25 -18.38
CA LEU C 77 12.98 13.62 -18.99
C LEU C 77 13.88 13.08 -17.88
N ILE C 78 14.15 13.92 -16.90
CA ILE C 78 15.00 13.52 -15.78
C ILE C 78 14.41 12.31 -15.06
N TYR C 79 13.10 12.31 -14.89
CA TYR C 79 12.44 11.22 -14.23
C TYR C 79 12.73 9.93 -14.97
N MET C 80 12.42 9.91 -16.27
CA MET C 80 12.64 8.72 -17.08
C MET C 80 14.10 8.31 -17.19
N VAL C 81 15.01 9.26 -17.30
CA VAL C 81 16.41 8.87 -17.40
C VAL C 81 16.75 8.08 -16.14
N THR C 82 16.06 8.44 -15.06
CA THR C 82 16.24 7.79 -13.76
C THR C 82 15.67 6.39 -13.77
N GLU C 83 14.36 6.30 -13.99
CA GLU C 83 13.68 5.02 -14.02
C GLU C 83 14.46 3.99 -14.84
N ASN C 84 14.93 4.39 -16.02
CA ASN C 84 15.67 3.47 -16.88
C ASN C 84 17.10 3.36 -16.42
N ASN C 85 17.40 4.01 -15.30
CA ASN C 85 18.74 4.00 -14.73
C ASN C 85 19.85 4.19 -15.77
N ASN C 86 19.83 5.30 -16.52
CA ASN C 86 20.84 5.58 -17.54
C ASN C 86 21.89 6.59 -17.09
N LYS C 87 23.07 6.54 -17.72
CA LYS C 87 24.16 7.47 -17.38
C LYS C 87 23.70 8.93 -17.43
N LYS C 88 23.40 9.49 -16.26
CA LYS C 88 22.94 10.87 -16.15
C LYS C 88 23.61 11.82 -17.16
N ASN C 89 24.94 11.76 -17.27
CA ASN C 89 25.63 12.64 -18.20
C ASN C 89 25.91 12.04 -19.55
N ASP C 90 25.20 12.54 -20.55
CA ASP C 90 25.31 12.16 -21.96
C ASP C 90 23.94 12.39 -22.59
N TYR C 91 23.78 12.02 -23.86
CA TYR C 91 22.53 12.24 -24.57
C TYR C 91 21.25 11.63 -24.02
N HIS C 92 20.19 12.43 -24.05
CA HIS C 92 18.86 12.02 -23.59
C HIS C 92 17.88 12.95 -24.31
N THR C 93 16.78 12.40 -24.82
CA THR C 93 15.85 13.24 -25.54
C THR C 93 14.42 12.91 -25.20
N LEU C 94 13.60 13.92 -24.99
CA LEU C 94 12.20 13.68 -24.72
C LEU C 94 11.51 14.40 -25.86
N GLN C 95 10.69 13.69 -26.63
CA GLN C 95 9.98 14.30 -27.74
C GLN C 95 8.51 14.05 -27.56
N GLU C 96 7.71 15.06 -27.89
CA GLU C 96 6.26 14.95 -27.74
C GLU C 96 5.56 15.63 -28.92
N VAL C 97 4.51 15.03 -29.45
CA VAL C 97 3.79 15.60 -30.58
C VAL C 97 2.33 15.43 -30.34
N PHE C 98 1.55 16.47 -30.58
CA PHE C 98 0.12 16.29 -30.46
C PHE C 98 -0.51 17.23 -31.49
N GLY C 99 -1.74 16.97 -31.89
CA GLY C 99 -2.35 17.82 -32.89
C GLY C 99 -3.67 17.32 -33.39
N CYS C 100 -4.44 18.22 -33.98
CA CYS C 100 -5.75 17.86 -34.47
C CYS C 100 -5.82 17.90 -35.98
N ASN C 101 -6.50 16.90 -36.53
CA ASN C 101 -6.70 16.77 -37.95
C ASN C 101 -8.07 17.40 -38.24
N VAL C 102 -8.08 18.58 -38.86
CA VAL C 102 -9.35 19.22 -39.16
C VAL C 102 -9.65 19.21 -40.64
N ALA C 103 -10.91 18.94 -40.98
CA ALA C 103 -11.32 18.88 -42.37
C ALA C 103 -11.46 20.26 -43.03
N HIS C 104 -11.49 20.27 -44.36
CA HIS C 104 -11.62 21.49 -45.12
C HIS C 104 -12.77 22.37 -44.66
N ASP C 105 -13.78 21.76 -44.03
CA ASP C 105 -14.96 22.49 -43.55
C ASP C 105 -14.99 22.74 -42.04
N GLY C 106 -13.83 23.00 -41.43
CA GLY C 106 -13.76 23.28 -40.01
C GLY C 106 -14.17 22.19 -39.04
N SER C 107 -14.51 21.02 -39.56
CA SER C 107 -14.91 19.92 -38.69
C SER C 107 -13.77 18.98 -38.29
N PHE C 108 -13.80 18.57 -37.04
CA PHE C 108 -12.81 17.68 -36.47
C PHE C 108 -12.81 16.31 -37.17
N LEU C 109 -11.66 15.86 -37.65
CA LEU C 109 -11.56 14.57 -38.32
C LEU C 109 -10.89 13.56 -37.41
N GLY C 110 -9.84 14.01 -36.73
CA GLY C 110 -9.11 13.15 -35.82
C GLY C 110 -8.07 13.96 -35.07
N GLY C 111 -7.19 13.26 -34.37
CA GLY C 111 -6.16 13.95 -33.61
C GLY C 111 -5.02 13.00 -33.32
N HIS C 112 -3.99 13.48 -32.67
CA HIS C 112 -2.85 12.63 -32.36
C HIS C 112 -2.09 13.13 -31.16
N TYR C 113 -1.43 12.20 -30.50
CA TYR C 113 -0.60 12.51 -29.36
C TYR C 113 0.39 11.36 -29.15
N GLY C 114 1.66 11.72 -28.93
CA GLY C 114 2.69 10.73 -28.72
C GLY C 114 3.83 11.32 -27.93
N LEU C 115 4.45 10.51 -27.09
CA LEU C 115 5.56 10.97 -26.27
C LEU C 115 6.66 9.92 -26.17
N THR C 116 7.92 10.35 -26.25
CA THR C 116 9.04 9.40 -26.13
C THR C 116 10.21 9.84 -25.29
N TYR C 117 10.89 8.86 -24.75
CA TYR C 117 12.14 9.08 -24.07
C TYR C 117 12.79 8.22 -25.14
N TYR C 118 13.08 8.86 -26.28
CA TYR C 118 13.64 8.15 -27.43
C TYR C 118 14.53 6.94 -27.17
N GLY C 119 14.07 5.78 -27.61
CA GLY C 119 14.83 4.56 -27.42
C GLY C 119 14.53 3.84 -26.13
N TYR C 120 13.63 4.37 -25.31
CA TYR C 120 13.33 3.72 -24.06
C TYR C 120 11.86 3.61 -23.74
N ASP C 121 11.13 4.70 -23.91
CA ASP C 121 9.72 4.68 -23.59
C ASP C 121 8.86 5.38 -24.62
N TYR C 122 7.68 4.83 -24.81
CA TYR C 122 6.74 5.39 -25.75
C TYR C 122 5.36 5.32 -25.14
N ILE C 123 4.68 6.46 -25.14
CA ILE C 123 3.33 6.53 -24.65
C ILE C 123 2.62 7.12 -25.84
N ILE C 124 1.59 6.45 -26.33
CA ILE C 124 0.93 6.94 -27.52
C ILE C 124 -0.57 6.80 -27.62
N LEU C 125 -1.24 7.91 -27.83
CA LEU C 125 -2.69 7.89 -27.96
C LEU C 125 -3.03 7.23 -29.29
N ASN C 126 -3.95 6.26 -29.28
CA ASN C 126 -4.32 5.55 -30.49
C ASN C 126 -5.31 6.30 -31.36
N GLU C 127 -5.46 5.88 -32.62
CA GLU C 127 -6.38 6.54 -33.54
C GLU C 127 -7.76 6.50 -32.93
N ASP C 128 -8.04 5.41 -32.21
CA ASP C 128 -9.33 5.24 -31.54
C ASP C 128 -9.52 6.40 -30.56
N LEU C 129 -8.47 7.20 -30.41
CA LEU C 129 -8.44 8.34 -29.49
C LEU C 129 -9.10 7.98 -28.17
N ASN C 130 -9.17 6.68 -27.87
CA ASN C 130 -9.78 6.20 -26.63
C ASN C 130 -8.87 5.23 -25.90
N SER C 131 -7.85 4.74 -26.59
CA SER C 131 -6.89 3.79 -26.02
C SER C 131 -5.45 4.31 -26.12
N TRP C 132 -4.53 3.66 -25.40
CA TRP C 132 -3.13 4.06 -25.44
C TRP C 132 -2.18 2.94 -25.88
N THR C 133 -0.89 3.25 -25.89
CA THR C 133 0.14 2.29 -26.25
C THR C 133 1.38 2.54 -25.42
N THR C 134 1.39 1.97 -24.22
CA THR C 134 2.52 2.07 -23.31
C THR C 134 3.67 1.33 -23.99
N GLU C 135 4.90 1.55 -23.54
CA GLU C 135 6.06 0.89 -24.10
C GLU C 135 7.28 1.30 -23.29
N GLY C 136 8.00 0.33 -22.71
CA GLY C 136 9.17 0.65 -21.91
C GLY C 136 9.01 0.53 -20.39
N LYS C 137 10.12 0.58 -19.64
CA LYS C 137 10.04 0.48 -18.18
C LYS C 137 8.99 1.46 -17.71
N VAL C 138 9.26 2.74 -17.91
CA VAL C 138 8.34 3.79 -17.54
C VAL C 138 7.27 3.76 -18.62
N GLY C 139 6.15 4.40 -18.39
CA GLY C 139 5.17 4.42 -19.45
C GLY C 139 4.63 3.06 -19.82
N GLY C 140 5.40 2.01 -19.58
CA GLY C 140 4.85 0.69 -19.83
C GLY C 140 3.90 0.62 -18.65
N LYS C 141 4.32 1.27 -17.58
CA LYS C 141 3.56 1.37 -16.33
C LYS C 141 2.75 2.66 -16.35
N PHE C 142 2.05 2.90 -17.46
CA PHE C 142 1.25 4.11 -17.62
C PHE C 142 -0.22 3.88 -17.33
N ASN C 143 -0.83 4.79 -16.58
CA ASN C 143 -2.25 4.71 -16.22
C ASN C 143 -3.16 5.15 -17.38
N SER C 150 -9.88 9.62 -17.81
CA SER C 150 -9.57 10.95 -17.29
C SER C 150 -8.48 11.60 -18.15
N VAL C 151 -7.27 11.05 -18.07
CA VAL C 151 -6.14 11.58 -18.84
C VAL C 151 -6.55 11.55 -20.30
N THR C 152 -7.25 10.48 -20.67
CA THR C 152 -7.71 10.29 -22.03
C THR C 152 -8.70 11.36 -22.46
N GLU C 153 -9.77 11.52 -21.68
CA GLU C 153 -10.79 12.52 -22.00
C GLU C 153 -10.17 13.92 -22.12
N GLY C 154 -9.11 14.16 -21.35
CA GLY C 154 -8.45 15.46 -21.40
C GLY C 154 -8.04 15.76 -22.83
N TRP C 155 -7.34 14.81 -23.45
CA TRP C 155 -6.89 14.95 -24.82
C TRP C 155 -8.03 14.91 -25.81
N ARG C 156 -8.94 13.96 -25.62
CA ARG C 156 -10.08 13.86 -26.52
C ARG C 156 -10.68 15.26 -26.60
N THR C 157 -10.67 15.96 -25.47
CA THR C 157 -11.23 17.30 -25.43
C THR C 157 -10.31 18.33 -26.08
N TYR C 158 -9.17 18.55 -25.46
CA TYR C 158 -8.22 19.52 -25.99
C TYR C 158 -8.20 19.42 -27.51
N LEU C 159 -8.10 18.20 -28.00
CA LEU C 159 -8.03 17.98 -29.44
C LEU C 159 -9.30 18.41 -30.19
N LYS C 160 -10.45 17.93 -29.74
CA LYS C 160 -11.72 18.32 -30.39
C LYS C 160 -11.99 19.80 -30.15
N GLY C 161 -11.76 20.25 -28.92
CA GLY C 161 -12.02 21.63 -28.55
C GLY C 161 -10.95 22.66 -28.82
N GLU C 162 -10.22 23.04 -27.76
CA GLU C 162 -9.18 24.06 -27.87
C GLU C 162 -8.35 23.94 -29.14
N CYS C 163 -7.77 22.77 -29.40
CA CYS C 163 -6.95 22.55 -30.59
C CYS C 163 -7.66 22.99 -31.88
N THR C 164 -8.87 22.50 -32.10
CA THR C 164 -9.60 22.86 -33.31
C THR C 164 -9.90 24.34 -33.33
N GLU C 165 -10.29 24.87 -32.17
CA GLU C 165 -10.58 26.29 -32.08
C GLU C 165 -9.27 26.96 -32.53
N ARG C 166 -8.16 26.51 -31.96
CA ARG C 166 -6.84 27.07 -32.30
C ARG C 166 -6.61 26.95 -33.80
N PHE C 167 -6.96 25.83 -34.39
CA PHE C 167 -6.76 25.68 -35.82
C PHE C 167 -7.58 26.68 -36.61
N LEU C 168 -8.90 26.61 -36.46
CA LEU C 168 -9.82 27.50 -37.17
C LEU C 168 -9.32 28.94 -37.12
N ARG C 169 -8.98 29.40 -35.92
CA ARG C 169 -8.49 30.76 -35.75
C ARG C 169 -7.22 31.02 -36.59
N CYS C 170 -6.43 29.98 -36.78
CA CYS C 170 -5.20 30.10 -37.56
C CYS C 170 -5.49 30.24 -39.03
N LEU C 171 -6.44 29.44 -39.50
CA LEU C 171 -6.83 29.48 -40.89
C LEU C 171 -7.42 30.84 -41.21
N ASP C 172 -8.14 31.39 -40.24
CA ASP C 172 -8.75 32.69 -40.38
C ASP C 172 -7.65 33.70 -40.74
N LEU C 173 -6.56 33.66 -39.99
CA LEU C 173 -5.44 34.57 -40.17
C LEU C 173 -4.42 34.29 -41.28
N GLY C 174 -4.50 33.15 -41.95
CA GLY C 174 -3.52 32.87 -42.99
C GLY C 174 -4.04 32.19 -44.24
N LYS C 175 -5.37 32.08 -44.35
CA LYS C 175 -6.02 31.45 -45.49
C LYS C 175 -5.34 31.81 -46.80
N GLU C 176 -5.03 33.10 -46.96
CA GLU C 176 -4.39 33.61 -48.16
C GLU C 176 -3.16 32.82 -48.60
N THR C 177 -2.27 32.53 -47.66
CA THR C 177 -1.04 31.80 -47.97
C THR C 177 -1.15 30.30 -47.67
N LEU C 178 -1.99 29.97 -46.72
CA LEU C 178 -2.21 28.59 -46.29
C LEU C 178 -3.00 27.73 -47.25
N LEU C 179 -3.93 28.34 -47.97
CA LEU C 179 -4.75 27.59 -48.90
C LEU C 179 -4.38 27.84 -50.35
N ARG C 180 -3.23 28.45 -50.60
CA ARG C 180 -2.80 28.72 -51.96
C ARG C 180 -2.48 27.42 -52.68
N SER C 181 -2.27 27.52 -53.99
CA SER C 181 -1.93 26.38 -54.82
C SER C 181 -0.90 26.96 -55.76
N ASP C 182 0.36 26.64 -55.53
CA ASP C 182 1.45 27.12 -56.37
C ASP C 182 1.91 25.96 -57.20
N ALA C 183 1.74 26.06 -58.51
CA ALA C 183 2.12 24.99 -59.43
C ALA C 183 3.61 24.81 -59.59
N PRO C 184 4.03 23.59 -59.93
CA PRO C 184 5.43 23.22 -60.14
C PRO C 184 5.97 23.87 -61.40
N ARG C 185 7.23 24.29 -61.36
CA ARG C 185 7.88 24.82 -62.55
C ARG C 185 8.62 23.52 -62.85
N THR C 186 8.32 22.89 -63.98
CA THR C 186 8.97 21.62 -64.30
C THR C 186 9.88 21.65 -65.52
N HIS C 187 10.72 20.64 -65.66
CA HIS C 187 11.63 20.52 -66.80
C HIS C 187 12.42 19.21 -66.73
N VAL C 188 13.10 18.85 -67.80
CA VAL C 188 13.88 17.61 -67.81
C VAL C 188 15.35 17.87 -68.08
N THR C 189 16.22 16.96 -67.62
CA THR C 189 17.65 17.11 -67.82
C THR C 189 18.29 15.80 -68.26
N HIS C 190 19.21 15.90 -69.23
CA HIS C 190 19.91 14.73 -69.78
C HIS C 190 21.34 14.61 -69.29
N LYS C 191 21.61 13.52 -68.58
CA LYS C 191 22.95 13.26 -68.05
C LYS C 191 23.53 12.01 -68.71
N VAL C 192 24.84 12.03 -68.92
CA VAL C 192 25.54 10.90 -69.54
C VAL C 192 26.26 10.09 -68.46
N THR C 193 26.31 8.78 -68.65
CA THR C 193 26.97 7.90 -67.68
C THR C 193 28.48 7.92 -67.87
N VAL C 198 21.99 6.39 -70.38
CA VAL C 198 21.99 7.69 -69.74
C VAL C 198 20.96 7.79 -68.61
N THR C 199 20.90 8.95 -67.98
CA THR C 199 19.97 9.19 -66.88
C THR C 199 19.22 10.51 -67.07
N LEU C 200 17.91 10.40 -67.27
CA LEU C 200 17.04 11.54 -67.48
C LEU C 200 16.38 11.91 -66.15
N ARG C 201 16.43 13.20 -65.81
CA ARG C 201 15.88 13.70 -64.55
C ARG C 201 14.71 14.66 -64.77
N CYS C 202 13.61 14.39 -64.07
CA CYS C 202 12.37 15.17 -64.16
C CYS C 202 12.32 16.06 -62.90
N TRP C 203 12.39 17.37 -63.07
CA TRP C 203 12.37 18.30 -61.94
C TRP C 203 11.07 19.08 -61.77
N ALA C 204 10.64 19.22 -60.51
CA ALA C 204 9.43 19.96 -60.14
C ALA C 204 9.85 20.94 -59.06
N LEU C 205 9.75 22.24 -59.34
CA LEU C 205 10.19 23.24 -58.37
C LEU C 205 9.20 24.34 -57.94
N GLY C 206 9.38 24.81 -56.71
CA GLY C 206 8.55 25.89 -56.18
C GLY C 206 7.07 25.62 -56.09
N PHE C 207 6.68 24.36 -55.89
CA PHE C 207 5.28 24.04 -55.78
C PHE C 207 4.81 23.96 -54.33
N TYR C 208 3.53 24.23 -54.15
CA TYR C 208 2.89 24.20 -52.85
C TYR C 208 1.43 23.94 -53.17
N PRO C 209 0.76 23.02 -52.46
CA PRO C 209 1.17 22.16 -51.36
C PRO C 209 2.27 21.23 -51.79
N ALA C 210 2.74 20.41 -50.85
CA ALA C 210 3.82 19.48 -51.08
C ALA C 210 3.41 18.17 -51.72
N ASP C 211 2.11 17.89 -51.73
CA ASP C 211 1.63 16.65 -52.34
C ASP C 211 1.81 16.76 -53.84
N ILE C 212 2.71 15.95 -54.41
CA ILE C 212 2.94 16.00 -55.84
C ILE C 212 3.18 14.61 -56.37
N THR C 213 3.17 14.42 -57.69
CA THR C 213 3.41 13.10 -58.29
C THR C 213 4.30 13.10 -59.53
N LEU C 214 5.41 12.37 -59.46
CA LEU C 214 6.36 12.28 -60.57
C LEU C 214 6.63 10.84 -60.98
N THR C 215 6.27 10.50 -62.21
CA THR C 215 6.47 9.14 -62.71
C THR C 215 6.98 9.09 -64.15
N TRP C 216 7.73 8.05 -64.48
CA TRP C 216 8.24 7.87 -65.85
C TRP C 216 7.52 6.72 -66.53
N LYS C 217 7.66 6.66 -67.86
CA LYS C 217 7.01 5.61 -68.62
C LYS C 217 7.78 5.25 -69.88
N ARG C 218 8.15 3.98 -70.01
CA ARG C 218 8.85 3.52 -71.19
C ARG C 218 7.72 3.25 -72.18
N ASP C 219 7.65 4.06 -73.23
CA ASP C 219 6.61 3.92 -74.23
C ASP C 219 5.25 3.87 -73.55
N GLY C 220 4.87 4.99 -72.95
CA GLY C 220 3.57 5.08 -72.27
C GLY C 220 3.20 3.96 -71.29
N LYS C 221 4.17 3.18 -70.85
CA LYS C 221 3.89 2.09 -69.93
C LYS C 221 4.43 2.39 -68.54
N ASN C 222 3.61 2.20 -67.49
CA ASN C 222 4.07 2.44 -66.12
C ASN C 222 5.43 1.77 -65.99
N HIS C 223 6.51 2.53 -65.99
CA HIS C 223 7.82 1.91 -65.88
C HIS C 223 8.40 1.99 -64.46
N THR C 224 8.21 0.93 -63.68
CA THR C 224 8.70 0.90 -62.30
C THR C 224 10.06 0.22 -62.14
N GLN C 225 10.58 0.26 -60.92
CA GLN C 225 11.86 -0.34 -60.57
C GLN C 225 13.11 0.40 -61.03
N ASP C 226 13.44 0.26 -62.31
CA ASP C 226 14.64 0.86 -62.89
C ASP C 226 14.80 2.38 -62.74
N MET C 227 13.97 2.99 -61.91
CA MET C 227 14.03 4.44 -61.69
C MET C 227 14.49 4.81 -60.28
N GLU C 228 14.50 6.12 -60.01
CA GLU C 228 14.91 6.66 -58.71
C GLU C 228 13.80 7.58 -58.19
N LEU C 229 13.42 7.42 -56.92
CA LEU C 229 12.36 8.24 -56.34
C LEU C 229 12.73 8.88 -55.01
N PRO C 230 13.48 9.98 -55.05
CA PRO C 230 13.95 10.74 -53.87
C PRO C 230 12.82 11.18 -52.95
N ASP C 231 13.06 12.27 -52.22
CA ASP C 231 12.08 12.80 -51.30
C ASP C 231 11.93 14.30 -51.37
N THR C 232 10.68 14.76 -51.43
CA THR C 232 10.39 16.18 -51.49
C THR C 232 11.26 16.91 -50.47
N ARG C 233 11.88 18.02 -50.89
CA ARG C 233 12.72 18.81 -50.01
C ARG C 233 12.26 20.24 -50.15
N PRO C 234 12.44 21.07 -49.12
CA PRO C 234 12.00 22.47 -49.16
C PRO C 234 12.86 23.44 -49.97
N ALA C 235 12.20 24.28 -50.76
CA ALA C 235 12.91 25.26 -51.57
C ALA C 235 13.52 26.31 -50.66
N GLY C 236 12.92 26.49 -49.48
CA GLY C 236 13.40 27.47 -48.54
C GLY C 236 12.45 28.63 -48.39
N ASP C 237 11.61 28.85 -49.40
CA ASP C 237 10.66 29.96 -49.36
C ASP C 237 9.25 29.57 -48.92
N GLY C 238 9.03 28.29 -48.64
CA GLY C 238 7.69 27.88 -48.22
C GLY C 238 7.04 26.96 -49.23
N THR C 239 7.78 26.65 -50.29
CA THR C 239 7.34 25.78 -51.37
C THR C 239 8.29 24.60 -51.36
N PHE C 240 8.12 23.67 -52.29
CA PHE C 240 8.97 22.48 -52.32
C PHE C 240 9.61 22.15 -53.65
N GLN C 241 10.43 21.11 -53.62
CA GLN C 241 11.14 20.62 -54.79
C GLN C 241 11.10 19.11 -54.75
N LYS C 242 11.19 18.49 -55.91
CA LYS C 242 11.19 17.03 -55.97
C LYS C 242 11.65 16.66 -57.36
N TRP C 243 12.31 15.50 -57.47
CA TRP C 243 12.79 15.02 -58.74
C TRP C 243 12.71 13.50 -58.83
N ALA C 244 12.78 12.99 -60.06
CA ALA C 244 12.73 11.56 -60.31
C ALA C 244 13.54 11.35 -61.57
N ALA C 245 14.30 10.28 -61.59
CA ALA C 245 15.13 10.01 -62.75
C ALA C 245 15.13 8.54 -63.12
N VAL C 246 15.65 8.25 -64.30
CA VAL C 246 15.73 6.89 -64.79
C VAL C 246 17.00 6.71 -65.59
N VAL C 247 17.29 5.45 -65.89
CA VAL C 247 18.45 5.07 -66.66
C VAL C 247 17.96 4.46 -67.97
N VAL C 248 18.40 5.03 -69.08
CA VAL C 248 17.97 4.55 -70.39
C VAL C 248 19.14 4.55 -71.39
N PRO C 249 19.23 3.47 -72.21
CA PRO C 249 20.26 3.24 -73.24
C PRO C 249 20.62 4.42 -74.16
N PHE C 250 21.89 4.84 -74.11
CA PHE C 250 22.40 5.96 -74.91
C PHE C 250 21.65 6.12 -76.22
N GLY C 251 20.97 7.26 -76.37
CA GLY C 251 20.22 7.51 -77.59
C GLY C 251 18.79 6.99 -77.56
N GLU C 252 18.61 5.76 -77.09
CA GLU C 252 17.28 5.14 -77.00
C GLU C 252 16.47 5.82 -75.89
N GLU C 253 16.52 7.15 -75.88
CA GLU C 253 15.87 7.99 -74.89
C GLU C 253 14.37 8.20 -75.03
N LEU C 254 13.97 8.96 -76.05
CA LEU C 254 12.56 9.28 -76.32
C LEU C 254 11.46 8.25 -76.03
N ARG C 255 11.83 7.03 -75.67
CA ARG C 255 10.83 6.02 -75.35
C ARG C 255 10.39 6.20 -73.90
N TYR C 256 10.83 7.30 -73.28
CA TYR C 256 10.54 7.64 -71.89
C TYR C 256 9.95 9.04 -71.71
N THR C 257 8.86 9.11 -70.96
CA THR C 257 8.18 10.38 -70.69
C THR C 257 7.81 10.47 -69.22
N CYS C 258 7.98 11.64 -68.61
CA CYS C 258 7.59 11.76 -67.20
C CYS C 258 6.33 12.57 -67.05
N HIS C 259 5.44 12.08 -66.19
CA HIS C 259 4.16 12.71 -65.96
C HIS C 259 4.10 13.34 -64.57
N VAL C 260 3.78 14.63 -64.56
CA VAL C 260 3.68 15.41 -63.33
C VAL C 260 2.22 15.69 -63.01
N HIS C 261 1.84 15.41 -61.77
CA HIS C 261 0.47 15.63 -61.31
C HIS C 261 0.53 16.50 -60.07
N HIS C 262 -0.20 17.62 -60.06
CA HIS C 262 -0.22 18.49 -58.88
C HIS C 262 -1.37 19.49 -58.82
N GLU C 263 -1.97 19.50 -57.64
CA GLU C 263 -3.09 20.35 -57.28
C GLU C 263 -3.15 21.70 -57.99
N GLY C 264 -2.01 22.34 -58.20
CA GLY C 264 -2.03 23.65 -58.83
C GLY C 264 -1.89 23.68 -60.34
N LEU C 265 -2.15 22.56 -61.02
CA LEU C 265 -2.03 22.52 -62.47
C LEU C 265 -3.37 22.34 -63.17
N PRO C 266 -3.53 22.93 -64.36
CA PRO C 266 -4.78 22.79 -65.11
C PRO C 266 -5.12 21.32 -65.30
N GLY C 267 -4.09 20.51 -65.51
CA GLY C 267 -4.30 19.09 -65.70
C GLY C 267 -2.96 18.39 -65.71
N PRO C 268 -2.88 17.09 -66.04
CA PRO C 268 -1.59 16.39 -66.06
C PRO C 268 -0.64 17.06 -67.03
N LEU C 269 0.65 16.93 -66.76
CA LEU C 269 1.67 17.52 -67.60
C LEU C 269 2.61 16.43 -68.05
N THR C 270 2.99 16.43 -69.31
CA THR C 270 3.90 15.39 -69.76
C THR C 270 5.18 15.98 -70.33
N LEU C 271 6.31 15.37 -69.99
CA LEU C 271 7.60 15.83 -70.47
C LEU C 271 8.47 14.70 -71.01
N LYS C 272 9.28 15.05 -72.01
CA LYS C 272 10.19 14.14 -72.68
C LYS C 272 11.50 14.92 -72.85
N TRP C 273 12.59 14.21 -73.14
CA TRP C 273 13.86 14.89 -73.33
C TRP C 273 13.76 15.87 -74.49
N GLY C 274 13.82 17.16 -74.18
CA GLY C 274 13.73 18.18 -75.22
C GLY C 274 14.83 18.04 -76.27
N ILE D 1 19.06 4.54 -30.13
CA ILE D 1 19.74 4.21 -31.42
C ILE D 1 20.05 5.45 -32.25
N GLN D 2 21.33 5.79 -32.37
CA GLN D 2 21.76 6.96 -33.14
C GLN D 2 21.54 6.78 -34.62
N ARG D 3 21.31 7.88 -35.33
CA ARG D 3 21.08 7.83 -36.76
C ARG D 3 21.76 8.97 -37.50
N THR D 4 22.65 8.62 -38.41
CA THR D 4 23.38 9.62 -39.17
C THR D 4 22.47 10.37 -40.13
N PRO D 5 22.70 11.69 -40.29
CA PRO D 5 21.95 12.60 -41.15
C PRO D 5 22.07 12.37 -42.65
N LYS D 6 21.01 12.72 -43.39
CA LYS D 6 21.00 12.62 -44.85
C LYS D 6 21.21 14.07 -45.30
N ILE D 7 22.15 14.28 -46.20
CA ILE D 7 22.46 15.63 -46.64
C ILE D 7 22.21 15.94 -48.10
N GLN D 8 21.51 17.05 -48.34
CA GLN D 8 21.21 17.49 -49.70
C GLN D 8 21.68 18.94 -49.84
N VAL D 9 22.46 19.22 -50.90
CA VAL D 9 22.94 20.58 -51.13
C VAL D 9 22.34 21.05 -52.45
N TYR D 10 21.61 22.14 -52.42
CA TYR D 10 20.95 22.62 -53.63
C TYR D 10 20.56 24.09 -53.56
N SER D 11 20.15 24.65 -54.70
CA SER D 11 19.75 26.05 -54.77
C SER D 11 18.22 26.22 -54.74
N ARG D 12 17.75 27.32 -54.15
CA ARG D 12 16.32 27.55 -54.09
C ARG D 12 15.79 27.56 -55.52
N HIS D 13 16.24 28.54 -56.30
CA HIS D 13 15.86 28.67 -57.70
C HIS D 13 17.04 28.12 -58.49
N PRO D 14 16.84 27.77 -59.78
CA PRO D 14 17.91 27.22 -60.60
C PRO D 14 19.15 28.11 -60.69
N ALA D 15 20.31 27.48 -60.64
CA ALA D 15 21.59 28.17 -60.69
C ALA D 15 21.78 29.04 -61.94
N GLU D 16 21.56 30.34 -61.80
CA GLU D 16 21.75 31.26 -62.93
C GLU D 16 22.97 32.11 -62.63
N ASN D 17 24.11 31.74 -63.22
CA ASN D 17 25.36 32.46 -63.00
C ASN D 17 25.21 33.97 -62.82
N GLY D 18 25.95 34.52 -61.87
CA GLY D 18 25.88 35.95 -61.63
C GLY D 18 24.51 36.43 -61.17
N LYS D 19 23.52 35.54 -61.20
CA LYS D 19 22.19 35.89 -60.74
C LYS D 19 22.09 35.51 -59.27
N SER D 20 21.56 36.42 -58.45
CA SER D 20 21.41 36.16 -57.03
C SER D 20 20.68 34.84 -56.80
N ASN D 21 20.58 34.41 -55.54
CA ASN D 21 19.92 33.14 -55.24
C ASN D 21 19.98 32.81 -53.75
N PHE D 22 19.78 31.52 -53.45
CA PHE D 22 19.83 30.98 -52.08
C PHE D 22 20.40 29.58 -52.11
N LEU D 23 21.37 29.31 -51.25
CA LEU D 23 21.99 27.99 -51.18
C LEU D 23 21.48 27.24 -49.96
N ASN D 24 20.91 26.08 -50.20
CA ASN D 24 20.35 25.26 -49.13
C ASN D 24 21.12 23.97 -48.81
N CYS D 25 21.21 23.66 -47.52
CA CYS D 25 21.80 22.41 -47.06
C CYS D 25 20.71 21.83 -46.18
N TYR D 26 20.11 20.74 -46.65
CA TYR D 26 19.02 20.11 -45.93
C TYR D 26 19.51 18.85 -45.25
N VAL D 27 19.46 18.83 -43.92
CA VAL D 27 19.90 17.67 -43.17
C VAL D 27 18.67 17.08 -42.50
N SER D 28 18.54 15.76 -42.59
CA SER D 28 17.37 15.10 -42.03
C SER D 28 17.62 13.64 -41.70
N GLY D 29 16.69 13.08 -40.92
CA GLY D 29 16.74 11.70 -40.52
C GLY D 29 17.82 11.40 -39.53
N PHE D 30 18.29 12.42 -38.80
CA PHE D 30 19.34 12.19 -37.83
C PHE D 30 18.87 12.20 -36.40
N HIS D 31 19.65 11.58 -35.55
CA HIS D 31 19.35 11.49 -34.14
C HIS D 31 20.64 11.06 -33.43
N PRO D 32 21.02 11.75 -32.35
CA PRO D 32 20.32 12.89 -31.77
C PRO D 32 20.50 14.16 -32.59
N SER D 33 19.87 15.24 -32.13
CA SER D 33 19.89 16.54 -32.79
C SER D 33 21.20 17.32 -32.72
N ASP D 34 22.14 16.83 -31.93
CA ASP D 34 23.43 17.52 -31.83
C ASP D 34 24.12 17.37 -33.17
N ILE D 35 23.98 18.38 -34.02
CA ILE D 35 24.55 18.35 -35.35
C ILE D 35 25.26 19.66 -35.71
N GLU D 36 26.33 19.57 -36.50
CA GLU D 36 27.10 20.74 -36.92
C GLU D 36 27.00 20.85 -38.44
N VAL D 37 26.55 22.00 -38.94
CA VAL D 37 26.38 22.20 -40.38
C VAL D 37 27.01 23.47 -40.97
N ASP D 38 27.87 23.29 -41.97
CA ASP D 38 28.56 24.40 -42.63
C ASP D 38 28.39 24.52 -44.12
N LEU D 39 28.31 25.77 -44.58
CA LEU D 39 28.21 26.08 -46.00
C LEU D 39 29.56 26.67 -46.38
N LEU D 40 30.22 26.08 -47.36
CA LEU D 40 31.54 26.54 -47.77
C LEU D 40 31.61 27.11 -49.19
N LYS D 41 32.32 28.22 -49.34
CA LYS D 41 32.53 28.81 -50.66
C LYS D 41 34.00 28.63 -50.97
N ASN D 42 34.28 27.78 -51.96
CA ASN D 42 35.65 27.50 -52.35
C ASN D 42 36.47 26.99 -51.19
N GLY D 43 35.80 26.70 -50.07
CA GLY D 43 36.50 26.18 -48.90
C GLY D 43 36.32 26.96 -47.62
N GLU D 44 36.22 28.28 -47.71
CA GLU D 44 36.07 29.11 -46.53
C GLU D 44 34.65 29.03 -46.00
N ARG D 45 34.52 28.62 -44.74
CA ARG D 45 33.22 28.53 -44.07
C ARG D 45 32.49 29.88 -44.19
N ILE D 46 31.35 29.90 -44.88
CA ILE D 46 30.58 31.13 -45.09
C ILE D 46 30.00 31.78 -43.83
N GLU D 47 30.05 33.11 -43.78
CA GLU D 47 29.58 33.89 -42.64
C GLU D 47 28.11 33.71 -42.26
N LYS D 48 27.35 34.80 -42.31
CA LYS D 48 25.93 34.80 -41.95
C LYS D 48 25.09 33.74 -42.67
N VAL D 49 24.81 32.65 -41.96
CA VAL D 49 24.02 31.53 -42.48
C VAL D 49 22.86 31.20 -41.56
N GLU D 50 21.63 31.36 -42.05
CA GLU D 50 20.47 31.04 -41.24
C GLU D 50 20.08 29.56 -41.36
N HIS D 51 19.22 29.11 -40.45
CA HIS D 51 18.75 27.73 -40.46
C HIS D 51 17.38 27.67 -39.80
N SER D 52 16.58 26.72 -40.24
CA SER D 52 15.22 26.52 -39.76
C SER D 52 15.19 26.06 -38.33
N ASP D 53 14.01 26.14 -37.71
CA ASP D 53 13.81 25.66 -36.35
C ASP D 53 13.80 24.13 -36.38
N LEU D 54 14.32 23.55 -35.31
CA LEU D 54 14.40 22.11 -35.18
C LEU D 54 13.03 21.48 -35.05
N SER D 55 12.80 20.40 -35.79
CA SER D 55 11.53 19.70 -35.71
C SER D 55 11.85 18.26 -36.01
N PHE D 56 10.93 17.35 -35.72
CA PHE D 56 11.21 15.94 -36.01
C PHE D 56 10.11 15.31 -36.85
N SER D 57 10.46 14.20 -37.50
CA SER D 57 9.55 13.47 -38.36
C SER D 57 8.83 12.41 -37.55
N LYS D 58 7.94 11.69 -38.22
CA LYS D 58 7.17 10.63 -37.57
C LYS D 58 8.06 9.61 -36.85
N ASP D 59 9.18 9.21 -37.46
CA ASP D 59 10.06 8.25 -36.81
C ASP D 59 10.96 8.90 -35.76
N TRP D 60 10.55 10.09 -35.34
CA TRP D 60 11.27 10.86 -34.34
C TRP D 60 12.63 11.39 -34.77
N SER D 61 13.05 11.12 -36.01
CA SER D 61 14.34 11.64 -36.46
C SER D 61 14.21 13.16 -36.71
N PHE D 62 15.31 13.89 -36.58
CA PHE D 62 15.30 15.34 -36.75
C PHE D 62 15.66 15.83 -38.14
N TYR D 63 15.31 17.07 -38.42
CA TYR D 63 15.65 17.69 -39.69
C TYR D 63 15.80 19.22 -39.55
N LEU D 64 16.66 19.80 -40.38
CA LEU D 64 16.93 21.24 -40.38
C LEU D 64 17.29 21.68 -41.77
N LEU D 65 17.12 22.97 -42.03
CA LEU D 65 17.50 23.54 -43.30
C LEU D 65 18.42 24.74 -43.04
N TYR D 66 19.64 24.70 -43.58
CA TYR D 66 20.58 25.81 -43.45
C TYR D 66 20.63 26.50 -44.81
N TYR D 67 20.76 27.82 -44.83
CA TYR D 67 20.80 28.54 -46.11
C TYR D 67 21.36 29.96 -46.02
N THR D 68 21.70 30.50 -47.20
CA THR D 68 22.24 31.85 -47.36
C THR D 68 21.93 32.35 -48.77
N GLU D 69 22.03 33.67 -48.95
CA GLU D 69 21.82 34.26 -50.27
C GLU D 69 23.16 34.07 -50.94
N PHE D 70 23.18 34.00 -52.27
CA PHE D 70 24.44 33.83 -52.94
C PHE D 70 24.32 33.92 -54.46
N THR D 71 25.28 34.59 -55.09
CA THR D 71 25.27 34.71 -56.54
C THR D 71 26.37 33.76 -57.03
N PRO D 72 25.96 32.60 -57.54
CA PRO D 72 26.94 31.64 -58.04
C PRO D 72 27.74 32.20 -59.20
N THR D 73 28.86 31.55 -59.47
CA THR D 73 29.73 31.94 -60.57
C THR D 73 30.23 30.63 -61.16
N GLU D 74 30.72 30.66 -62.40
CA GLU D 74 31.21 29.45 -63.03
C GLU D 74 32.49 29.02 -62.32
N LYS D 75 33.12 29.97 -61.64
CA LYS D 75 34.37 29.71 -60.93
C LYS D 75 34.15 29.15 -59.53
N ASP D 76 33.38 29.88 -58.72
CA ASP D 76 33.10 29.48 -57.35
C ASP D 76 32.53 28.07 -57.20
N GLU D 77 33.12 27.29 -56.31
CA GLU D 77 32.66 25.95 -56.07
C GLU D 77 32.18 25.92 -54.60
N TYR D 78 30.90 25.58 -54.37
CA TYR D 78 30.33 25.53 -53.02
C TYR D 78 30.04 24.12 -52.51
N ALA D 79 29.79 24.01 -51.21
CA ALA D 79 29.50 22.71 -50.58
C ALA D 79 29.03 22.83 -49.12
N CYS D 80 28.54 21.72 -48.58
CA CYS D 80 28.04 21.66 -47.22
C CYS D 80 28.90 20.69 -46.43
N ARG D 81 29.23 21.05 -45.19
CA ARG D 81 30.05 20.17 -44.35
C ARG D 81 29.25 19.87 -43.10
N VAL D 82 29.13 18.59 -42.77
CA VAL D 82 28.34 18.17 -41.61
C VAL D 82 29.13 17.31 -40.63
N ASN D 83 29.02 17.60 -39.33
CA ASN D 83 29.69 16.79 -38.33
C ASN D 83 28.57 16.33 -37.40
N HIS D 84 28.55 15.05 -37.08
CA HIS D 84 27.51 14.52 -36.20
C HIS D 84 28.04 13.37 -35.35
N VAL D 85 27.43 13.19 -34.19
CA VAL D 85 27.81 12.14 -33.26
C VAL D 85 28.07 10.82 -33.96
N THR D 86 27.47 10.63 -35.13
CA THR D 86 27.63 9.39 -35.88
C THR D 86 28.66 9.45 -37.01
N LEU D 87 29.41 10.55 -37.08
CA LEU D 87 30.42 10.69 -38.12
C LEU D 87 31.81 10.75 -37.50
N SER D 88 32.70 9.88 -37.98
CA SER D 88 34.07 9.84 -37.50
C SER D 88 34.75 11.16 -37.86
N GLN D 89 34.65 11.51 -39.13
CA GLN D 89 35.21 12.75 -39.63
C GLN D 89 34.10 13.46 -40.41
N PRO D 90 33.99 14.78 -40.27
CA PRO D 90 32.97 15.57 -40.95
C PRO D 90 32.74 15.20 -42.42
N LYS D 91 31.47 15.05 -42.75
CA LYS D 91 31.04 14.71 -44.10
C LYS D 91 30.95 15.99 -44.93
N ILE D 92 31.42 15.95 -46.16
CA ILE D 92 31.37 17.12 -47.03
C ILE D 92 30.70 16.77 -48.34
N VAL D 93 29.66 17.52 -48.67
CA VAL D 93 28.92 17.28 -49.90
C VAL D 93 29.00 18.52 -50.79
N LYS D 94 29.63 18.37 -51.95
CA LYS D 94 29.79 19.49 -52.86
C LYS D 94 28.48 19.77 -53.59
N TRP D 95 28.16 21.04 -53.74
CA TRP D 95 26.94 21.43 -54.43
C TRP D 95 27.07 21.17 -55.91
N ASP D 96 26.28 20.23 -56.44
CA ASP D 96 26.30 19.96 -57.88
C ASP D 96 25.33 20.94 -58.49
N ARG D 97 25.75 21.66 -59.53
CA ARG D 97 24.88 22.63 -60.16
C ARG D 97 23.66 22.03 -60.83
N ASP D 98 23.79 20.82 -61.35
CA ASP D 98 22.70 20.13 -62.04
C ASP D 98 21.93 19.17 -61.12
N MET D 99 21.89 19.50 -59.84
CA MET D 99 21.21 18.70 -58.84
C MET D 99 20.70 19.49 -57.63
N SER E 1 53.71 36.46 1.62
CA SER E 1 52.48 36.02 2.31
C SER E 1 51.55 35.36 1.31
N HIS E 2 50.80 34.36 1.75
CA HIS E 2 49.87 33.64 0.89
C HIS E 2 48.54 33.40 1.53
N TRP E 3 47.54 33.13 0.70
CA TRP E 3 46.21 32.85 1.18
C TRP E 3 45.63 31.61 0.51
N LEU E 4 44.98 30.79 1.31
CA LEU E 4 44.29 29.61 0.80
C LEU E 4 42.87 29.91 1.25
N LYS E 5 41.98 30.10 0.28
CA LYS E 5 40.59 30.44 0.60
C LYS E 5 39.63 29.47 -0.09
N THR E 6 38.51 29.19 0.57
CA THR E 6 37.50 28.32 0.00
C THR E 6 36.22 29.11 -0.07
N PHE E 7 35.55 29.01 -1.22
CA PHE E 7 34.31 29.72 -1.43
C PHE E 7 33.18 28.73 -1.60
N ARG E 8 32.04 29.03 -0.99
CA ARG E 8 30.86 28.18 -1.09
C ARG E 8 29.73 29.10 -1.50
N ILE E 9 28.89 28.67 -2.41
CA ILE E 9 27.76 29.48 -2.85
C ILE E 9 26.52 28.59 -2.92
N VAL E 10 25.40 29.09 -2.43
CA VAL E 10 24.15 28.35 -2.51
C VAL E 10 23.22 29.31 -3.22
N ILE E 11 22.75 28.92 -4.40
CA ILE E 11 21.89 29.79 -5.19
C ILE E 11 20.47 29.30 -5.33
N MET E 12 19.53 30.22 -5.20
CA MET E 12 18.12 29.92 -5.34
C MET E 12 17.60 30.93 -6.36
N GLU E 13 17.08 30.43 -7.47
CA GLU E 13 16.56 31.32 -8.49
C GLU E 13 15.05 31.14 -8.52
N PRO E 14 14.31 32.14 -9.03
CA PRO E 14 12.85 32.05 -9.11
C PRO E 14 12.47 30.94 -10.08
N GLY E 15 11.96 29.83 -9.55
CA GLY E 15 11.57 28.73 -10.43
C GLY E 15 12.36 27.45 -10.22
N ILE E 16 13.68 27.56 -10.13
CA ILE E 16 14.52 26.39 -9.93
C ILE E 16 13.99 25.54 -8.78
N LEU E 17 13.73 24.27 -9.06
CA LEU E 17 13.21 23.36 -8.06
C LEU E 17 14.15 23.29 -6.86
N GLU E 18 15.37 22.83 -7.09
CA GLU E 18 16.37 22.71 -6.02
C GLU E 18 17.44 23.79 -6.12
N PRO E 19 18.00 24.18 -4.97
CA PRO E 19 19.04 25.21 -4.93
C PRO E 19 20.32 24.66 -5.54
N ARG E 20 21.08 25.53 -6.20
CA ARG E 20 22.34 25.13 -6.79
C ARG E 20 23.49 25.40 -5.82
N PHE E 21 24.43 24.48 -5.75
CA PHE E 21 25.55 24.67 -4.85
C PHE E 21 26.84 24.52 -5.61
N ILE E 22 27.79 25.40 -5.34
CA ILE E 22 29.08 25.31 -6.00
C ILE E 22 30.13 25.63 -4.97
N GLN E 23 31.30 25.01 -5.08
CA GLN E 23 32.38 25.24 -4.13
C GLN E 23 33.73 25.29 -4.84
N VAL E 24 34.44 26.40 -4.72
CA VAL E 24 35.76 26.52 -5.35
C VAL E 24 36.84 26.86 -4.34
N SER E 25 38.07 26.46 -4.63
CA SER E 25 39.17 26.75 -3.73
C SER E 25 40.33 27.38 -4.47
N TYR E 26 40.90 28.41 -3.87
CA TYR E 26 42.01 29.12 -4.45
C TYR E 26 43.21 29.10 -3.52
N VAL E 27 44.40 29.17 -4.11
CA VAL E 27 45.64 29.31 -3.35
C VAL E 27 46.13 30.58 -4.05
N ASP E 28 45.89 31.71 -3.40
CA ASP E 28 46.18 33.02 -3.95
C ASP E 28 45.38 33.21 -5.24
N SER E 29 45.89 33.94 -6.22
CA SER E 29 45.12 34.17 -7.44
C SER E 29 44.68 32.92 -8.22
N ILE E 30 45.27 31.77 -7.90
CA ILE E 30 44.97 30.52 -8.62
C ILE E 30 43.89 29.60 -8.04
N GLN E 31 42.91 29.24 -8.87
CA GLN E 31 41.85 28.32 -8.45
C GLN E 31 42.38 26.93 -8.79
N TYR E 32 42.24 25.98 -7.89
CA TYR E 32 42.73 24.64 -8.19
C TYR E 32 41.70 23.52 -8.12
N GLN E 33 40.53 23.79 -7.55
CA GLN E 33 39.47 22.80 -7.43
C GLN E 33 38.15 23.41 -7.80
N GLY E 34 37.12 22.59 -7.83
CA GLY E 34 35.81 23.10 -8.16
C GLY E 34 34.79 22.00 -8.12
N PHE E 35 33.68 22.26 -7.42
CA PHE E 35 32.57 21.31 -7.31
C PHE E 35 31.33 22.11 -7.68
N ASP E 36 30.44 21.53 -8.46
CA ASP E 36 29.24 22.24 -8.87
C ASP E 36 28.07 21.29 -8.82
N SER E 37 27.06 21.58 -8.02
CA SER E 37 25.93 20.67 -7.93
C SER E 37 25.32 20.39 -9.31
N ARG E 38 25.33 21.37 -10.21
CA ARG E 38 24.81 21.10 -11.55
C ARG E 38 25.89 20.29 -12.27
N SER E 39 26.61 19.47 -11.49
CA SER E 39 27.73 18.62 -11.95
C SER E 39 28.15 18.84 -13.39
N GLY E 43 32.13 15.01 -10.25
CA GLY E 43 32.28 15.25 -8.82
C GLY E 43 33.13 16.48 -8.51
N MET E 44 34.05 16.37 -7.55
CA MET E 44 34.94 17.49 -7.22
C MET E 44 36.13 17.46 -8.20
N GLN E 45 36.09 18.32 -9.20
CA GLN E 45 37.13 18.38 -10.22
C GLN E 45 38.33 19.29 -9.93
N PRO E 46 39.43 19.10 -10.66
CA PRO E 46 40.66 19.89 -10.52
C PRO E 46 40.56 21.07 -11.47
N ARG E 47 41.24 22.17 -11.16
CA ARG E 47 41.20 23.34 -12.02
C ARG E 47 42.58 23.80 -12.41
N ALA E 48 43.56 23.47 -11.59
CA ALA E 48 44.94 23.83 -11.87
C ALA E 48 45.66 22.60 -12.40
N ALA E 49 46.35 22.78 -13.53
CA ALA E 49 47.07 21.70 -14.18
C ALA E 49 47.87 20.84 -13.21
N TRP E 50 48.55 21.48 -12.27
CA TRP E 50 49.36 20.75 -11.30
C TRP E 50 48.61 19.87 -10.31
N MET E 51 47.29 19.99 -10.27
CA MET E 51 46.51 19.20 -9.33
C MET E 51 46.36 17.75 -9.78
N LYS E 52 46.50 17.52 -11.08
CA LYS E 52 46.37 16.19 -11.64
C LYS E 52 47.30 15.17 -10.98
N GLN E 53 48.14 15.63 -10.07
CA GLN E 53 49.08 14.77 -9.36
C GLN E 53 48.52 14.21 -8.05
N GLU E 54 47.20 14.24 -7.87
CA GLU E 54 46.63 13.72 -6.63
C GLU E 54 45.93 12.39 -6.87
N PRO E 55 45.99 11.49 -5.87
CA PRO E 55 45.39 10.16 -5.88
C PRO E 55 43.88 10.22 -6.08
N PRO E 56 43.31 9.20 -6.72
CA PRO E 56 41.85 9.29 -6.88
C PRO E 56 41.21 9.22 -5.50
N GLU E 57 41.92 8.62 -4.54
CA GLU E 57 41.45 8.51 -3.17
C GLU E 57 41.18 9.91 -2.63
N TYR E 58 41.90 10.86 -3.20
CA TYR E 58 41.78 12.26 -2.81
C TYR E 58 40.46 12.85 -3.26
N TRP E 59 40.25 12.86 -4.56
CA TRP E 59 39.01 13.39 -5.11
C TRP E 59 37.82 12.65 -4.53
N LYS E 60 38.02 11.40 -4.15
CA LYS E 60 36.94 10.64 -3.54
C LYS E 60 36.65 11.38 -2.24
N ASN E 61 37.70 11.55 -1.43
CA ASN E 61 37.59 12.26 -0.16
C ASN E 61 36.88 13.59 -0.41
N GLU E 62 37.53 14.46 -1.18
CA GLU E 62 37.01 15.78 -1.51
C GLU E 62 35.56 15.80 -1.95
N THR E 63 35.22 14.97 -2.93
CA THR E 63 33.85 14.98 -3.39
C THR E 63 32.91 14.60 -2.27
N GLU E 64 33.34 13.69 -1.40
CA GLU E 64 32.49 13.29 -0.30
C GLU E 64 32.20 14.53 0.56
N HIS E 65 33.25 15.28 0.90
CA HIS E 65 33.09 16.47 1.72
C HIS E 65 32.17 17.51 1.11
N ALA E 66 32.42 17.88 -0.15
CA ALA E 66 31.59 18.87 -0.83
C ALA E 66 30.14 18.41 -0.78
N MET E 67 29.93 17.11 -1.02
CA MET E 67 28.61 16.49 -1.01
C MET E 67 27.96 16.82 0.33
N GLY E 68 28.71 16.64 1.42
CA GLY E 68 28.20 16.91 2.74
C GLY E 68 27.92 18.37 2.96
N ALA E 69 28.95 19.19 2.80
CA ALA E 69 28.81 20.63 2.98
C ALA E 69 27.57 21.15 2.28
N SER E 70 27.37 20.70 1.05
CA SER E 70 26.25 21.11 0.24
C SER E 70 24.87 20.85 0.89
N LEU E 71 24.67 19.66 1.45
CA LEU E 71 23.39 19.37 2.11
C LEU E 71 23.22 20.40 3.22
N LEU E 72 24.28 20.63 3.97
CA LEU E 72 24.26 21.60 5.05
C LEU E 72 23.95 23.02 4.60
N ALA E 73 24.67 23.50 3.60
CA ALA E 73 24.47 24.84 3.08
C ALA E 73 23.05 25.10 2.60
N ARG E 74 22.51 24.20 1.79
CA ARG E 74 21.16 24.38 1.28
C ARG E 74 20.21 24.48 2.46
N ARG E 75 20.34 23.56 3.42
CA ARG E 75 19.47 23.55 4.60
C ARG E 75 19.49 24.94 5.24
N THR E 76 20.70 25.47 5.44
CA THR E 76 20.84 26.78 6.05
C THR E 76 20.22 27.92 5.26
N LEU E 77 20.43 27.96 3.94
CA LEU E 77 19.84 29.02 3.15
C LEU E 77 18.33 29.02 3.36
N ILE E 78 17.74 27.83 3.24
CA ILE E 78 16.30 27.69 3.43
C ILE E 78 15.87 28.15 4.81
N TYR E 79 16.68 27.81 5.81
CA TYR E 79 16.39 28.21 7.17
C TYR E 79 16.28 29.72 7.24
N MET E 80 17.34 30.39 6.81
CA MET E 80 17.39 31.85 6.85
C MET E 80 16.33 32.52 5.99
N VAL E 81 16.04 31.99 4.81
CA VAL E 81 15.01 32.62 4.00
C VAL E 81 13.72 32.62 4.79
N THR E 82 13.59 31.60 5.64
CA THR E 82 12.42 31.44 6.51
C THR E 82 12.43 32.47 7.62
N GLU E 83 13.45 32.41 8.47
CA GLU E 83 13.56 33.34 9.57
C GLU E 83 13.27 34.77 9.13
N ASN E 84 13.84 35.19 8.01
CA ASN E 84 13.62 36.56 7.53
C ASN E 84 12.28 36.65 6.82
N ASN E 85 11.53 35.57 6.85
CA ASN E 85 10.22 35.51 6.21
C ASN E 85 10.19 36.13 4.82
N ASN E 86 11.03 35.65 3.89
CA ASN E 86 11.07 36.19 2.52
C ASN E 86 10.35 35.32 1.51
N LYS E 87 9.93 35.93 0.39
CA LYS E 87 9.23 35.20 -0.67
C LYS E 87 10.00 33.96 -1.12
N LYS E 88 9.60 32.80 -0.61
CA LYS E 88 10.26 31.54 -0.93
C LYS E 88 10.73 31.45 -2.39
N ASN E 89 9.87 31.81 -3.34
CA ASN E 89 10.26 31.75 -4.74
C ASN E 89 10.77 33.05 -5.31
N ASP E 90 12.07 33.06 -5.58
CA ASP E 90 12.81 34.18 -6.18
C ASP E 90 14.23 34.09 -5.67
N TYR E 91 15.07 35.05 -6.01
CA TYR E 91 16.48 35.05 -5.61
C TYR E 91 16.82 34.98 -4.12
N HIS E 92 17.81 34.16 -3.81
CA HIS E 92 18.31 33.98 -2.45
C HIS E 92 19.74 33.46 -2.60
N THR E 93 20.67 33.98 -1.83
CA THR E 93 22.04 33.52 -1.96
C THR E 93 22.72 33.34 -0.62
N LEU E 94 23.44 32.24 -0.47
CA LEU E 94 24.16 32.02 0.76
C LEU E 94 25.60 31.96 0.30
N GLN E 95 26.47 32.80 0.85
CA GLN E 95 27.87 32.79 0.45
C GLN E 95 28.71 32.61 1.69
N GLU E 96 29.77 31.83 1.58
CA GLU E 96 30.64 31.56 2.71
C GLU E 96 32.11 31.54 2.24
N VAL E 97 33.01 32.13 3.02
CA VAL E 97 34.42 32.16 2.65
C VAL E 97 35.23 31.89 3.88
N PHE E 98 36.23 31.04 3.77
CA PHE E 98 37.09 30.83 4.92
C PHE E 98 38.48 30.53 4.35
N GLY E 99 39.52 30.75 5.15
CA GLY E 99 40.85 30.50 4.63
C GLY E 99 41.95 30.93 5.54
N CYS E 100 43.14 30.39 5.32
CA CYS E 100 44.26 30.71 6.16
C CYS E 100 45.32 31.51 5.43
N ASN E 101 45.86 32.49 6.14
CA ASN E 101 46.90 33.36 5.62
C ASN E 101 48.21 32.74 6.10
N VAL E 102 48.97 32.14 5.20
CA VAL E 102 50.24 31.54 5.59
C VAL E 102 51.42 32.33 5.07
N ALA E 103 52.43 32.50 5.90
CA ALA E 103 53.63 33.24 5.51
C ALA E 103 54.55 32.47 4.58
N HIS E 104 55.45 33.20 3.93
CA HIS E 104 56.41 32.61 3.00
C HIS E 104 57.16 31.42 3.59
N ASP E 105 57.26 31.39 4.91
CA ASP E 105 57.97 30.30 5.60
C ASP E 105 57.08 29.24 6.26
N GLY E 106 55.96 28.92 5.63
CA GLY E 106 55.06 27.91 6.15
C GLY E 106 54.37 28.18 7.49
N SER E 107 54.61 29.35 8.07
CA SER E 107 53.99 29.67 9.34
C SER E 107 52.66 30.43 9.23
N PHE E 108 51.74 30.05 10.09
CA PHE E 108 50.42 30.65 10.15
C PHE E 108 50.48 32.14 10.50
N LEU E 109 49.87 32.99 9.68
CA LEU E 109 49.87 34.42 9.93
C LEU E 109 48.51 34.86 10.44
N GLY E 110 47.47 34.31 9.83
CA GLY E 110 46.11 34.65 10.22
C GLY E 110 45.12 33.77 9.46
N GLY E 111 43.85 34.10 9.56
CA GLY E 111 42.84 33.31 8.88
C GLY E 111 41.58 34.14 8.73
N HIS E 112 40.56 33.57 8.08
CA HIS E 112 39.33 34.31 7.89
C HIS E 112 38.16 33.37 7.71
N TYR E 113 37.00 33.88 8.06
CA TYR E 113 35.75 33.15 7.90
C TYR E 113 34.60 34.14 7.91
N GLY E 114 33.68 33.98 6.96
CA GLY E 114 32.53 34.86 6.85
C GLY E 114 31.40 34.16 6.15
N LEU E 115 30.18 34.45 6.56
CA LEU E 115 29.01 33.82 5.97
C LEU E 115 27.87 34.84 5.79
N THR E 116 27.16 34.77 4.66
CA THR E 116 26.03 35.67 4.43
C THR E 116 24.80 35.06 3.82
N TYR E 117 23.68 35.70 4.12
CA TYR E 117 22.43 35.37 3.48
C TYR E 117 22.44 36.79 2.91
N TYR E 118 23.17 36.96 1.82
CA TYR E 118 23.34 38.27 1.21
C TYR E 118 22.19 39.26 1.35
N GLY E 119 22.45 40.38 2.03
CA GLY E 119 21.45 41.39 2.22
C GLY E 119 20.60 41.20 3.45
N TYR E 120 20.84 40.15 4.22
CA TYR E 120 20.03 39.91 5.40
C TYR E 120 20.81 39.56 6.64
N ASP E 121 21.75 38.63 6.50
CA ASP E 121 22.51 38.20 7.65
C ASP E 121 23.99 38.05 7.37
N TYR E 122 24.78 38.38 8.38
CA TYR E 122 26.21 38.27 8.26
C TYR E 122 26.75 37.72 9.57
N ILE E 123 27.56 36.68 9.46
CA ILE E 123 28.18 36.09 10.62
C ILE E 123 29.64 36.15 10.20
N ILE E 124 30.48 36.78 11.02
CA ILE E 124 31.86 36.91 10.61
C ILE E 124 32.92 36.82 11.68
N LEU E 125 33.86 35.90 11.47
CA LEU E 125 34.94 35.71 12.42
C LEU E 125 35.86 36.93 12.32
N ASN E 126 36.20 37.52 13.46
CA ASN E 126 37.05 38.71 13.48
C ASN E 126 38.52 38.40 13.33
N GLU E 127 39.34 39.42 13.02
CA GLU E 127 40.77 39.22 12.85
C GLU E 127 41.32 38.66 14.15
N ASP E 128 40.72 39.08 15.26
CA ASP E 128 41.13 38.61 16.58
C ASP E 128 40.96 37.08 16.61
N LEU E 129 40.36 36.55 15.55
CA LEU E 129 40.07 35.12 15.42
C LEU E 129 39.55 34.55 16.74
N ASN E 130 39.03 35.43 17.60
CA ASN E 130 38.49 35.00 18.89
C ASN E 130 37.09 35.55 19.12
N SER E 131 36.70 36.52 18.31
CA SER E 131 35.38 37.15 18.42
C SER E 131 34.59 37.06 17.10
N TRP E 132 33.30 37.36 17.16
CA TRP E 132 32.46 37.33 15.96
C TRP E 132 31.76 38.65 15.65
N THR E 133 30.97 38.64 14.59
CA THR E 133 30.22 39.81 14.19
C THR E 133 28.87 39.38 13.62
N THR E 134 27.91 39.18 14.50
CA THR E 134 26.57 38.80 14.12
C THR E 134 26.00 40.00 13.37
N GLU E 135 24.91 39.80 12.63
CA GLU E 135 24.27 40.87 11.87
C GLU E 135 23.02 40.31 11.23
N GLY E 136 21.85 40.90 11.52
CA GLY E 136 20.60 40.42 10.94
C GLY E 136 19.69 39.64 11.88
N LYS E 137 18.44 39.40 11.47
CA LYS E 137 17.50 38.64 12.31
C LYS E 137 18.21 37.39 12.78
N VAL E 138 18.52 36.52 11.83
CA VAL E 138 19.24 35.29 12.14
C VAL E 138 20.67 35.71 12.33
N GLY E 139 21.49 34.85 12.91
CA GLY E 139 22.87 35.25 13.04
C GLY E 139 23.09 36.44 13.93
N GLY E 140 22.09 37.31 14.05
CA GLY E 140 22.25 38.42 14.97
C GLY E 140 22.11 37.64 16.28
N LYS E 141 21.31 36.58 16.19
CA LYS E 141 21.03 35.67 17.29
C LYS E 141 21.99 34.49 17.19
N PHE E 142 23.27 34.78 17.00
CA PHE E 142 24.29 33.74 16.85
C PHE E 142 25.05 33.49 18.14
N ASN E 143 25.25 32.22 18.48
CA ASN E 143 25.99 31.81 19.68
C ASN E 143 27.50 31.94 19.51
N SER E 150 33.77 27.30 21.68
CA SER E 150 33.60 25.99 21.04
C SER E 150 33.58 26.16 19.53
N VAL E 151 32.53 26.77 18.99
CA VAL E 151 32.42 26.99 17.56
C VAL E 151 33.65 27.75 17.11
N THR E 152 34.06 28.69 17.95
CA THR E 152 35.23 29.52 17.69
C THR E 152 36.50 28.71 17.62
N GLU E 153 36.79 27.94 18.66
CA GLU E 153 37.99 27.12 18.70
C GLU E 153 38.05 26.18 17.50
N GLY E 154 36.88 25.75 17.03
CA GLY E 154 36.83 24.86 15.88
C GLY E 154 37.58 25.48 14.72
N TRP E 155 37.22 26.73 14.41
CA TRP E 155 37.85 27.46 13.33
C TRP E 155 39.28 27.83 13.63
N ARG E 156 39.52 28.32 14.85
CA ARG E 156 40.87 28.69 15.24
C ARG E 156 41.75 27.50 14.91
N THR E 157 41.21 26.30 15.11
CA THR E 157 41.95 25.09 14.83
C THR E 157 42.04 24.80 13.35
N TYR E 158 40.90 24.48 12.75
CA TYR E 158 40.88 24.17 11.33
C TYR E 158 41.84 25.10 10.59
N LEU E 159 41.73 26.39 10.89
CA LEU E 159 42.57 27.37 10.23
C LEU E 159 44.06 27.21 10.51
N LYS E 160 44.44 27.13 11.78
CA LYS E 160 45.85 26.94 12.14
C LYS E 160 46.32 25.55 11.70
N GLY E 161 45.48 24.55 11.93
CA GLY E 161 45.81 23.18 11.60
C GLY E 161 45.56 22.70 10.18
N GLU E 162 44.47 21.93 10.02
CA GLU E 162 44.12 21.38 8.73
C GLU E 162 44.34 22.33 7.57
N CYS E 163 43.76 23.53 7.63
CA CYS E 163 43.91 24.52 6.56
C CYS E 163 45.38 24.76 6.18
N THR E 164 46.23 25.06 7.16
CA THR E 164 47.64 25.29 6.87
C THR E 164 48.29 24.05 6.32
N GLU E 165 47.96 22.90 6.91
CA GLU E 165 48.51 21.65 6.41
C GLU E 165 48.10 21.60 4.95
N ARG E 166 46.81 21.86 4.68
CA ARG E 166 46.28 21.86 3.31
C ARG E 166 47.07 22.82 2.44
N PHE E 167 47.38 24.00 2.98
CA PHE E 167 48.14 24.95 2.18
C PHE E 167 49.52 24.42 1.84
N LEU E 168 50.32 24.16 2.88
CA LEU E 168 51.67 23.65 2.70
C LEU E 168 51.73 22.56 1.64
N ARG E 169 50.84 21.58 1.78
CA ARG E 169 50.77 20.47 0.82
C ARG E 169 50.52 20.97 -0.61
N CYS E 170 49.79 22.07 -0.72
CA CYS E 170 49.48 22.64 -2.03
C CYS E 170 50.70 23.28 -2.65
N LEU E 171 51.43 24.02 -1.82
CA LEU E 171 52.63 24.70 -2.27
C LEU E 171 53.65 23.66 -2.72
N ASP E 172 53.67 22.55 -2.00
CA ASP E 172 54.58 21.45 -2.32
C ASP E 172 54.34 21.05 -3.77
N LEU E 173 53.08 20.86 -4.13
CA LEU E 173 52.68 20.44 -5.47
C LEU E 173 52.62 21.47 -6.60
N GLY E 174 52.78 22.75 -6.30
CA GLY E 174 52.71 23.74 -7.37
C GLY E 174 53.70 24.89 -7.30
N LYS E 175 54.65 24.79 -6.37
CA LYS E 175 55.67 25.82 -6.16
C LYS E 175 56.17 26.38 -7.49
N GLU E 176 56.44 25.49 -8.44
CA GLU E 176 56.93 25.86 -9.76
C GLU E 176 56.14 26.98 -10.43
N THR E 177 54.81 26.86 -10.43
CA THR E 177 53.95 27.86 -11.07
C THR E 177 53.40 28.88 -10.07
N LEU E 178 53.25 28.46 -8.83
CA LEU E 178 52.72 29.29 -7.75
C LEU E 178 53.65 30.38 -7.26
N LEU E 179 54.94 30.10 -7.28
CA LEU E 179 55.91 31.07 -6.81
C LEU E 179 56.68 31.75 -7.92
N ARG E 180 56.21 31.62 -9.16
CA ARG E 180 56.90 32.24 -10.28
C ARG E 180 56.76 33.76 -10.20
N SER E 181 57.51 34.44 -11.06
CA SER E 181 57.48 35.89 -11.14
C SER E 181 57.56 36.13 -12.63
N ASP E 182 56.44 36.51 -13.23
CA ASP E 182 56.37 36.79 -14.66
C ASP E 182 56.26 38.28 -14.80
N ALA E 183 57.27 38.90 -15.40
CA ALA E 183 57.30 40.34 -15.58
C ALA E 183 56.33 40.86 -16.61
N PRO E 184 55.90 42.12 -16.45
CA PRO E 184 54.96 42.79 -17.34
C PRO E 184 55.59 43.08 -18.69
N ARG E 185 54.83 42.94 -19.76
CA ARG E 185 55.30 43.30 -21.07
C ARG E 185 54.62 44.66 -21.09
N THR E 186 55.38 45.75 -21.11
CA THR E 186 54.77 47.08 -21.08
C THR E 186 54.95 47.90 -22.34
N HIS E 187 54.15 48.96 -22.49
CA HIS E 187 54.24 49.87 -23.64
C HIS E 187 53.27 51.02 -23.47
N VAL E 188 53.39 52.04 -24.31
CA VAL E 188 52.50 53.20 -24.22
C VAL E 188 51.72 53.42 -25.51
N THR E 189 50.56 54.05 -25.42
CA THR E 189 49.73 54.32 -26.59
C THR E 189 49.20 55.75 -26.60
N HIS E 190 49.23 56.37 -27.78
CA HIS E 190 48.77 57.74 -27.94
C HIS E 190 47.41 57.85 -28.62
N LYS E 191 46.43 58.39 -27.90
CA LYS E 191 45.09 58.55 -28.43
C LYS E 191 44.75 60.03 -28.53
N VAL E 192 43.99 60.39 -29.55
CA VAL E 192 43.58 61.77 -29.78
C VAL E 192 42.14 61.96 -29.31
N THR E 193 41.84 63.15 -28.78
CA THR E 193 40.49 63.45 -28.29
C THR E 193 39.56 63.81 -29.45
N VAL E 198 45.28 65.22 -25.43
CA VAL E 198 45.23 63.81 -25.77
C VAL E 198 45.23 62.92 -24.53
N THR E 199 45.20 61.61 -24.77
CA THR E 199 45.20 60.63 -23.69
C THR E 199 46.23 59.53 -23.94
N LEU E 200 47.24 59.49 -23.07
CA LEU E 200 48.32 58.52 -23.15
C LEU E 200 47.99 57.35 -22.21
N ARG E 201 48.12 56.13 -22.72
CA ARG E 201 47.81 54.93 -21.97
C ARG E 201 49.06 54.05 -21.76
N CYS E 202 49.28 53.66 -20.50
CA CYS E 202 50.42 52.84 -20.07
C CYS E 202 49.90 51.42 -19.86
N TRP E 203 50.35 50.47 -20.67
CA TRP E 203 49.89 49.08 -20.55
C TRP E 203 50.90 48.11 -19.96
N ALA E 204 50.41 47.21 -19.10
CA ALA E 204 51.23 46.19 -18.45
C ALA E 204 50.52 44.86 -18.70
N LEU E 205 51.15 43.95 -19.43
CA LEU E 205 50.49 42.68 -19.76
C LEU E 205 51.21 41.37 -19.41
N GLY E 206 50.42 40.34 -19.15
CA GLY E 206 50.97 39.02 -18.86
C GLY E 206 51.86 38.91 -17.65
N PHE E 207 51.62 39.74 -16.64
CA PHE E 207 52.43 39.67 -15.44
C PHE E 207 51.79 38.84 -14.35
N TYR E 208 52.63 38.28 -13.50
CA TYR E 208 52.21 37.46 -12.38
C TYR E 208 53.36 37.57 -11.39
N PRO E 209 53.08 37.80 -10.10
CA PRO E 209 51.83 37.96 -9.38
C PRO E 209 51.07 39.15 -9.90
N ALA E 210 49.88 39.37 -9.32
CA ALA E 210 49.02 40.46 -9.73
C ALA E 210 49.34 41.80 -9.09
N ASP E 211 50.17 41.79 -8.05
CA ASP E 211 50.54 43.05 -7.39
C ASP E 211 51.43 43.83 -8.34
N ILE E 212 50.95 44.96 -8.82
CA ILE E 212 51.76 45.76 -9.74
C ILE E 212 51.52 47.23 -9.46
N THR E 213 52.34 48.12 -10.03
CA THR E 213 52.18 49.56 -9.82
C THR E 213 52.38 50.42 -11.08
N LEU E 214 51.35 51.18 -11.44
CA LEU E 214 51.39 52.05 -12.61
C LEU E 214 51.06 53.50 -12.28
N THR E 215 52.01 54.39 -12.47
CA THR E 215 51.81 55.81 -12.17
C THR E 215 52.39 56.74 -13.23
N TRP E 216 51.78 57.91 -13.38
CA TRP E 216 52.26 58.91 -14.33
C TRP E 216 52.89 60.10 -13.60
N LYS E 217 53.64 60.90 -14.33
CA LYS E 217 54.29 62.06 -13.73
C LYS E 217 54.48 63.20 -14.72
N ARG E 218 53.93 64.36 -14.40
CA ARG E 218 54.10 65.52 -15.24
C ARG E 218 55.45 66.08 -14.82
N ASP E 219 56.42 66.00 -15.72
CA ASP E 219 57.76 66.47 -15.44
C ASP E 219 58.24 65.89 -14.12
N GLY E 220 58.44 64.57 -14.10
CA GLY E 220 58.92 63.88 -12.92
C GLY E 220 58.21 64.16 -11.59
N LYS E 221 57.02 64.73 -11.64
CA LYS E 221 56.28 65.04 -10.42
C LYS E 221 55.07 64.13 -10.26
N ASN E 222 54.91 63.55 -9.06
CA ASN E 222 53.77 62.67 -8.80
C ASN E 222 52.53 63.41 -9.34
N HIS E 223 52.01 62.99 -10.48
CA HIS E 223 50.83 63.66 -11.02
C HIS E 223 49.53 62.93 -10.74
N THR E 224 48.83 63.32 -9.68
CA THR E 224 47.58 62.67 -9.29
C THR E 224 46.33 63.37 -9.82
N GLN E 225 45.18 62.75 -9.59
CA GLN E 225 43.88 63.29 -9.99
C GLN E 225 43.53 63.19 -11.47
N ASP E 226 44.11 64.08 -12.27
CA ASP E 226 43.83 64.14 -13.70
C ASP E 226 44.07 62.86 -14.51
N MET E 227 44.28 61.74 -13.83
CA MET E 227 44.52 60.46 -14.50
C MET E 227 43.38 59.45 -14.29
N GLU E 228 43.57 58.25 -14.83
CA GLU E 228 42.59 57.17 -14.74
C GLU E 228 43.29 55.92 -14.18
N LEU E 229 42.67 55.27 -13.19
CA LEU E 229 43.27 54.08 -12.57
C LEU E 229 42.31 52.89 -12.48
N PRO E 230 42.14 52.17 -13.59
CA PRO E 230 41.27 50.99 -13.70
C PRO E 230 41.58 49.90 -12.68
N ASP E 231 41.25 48.66 -13.04
CA ASP E 231 41.48 47.52 -12.16
C ASP E 231 42.07 46.33 -12.86
N THR E 232 43.11 45.77 -12.26
CA THR E 232 43.76 44.60 -12.81
C THR E 232 42.70 43.60 -13.28
N ARG E 233 42.87 43.05 -14.47
CA ARG E 233 41.94 42.08 -15.02
C ARG E 233 42.78 40.91 -15.50
N PRO E 234 42.22 39.70 -15.53
CA PRO E 234 42.95 38.51 -15.97
C PRO E 234 43.18 38.35 -17.47
N ALA E 235 44.39 37.98 -17.83
CA ALA E 235 44.72 37.77 -19.23
C ALA E 235 44.01 36.53 -19.73
N GLY E 236 43.71 35.62 -18.81
CA GLY E 236 43.03 34.38 -19.18
C GLY E 236 43.94 33.18 -19.04
N ASP E 237 45.25 33.41 -19.08
CA ASP E 237 46.20 32.32 -18.96
C ASP E 237 46.78 32.12 -17.56
N GLY E 238 46.37 32.96 -16.60
CA GLY E 238 46.91 32.80 -15.26
C GLY E 238 47.76 33.99 -14.85
N THR E 239 47.84 34.97 -15.74
CA THR E 239 48.60 36.19 -15.53
C THR E 239 47.60 37.32 -15.58
N PHE E 240 48.06 38.56 -15.45
CA PHE E 240 47.14 39.69 -15.46
C PHE E 240 47.47 40.83 -16.40
N GLN E 241 46.58 41.80 -16.43
CA GLN E 241 46.71 42.99 -17.27
C GLN E 241 46.27 44.17 -16.44
N LYS E 242 46.80 45.34 -16.78
CA LYS E 242 46.41 46.56 -16.07
C LYS E 242 46.89 47.73 -16.90
N TRP E 243 46.16 48.84 -16.82
CA TRP E 243 46.53 50.04 -17.56
C TRP E 243 46.20 51.29 -16.77
N ALA E 244 46.81 52.39 -17.18
CA ALA E 244 46.58 53.69 -16.54
C ALA E 244 46.79 54.71 -17.64
N ALA E 245 45.97 55.75 -17.63
CA ALA E 245 46.08 56.76 -18.65
C ALA E 245 45.89 58.15 -18.08
N VAL E 246 46.22 59.13 -18.90
CA VAL E 246 46.08 60.53 -18.50
C VAL E 246 45.68 61.35 -19.70
N VAL E 247 45.31 62.60 -19.41
CA VAL E 247 44.90 63.55 -20.41
C VAL E 247 45.92 64.69 -20.42
N VAL E 248 46.51 64.93 -21.58
CA VAL E 248 47.54 65.96 -21.71
C VAL E 248 47.37 66.75 -23.01
N PRO E 249 47.53 68.09 -22.96
CA PRO E 249 47.43 69.04 -24.06
C PRO E 249 48.13 68.66 -25.39
N PHE E 250 47.35 68.54 -26.46
CA PHE E 250 47.85 68.17 -27.78
C PHE E 250 49.28 68.63 -28.01
N GLY E 251 50.18 67.68 -28.19
CA GLY E 251 51.58 68.00 -28.42
C GLY E 251 52.39 68.14 -27.15
N GLU E 252 51.85 68.84 -26.15
CA GLU E 252 52.53 69.05 -24.87
C GLU E 252 52.56 67.72 -24.10
N GLU E 253 52.90 66.65 -24.81
CA GLU E 253 52.96 65.30 -24.28
C GLU E 253 54.16 64.92 -23.41
N LEU E 254 55.33 64.81 -24.03
CA LEU E 254 56.57 64.43 -23.36
C LEU E 254 56.84 64.89 -21.92
N ARG E 255 55.99 65.75 -21.37
CA ARG E 255 56.18 66.21 -20.00
C ARG E 255 55.58 65.16 -19.05
N TYR E 256 55.19 64.02 -19.61
CA TYR E 256 54.58 62.90 -18.87
C TYR E 256 55.28 61.57 -19.08
N THR E 257 55.57 60.88 -17.99
CA THR E 257 56.23 59.58 -18.03
C THR E 257 55.54 58.61 -17.07
N CYS E 258 55.37 57.35 -17.48
CA CYS E 258 54.74 56.41 -16.56
C CYS E 258 55.77 55.43 -16.02
N HIS E 259 55.66 55.18 -14.72
CA HIS E 259 56.59 54.30 -14.03
C HIS E 259 55.91 53.00 -13.61
N VAL E 260 56.50 51.89 -14.04
CA VAL E 260 55.99 50.57 -13.74
C VAL E 260 56.87 49.89 -12.71
N HIS E 261 56.24 49.35 -11.67
CA HIS E 261 56.95 48.64 -10.60
C HIS E 261 56.34 47.26 -10.47
N HIS E 262 57.17 46.23 -10.52
CA HIS E 262 56.68 44.86 -10.36
C HIS E 262 57.71 43.79 -10.04
N GLU E 263 57.36 43.01 -9.02
CA GLU E 263 58.16 41.92 -8.50
C GLU E 263 59.05 41.22 -9.51
N GLY E 264 58.58 41.02 -10.73
CA GLY E 264 59.40 40.32 -11.71
C GLY E 264 60.30 41.16 -12.59
N LEU E 265 60.60 42.39 -12.18
CA LEU E 265 61.46 43.25 -12.98
C LEU E 265 62.79 43.54 -12.30
N PRO E 266 63.86 43.70 -13.09
CA PRO E 266 65.18 44.00 -12.53
C PRO E 266 65.11 45.23 -11.65
N GLY E 267 64.30 46.19 -12.05
CA GLY E 267 64.16 47.41 -11.27
C GLY E 267 63.04 48.23 -11.86
N PRO E 268 62.81 49.48 -11.41
CA PRO E 268 61.73 50.31 -11.96
C PRO E 268 61.90 50.48 -13.46
N LEU E 269 60.79 50.68 -14.14
CA LEU E 269 60.81 50.85 -15.59
C LEU E 269 60.13 52.16 -15.91
N THR E 270 60.69 52.94 -16.81
CA THR E 270 60.05 54.21 -17.14
C THR E 270 59.72 54.29 -18.61
N LEU E 271 58.52 54.80 -18.92
CA LEU E 271 58.08 54.93 -20.30
C LEU E 271 57.51 56.32 -20.60
N LYS E 272 57.71 56.75 -21.84
CA LYS E 272 57.24 58.03 -22.35
C LYS E 272 56.67 57.74 -23.75
N TRP E 273 55.91 58.69 -24.29
CA TRP E 273 55.34 58.47 -25.61
C TRP E 273 56.46 58.30 -26.64
N GLY E 274 56.59 57.09 -27.18
CA GLY E 274 57.63 56.84 -28.16
C GLY E 274 57.53 57.74 -29.38
N ILE F 1 20.29 43.71 -2.07
CA ILE F 1 20.57 44.83 -3.03
C ILE F 1 21.26 44.36 -4.30
N GLN F 2 20.55 44.39 -5.42
CA GLN F 2 21.11 43.94 -6.71
C GLN F 2 22.18 44.88 -7.22
N ARG F 3 23.12 44.34 -7.99
CA ARG F 3 24.21 45.14 -8.52
C ARG F 3 24.56 44.75 -9.94
N THR F 4 24.44 45.71 -10.85
CA THR F 4 24.73 45.47 -12.25
C THR F 4 26.21 45.23 -12.49
N PRO F 5 26.54 44.30 -13.40
CA PRO F 5 27.89 43.89 -13.77
C PRO F 5 28.73 44.94 -14.51
N LYS F 6 30.05 44.87 -14.33
CA LYS F 6 30.99 45.76 -15.00
C LYS F 6 31.56 44.89 -16.11
N ILE F 7 31.57 45.39 -17.34
CA ILE F 7 32.03 44.60 -18.47
C ILE F 7 33.26 45.12 -19.19
N GLN F 8 34.23 44.23 -19.38
CA GLN F 8 35.46 44.58 -20.09
C GLN F 8 35.66 43.57 -21.23
N VAL F 9 35.87 44.07 -22.45
CA VAL F 9 36.10 43.20 -23.60
C VAL F 9 37.52 43.44 -24.09
N TYR F 10 38.33 42.40 -24.13
CA TYR F 10 39.73 42.56 -24.51
C TYR F 10 40.39 41.26 -24.97
N SER F 11 41.58 41.38 -25.53
CA SER F 11 42.31 40.20 -26.01
C SER F 11 43.40 39.76 -25.03
N ARG F 12 43.66 38.46 -24.95
CA ARG F 12 44.69 37.97 -24.05
C ARG F 12 45.99 38.66 -24.42
N HIS F 13 46.48 38.38 -25.63
CA HIS F 13 47.71 38.99 -26.14
C HIS F 13 47.25 40.10 -27.08
N PRO F 14 48.12 41.06 -27.40
CA PRO F 14 47.77 42.16 -28.29
C PRO F 14 47.23 41.72 -29.66
N ALA F 15 46.20 42.43 -30.10
CA ALA F 15 45.55 42.12 -31.37
C ALA F 15 46.49 42.17 -32.58
N GLU F 16 46.94 41.00 -33.03
CA GLU F 16 47.81 40.91 -34.19
C GLU F 16 47.01 40.29 -35.32
N ASN F 17 46.51 41.14 -36.22
CA ASN F 17 45.71 40.66 -37.36
C ASN F 17 46.13 39.32 -37.93
N GLY F 18 45.15 38.48 -38.25
CA GLY F 18 45.47 37.18 -38.80
C GLY F 18 46.26 36.28 -37.86
N LYS F 19 46.69 36.83 -36.74
CA LYS F 19 47.42 36.03 -35.76
C LYS F 19 46.41 35.50 -34.74
N SER F 20 46.51 34.22 -34.43
CA SER F 20 45.60 33.60 -33.47
C SER F 20 45.57 34.41 -32.18
N ASN F 21 44.70 34.04 -31.25
CA ASN F 21 44.58 34.77 -30.00
C ASN F 21 43.46 34.22 -29.11
N PHE F 22 43.02 35.04 -28.16
CA PHE F 22 41.93 34.73 -27.22
C PHE F 22 41.14 36.00 -26.93
N LEU F 23 39.82 35.91 -27.03
CA LEU F 23 38.97 37.06 -26.75
C LEU F 23 38.29 36.89 -25.40
N ASN F 24 38.51 37.85 -24.52
CA ASN F 24 37.95 37.81 -23.18
C ASN F 24 36.83 38.81 -22.89
N CYS F 25 35.83 38.36 -22.14
CA CYS F 25 34.76 39.23 -21.67
C CYS F 25 34.76 39.00 -20.17
N TYR F 26 35.17 40.03 -19.45
CA TYR F 26 35.26 39.94 -18.01
C TYR F 26 34.11 40.67 -17.35
N VAL F 27 33.27 39.93 -16.63
CA VAL F 27 32.13 40.54 -15.96
C VAL F 27 32.37 40.41 -14.48
N SER F 28 32.13 41.50 -13.76
CA SER F 28 32.38 41.50 -12.32
C SER F 28 31.56 42.55 -11.58
N GLY F 29 31.54 42.38 -10.26
CA GLY F 29 30.83 43.30 -9.38
C GLY F 29 29.34 43.18 -9.48
N PHE F 30 28.83 42.05 -9.95
CA PHE F 30 27.39 41.89 -10.08
C PHE F 30 26.80 40.99 -9.03
N HIS F 31 25.49 41.16 -8.84
CA HIS F 31 24.75 40.39 -7.86
C HIS F 31 23.27 40.59 -8.18
N PRO F 32 22.50 39.50 -8.24
CA PRO F 32 22.93 38.11 -8.05
C PRO F 32 23.72 37.58 -9.24
N SER F 33 24.17 36.34 -9.11
CA SER F 33 24.98 35.66 -10.12
C SER F 33 24.25 35.23 -11.41
N ASP F 34 22.92 35.37 -11.41
CA ASP F 34 22.17 35.00 -12.60
C ASP F 34 22.53 36.00 -13.69
N ILE F 35 23.49 35.63 -14.52
CA ILE F 35 23.95 36.51 -15.59
C ILE F 35 24.08 35.78 -16.94
N GLU F 36 23.83 36.49 -18.03
CA GLU F 36 23.92 35.91 -19.38
C GLU F 36 25.02 36.67 -20.14
N VAL F 37 25.99 35.92 -20.67
CA VAL F 37 27.13 36.54 -21.38
C VAL F 37 27.45 35.95 -22.75
N ASP F 38 27.45 36.82 -23.76
CA ASP F 38 27.72 36.41 -25.15
C ASP F 38 28.86 37.13 -25.85
N LEU F 39 29.59 36.36 -26.66
CA LEU F 39 30.68 36.88 -27.47
C LEU F 39 30.17 36.85 -28.90
N LEU F 40 30.18 38.01 -29.55
CA LEU F 40 29.67 38.12 -30.92
C LEU F 40 30.71 38.47 -31.97
N LYS F 41 30.65 37.79 -33.12
CA LYS F 41 31.55 38.08 -34.22
C LYS F 41 30.68 38.69 -35.31
N ASN F 42 30.88 39.96 -35.57
CA ASN F 42 30.11 40.67 -36.58
C ASN F 42 28.62 40.59 -36.30
N GLY F 43 28.27 40.07 -35.13
CA GLY F 43 26.87 39.98 -34.75
C GLY F 43 26.38 38.59 -34.37
N GLU F 44 26.89 37.56 -35.03
CA GLU F 44 26.46 36.21 -34.75
C GLU F 44 27.07 35.69 -33.45
N ARG F 45 26.21 35.30 -32.51
CA ARG F 45 26.65 34.77 -31.23
C ARG F 45 27.63 33.60 -31.48
N ILE F 46 28.88 33.75 -31.04
CA ILE F 46 29.92 32.73 -31.23
C ILE F 46 29.68 31.39 -30.53
N GLU F 47 30.00 30.30 -31.21
CA GLU F 47 29.81 28.95 -30.71
C GLU F 47 30.52 28.60 -29.40
N LYS F 48 31.40 27.60 -29.46
CA LYS F 48 32.15 27.14 -28.29
C LYS F 48 32.90 28.24 -27.53
N VAL F 49 32.31 28.67 -26.41
CA VAL F 49 32.87 29.72 -25.56
C VAL F 49 32.97 29.25 -24.12
N GLU F 50 34.19 29.18 -23.60
CA GLU F 50 34.38 28.76 -22.21
C GLU F 50 34.28 29.94 -21.25
N HIS F 51 34.16 29.64 -19.96
CA HIS F 51 34.08 30.68 -18.94
C HIS F 51 34.58 30.10 -17.63
N SER F 52 35.15 30.96 -16.81
CA SER F 52 35.72 30.60 -15.51
C SER F 52 34.66 30.17 -14.52
N ASP F 53 35.10 29.53 -13.43
CA ASP F 53 34.20 29.13 -12.36
C ASP F 53 33.78 30.38 -11.60
N LEU F 54 32.55 30.36 -11.12
CA LEU F 54 31.98 31.46 -10.38
C LEU F 54 32.67 31.64 -9.03
N SER F 55 33.00 32.88 -8.69
CA SER F 55 33.63 33.16 -7.41
C SER F 55 33.19 34.56 -7.05
N PHE F 56 33.36 34.96 -5.80
CA PHE F 56 32.95 36.31 -5.42
C PHE F 56 34.07 37.08 -4.76
N SER F 57 33.93 38.41 -4.76
CA SER F 57 34.93 39.30 -4.19
C SER F 57 34.58 39.56 -2.75
N LYS F 58 35.42 40.36 -2.10
CA LYS F 58 35.22 40.71 -0.70
C LYS F 58 33.83 41.29 -0.43
N ASP F 59 33.33 42.16 -1.30
CA ASP F 59 32.02 42.75 -1.10
C ASP F 59 30.89 41.81 -1.52
N TRP F 60 31.23 40.53 -1.64
CA TRP F 60 30.31 39.49 -2.02
C TRP F 60 29.81 39.57 -3.46
N SER F 61 30.25 40.54 -4.24
CA SER F 61 29.80 40.62 -5.64
C SER F 61 30.51 39.51 -6.44
N PHE F 62 29.87 39.05 -7.51
CA PHE F 62 30.42 37.97 -8.33
C PHE F 62 31.21 38.42 -9.53
N TYR F 63 32.01 37.51 -10.07
CA TYR F 63 32.79 37.78 -11.26
C TYR F 63 33.05 36.50 -12.07
N LEU F 64 33.17 36.65 -13.39
CA LEU F 64 33.39 35.54 -14.30
C LEU F 64 34.19 36.02 -15.50
N LEU F 65 34.85 35.09 -16.16
CA LEU F 65 35.60 35.41 -17.36
C LEU F 65 35.14 34.48 -18.48
N TYR F 66 34.63 35.04 -19.58
CA TYR F 66 34.22 34.25 -20.75
C TYR F 66 35.29 34.45 -21.81
N TYR F 67 35.59 33.42 -22.59
CA TYR F 67 36.62 33.56 -23.62
C TYR F 67 36.58 32.47 -24.71
N THR F 68 37.27 32.75 -25.81
CA THR F 68 37.42 31.85 -26.97
C THR F 68 38.70 32.17 -27.71
N GLU F 69 39.13 31.23 -28.54
CA GLU F 69 40.31 31.45 -29.36
C GLU F 69 39.78 32.23 -30.55
N PHE F 70 40.61 33.03 -31.19
CA PHE F 70 40.13 33.79 -32.32
C PHE F 70 41.23 34.53 -33.05
N THR F 71 41.19 34.52 -34.38
CA THR F 71 42.18 35.24 -35.17
C THR F 71 41.47 36.47 -35.70
N PRO F 72 41.75 37.62 -35.08
CA PRO F 72 41.11 38.85 -35.52
C PRO F 72 41.47 39.20 -36.95
N THR F 73 40.69 40.10 -37.53
CA THR F 73 40.93 40.55 -38.89
C THR F 73 40.58 42.03 -38.88
N GLU F 74 41.07 42.79 -39.86
CA GLU F 74 40.78 44.22 -39.90
C GLU F 74 39.31 44.41 -40.21
N LYS F 75 38.69 43.38 -40.78
CA LYS F 75 37.29 43.43 -41.16
C LYS F 75 36.35 43.04 -40.02
N ASP F 76 36.57 41.87 -39.44
CA ASP F 76 35.75 41.37 -38.34
C ASP F 76 35.62 42.33 -37.16
N GLU F 77 34.41 42.57 -36.73
CA GLU F 77 34.17 43.44 -35.58
C GLU F 77 33.53 42.56 -34.50
N TYR F 78 34.18 42.46 -33.33
CA TYR F 78 33.67 41.63 -32.22
C TYR F 78 33.11 42.44 -31.04
N ALA F 79 32.41 41.76 -30.15
CA ALA F 79 31.81 42.39 -28.97
C ALA F 79 31.22 41.40 -27.96
N CYS F 80 30.88 41.91 -26.78
CA CYS F 80 30.31 41.10 -25.71
C CYS F 80 28.90 41.61 -25.42
N ARG F 81 27.97 40.69 -25.20
CA ARG F 81 26.60 41.08 -24.90
C ARG F 81 26.24 40.48 -23.55
N VAL F 82 25.74 41.30 -22.64
CA VAL F 82 25.38 40.85 -21.30
C VAL F 82 23.95 41.15 -20.91
N ASN F 83 23.25 40.16 -20.33
CA ASN F 83 21.88 40.39 -19.87
C ASN F 83 21.93 40.03 -18.39
N HIS F 84 21.34 40.88 -17.55
CA HIS F 84 21.33 40.63 -16.12
C HIS F 84 20.07 41.18 -15.47
N VAL F 85 19.69 40.56 -14.37
CA VAL F 85 18.50 40.97 -13.62
C VAL F 85 18.39 42.49 -13.49
N THR F 86 19.52 43.17 -13.57
CA THR F 86 19.54 44.62 -13.43
C THR F 86 19.59 45.39 -14.74
N LEU F 87 19.44 44.69 -15.85
CA LEU F 87 19.46 45.34 -17.16
C LEU F 87 18.11 45.21 -17.84
N SER F 88 17.56 46.35 -18.25
CA SER F 88 16.27 46.37 -18.95
C SER F 88 16.43 45.64 -20.26
N GLN F 89 17.44 46.03 -21.03
CA GLN F 89 17.74 45.42 -22.31
C GLN F 89 19.22 45.07 -22.28
N PRO F 90 19.59 43.90 -22.81
CA PRO F 90 20.98 43.46 -22.85
C PRO F 90 21.99 44.52 -23.26
N LYS F 91 23.05 44.60 -22.47
CA LYS F 91 24.14 45.54 -22.67
C LYS F 91 25.12 44.94 -23.68
N ILE F 92 25.60 45.76 -24.61
CA ILE F 92 26.55 45.30 -25.61
C ILE F 92 27.77 46.18 -25.62
N VAL F 93 28.93 45.56 -25.45
CA VAL F 93 30.18 46.30 -25.44
C VAL F 93 31.07 45.81 -26.58
N LYS F 94 31.35 46.70 -27.53
CA LYS F 94 32.17 46.32 -28.67
C LYS F 94 33.64 46.27 -28.28
N TRP F 95 34.34 45.25 -28.77
CA TRP F 95 35.75 45.10 -28.48
C TRP F 95 36.56 46.16 -29.19
N ASP F 96 37.18 47.07 -28.43
CA ASP F 96 38.02 48.09 -29.04
C ASP F 96 39.40 47.45 -29.17
N ARG F 97 39.99 47.54 -30.35
CA ARG F 97 41.30 46.93 -30.57
C ARG F 97 42.42 47.57 -29.75
N ASP F 98 42.30 48.86 -29.48
CA ASP F 98 43.32 49.60 -28.72
C ASP F 98 42.97 49.72 -27.23
N MET F 99 42.24 48.73 -26.72
CA MET F 99 41.83 48.69 -25.32
C MET F 99 41.62 47.28 -24.78
N SER G 1 -6.32 -68.26 -7.04
CA SER G 1 -6.17 -66.95 -6.37
C SER G 1 -6.96 -66.96 -5.06
N HIS G 2 -6.46 -66.24 -4.06
CA HIS G 2 -7.11 -66.19 -2.77
C HIS G 2 -7.15 -64.79 -2.19
N TRP G 3 -8.05 -64.59 -1.24
CA TRP G 3 -8.18 -63.30 -0.59
C TRP G 3 -8.26 -63.45 0.90
N LEU G 4 -7.55 -62.58 1.61
CA LEU G 4 -7.59 -62.54 3.07
C LEU G 4 -8.11 -61.14 3.29
N LYS G 5 -9.30 -61.00 3.84
CA LYS G 5 -9.90 -59.69 4.07
C LYS G 5 -10.32 -59.53 5.53
N THR G 6 -10.22 -58.30 6.02
CA THR G 6 -10.63 -58.01 7.39
C THR G 6 -11.70 -56.95 7.32
N PHE G 7 -12.76 -57.16 8.08
CA PHE G 7 -13.87 -56.24 8.12
C PHE G 7 -13.98 -55.61 9.49
N ARG G 8 -14.24 -54.30 9.53
CA ARG G 8 -14.40 -53.59 10.79
C ARG G 8 -15.71 -52.83 10.66
N ILE G 9 -16.51 -52.82 11.70
CA ILE G 9 -17.78 -52.11 11.67
C ILE G 9 -17.92 -51.32 12.97
N VAL G 10 -18.38 -50.08 12.88
CA VAL G 10 -18.61 -49.29 14.08
C VAL G 10 -20.05 -48.86 13.93
N ILE G 11 -20.89 -49.30 14.85
CA ILE G 11 -22.31 -48.99 14.79
C ILE G 11 -22.81 -48.07 15.86
N MET G 12 -23.65 -47.11 15.46
CA MET G 12 -24.26 -46.17 16.39
C MET G 12 -25.75 -46.25 16.12
N GLU G 13 -26.51 -46.61 17.14
CA GLU G 13 -27.95 -46.71 16.98
C GLU G 13 -28.57 -45.60 17.80
N PRO G 14 -29.80 -45.19 17.47
CA PRO G 14 -30.49 -44.13 18.22
C PRO G 14 -30.75 -44.60 19.64
N GLY G 15 -30.02 -44.06 20.61
CA GLY G 15 -30.24 -44.45 21.99
C GLY G 15 -29.03 -45.12 22.63
N ILE G 16 -28.42 -46.08 21.94
CA ILE G 16 -27.25 -46.77 22.47
C ILE G 16 -26.24 -45.76 23.01
N LEU G 17 -25.87 -45.94 24.28
CA LEU G 17 -24.92 -45.05 24.92
C LEU G 17 -23.60 -45.03 24.16
N GLU G 18 -22.95 -46.19 24.08
CA GLU G 18 -21.67 -46.31 23.37
C GLU G 18 -21.83 -47.04 22.05
N PRO G 19 -20.96 -46.70 21.07
CA PRO G 19 -21.00 -47.32 19.75
C PRO G 19 -20.55 -48.76 19.86
N ARG G 20 -21.12 -49.63 19.02
CA ARG G 20 -20.74 -51.03 19.01
C ARG G 20 -19.68 -51.27 17.95
N PHE G 21 -18.69 -52.08 18.28
CA PHE G 21 -17.63 -52.36 17.32
C PHE G 21 -17.50 -53.85 17.14
N ILE G 22 -17.34 -54.29 15.90
CA ILE G 22 -17.15 -55.71 15.64
C ILE G 22 -16.11 -55.81 14.55
N GLN G 23 -15.31 -56.87 14.60
CA GLN G 23 -14.27 -57.08 13.60
C GLN G 23 -14.16 -58.55 13.22
N VAL G 24 -14.34 -58.87 11.94
CA VAL G 24 -14.25 -60.25 11.48
C VAL G 24 -13.21 -60.41 10.38
N SER G 25 -12.63 -61.59 10.28
CA SER G 25 -11.64 -61.84 9.24
C SER G 25 -11.96 -63.11 8.47
N TYR G 26 -11.83 -63.01 7.15
CA TYR G 26 -12.10 -64.12 6.27
C TYR G 26 -10.87 -64.47 5.44
N VAL G 27 -10.78 -65.74 5.06
CA VAL G 27 -9.74 -66.20 4.15
C VAL G 27 -10.69 -66.82 3.13
N ASP G 28 -10.94 -66.07 2.06
CA ASP G 28 -11.90 -66.44 1.03
C ASP G 28 -13.28 -66.60 1.67
N SER G 29 -14.13 -67.49 1.18
CA SER G 29 -15.48 -67.61 1.75
C SER G 29 -15.55 -67.94 3.24
N ILE G 30 -14.44 -68.37 3.84
CA ILE G 30 -14.41 -68.78 5.25
C ILE G 30 -14.01 -67.72 6.29
N GLN G 31 -14.85 -67.54 7.30
CA GLN G 31 -14.56 -66.60 8.39
C GLN G 31 -13.81 -67.42 9.42
N TYR G 32 -12.73 -66.89 9.98
CA TYR G 32 -12.00 -67.67 10.97
C TYR G 32 -11.83 -67.00 12.33
N GLN G 33 -12.10 -65.70 12.42
CA GLN G 33 -11.99 -64.96 13.66
C GLN G 33 -13.19 -64.08 13.86
N GLY G 34 -13.25 -63.43 15.00
CA GLY G 34 -14.36 -62.55 15.27
C GLY G 34 -14.22 -61.90 16.61
N PHE G 35 -14.37 -60.58 16.65
CA PHE G 35 -14.30 -59.80 17.87
C PHE G 35 -15.57 -58.95 17.88
N ASP G 36 -16.22 -58.84 19.03
CA ASP G 36 -17.45 -58.07 19.10
C ASP G 36 -17.44 -57.27 20.39
N SER G 37 -17.50 -55.95 20.32
CA SER G 37 -17.49 -55.16 21.53
C SER G 37 -18.59 -55.60 22.50
N ARG G 38 -19.74 -56.02 22.01
CA ARG G 38 -20.79 -56.48 22.91
C ARG G 38 -20.37 -57.89 23.36
N SER G 39 -19.04 -58.08 23.46
CA SER G 39 -18.38 -59.34 23.83
C SER G 39 -19.32 -60.53 23.96
N GLY G 43 -13.21 -62.22 24.32
CA GLY G 43 -12.26 -61.41 23.56
C GLY G 43 -12.29 -61.69 22.06
N MET G 44 -11.14 -61.82 21.42
CA MET G 44 -11.09 -62.14 19.98
C MET G 44 -11.21 -63.65 19.82
N GLN G 45 -12.40 -64.13 19.47
CA GLN G 45 -12.67 -65.55 19.33
C GLN G 45 -12.40 -66.15 17.94
N PRO G 46 -12.30 -67.49 17.86
CA PRO G 46 -12.05 -68.23 16.62
C PRO G 46 -13.41 -68.56 16.01
N ARG G 47 -13.45 -68.73 14.69
CA ARG G 47 -14.71 -69.05 14.03
C ARG G 47 -14.59 -70.30 13.18
N ALA G 48 -13.37 -70.59 12.74
CA ALA G 48 -13.14 -71.77 11.93
C ALA G 48 -12.52 -72.84 12.83
N ALA G 49 -13.08 -74.04 12.76
CA ALA G 49 -12.62 -75.17 13.56
C ALA G 49 -11.11 -75.31 13.60
N TRP G 50 -10.48 -75.16 12.44
CA TRP G 50 -9.02 -75.28 12.36
C TRP G 50 -8.21 -74.21 13.08
N MET G 51 -8.85 -73.15 13.55
CA MET G 51 -8.13 -72.10 14.23
C MET G 51 -7.73 -72.48 15.64
N LYS G 52 -8.46 -73.42 16.22
CA LYS G 52 -8.21 -73.87 17.57
C LYS G 52 -6.76 -74.33 17.79
N GLN G 53 -5.98 -74.33 16.72
CA GLN G 53 -4.58 -74.75 16.78
C GLN G 53 -3.61 -73.59 17.05
N GLU G 54 -4.11 -72.46 17.53
CA GLU G 54 -3.23 -71.33 17.80
C GLU G 54 -3.00 -71.14 19.29
N PRO G 55 -1.80 -70.69 19.65
CA PRO G 55 -1.36 -70.43 21.03
C PRO G 55 -2.23 -69.39 21.71
N PRO G 56 -2.41 -69.50 23.03
CA PRO G 56 -3.24 -68.47 23.66
C PRO G 56 -2.53 -67.12 23.52
N GLU G 57 -1.21 -67.17 23.37
CA GLU G 57 -0.40 -65.96 23.20
C GLU G 57 -0.89 -65.23 21.97
N TYR G 58 -1.47 -65.99 21.06
CA TYR G 58 -2.01 -65.45 19.81
C TYR G 58 -3.25 -64.61 20.06
N TRP G 59 -4.27 -65.26 20.59
CA TRP G 59 -5.52 -64.57 20.87
C TRP G 59 -5.26 -63.40 21.81
N LYS G 60 -4.22 -63.52 22.63
CA LYS G 60 -3.89 -62.41 23.53
C LYS G 60 -3.51 -61.28 22.60
N ASN G 61 -2.55 -61.55 21.72
CA ASN G 61 -2.08 -60.58 20.74
C ASN G 61 -3.30 -59.97 20.03
N GLU G 62 -4.01 -60.83 19.29
CA GLU G 62 -5.19 -60.43 18.53
C GLU G 62 -6.19 -59.60 19.30
N THR G 63 -6.59 -60.05 20.48
CA THR G 63 -7.56 -59.29 21.24
C THR G 63 -7.00 -57.93 21.58
N GLU G 64 -5.70 -57.86 21.85
CA GLU G 64 -5.10 -56.58 22.17
C GLU G 64 -5.29 -55.64 20.96
N HIS G 65 -4.97 -56.12 19.76
CA HIS G 65 -5.11 -55.30 18.57
C HIS G 65 -6.53 -54.82 18.32
N ALA G 66 -7.49 -55.74 18.34
CA ALA G 66 -8.88 -55.38 18.12
C ALA G 66 -9.28 -54.30 19.12
N MET G 67 -8.85 -54.49 20.36
CA MET G 67 -9.11 -53.56 21.45
C MET G 67 -8.66 -52.16 21.01
N GLY G 68 -7.45 -52.11 20.46
CA GLY G 68 -6.89 -50.85 20.01
C GLY G 68 -7.66 -50.27 18.83
N ALA G 69 -7.73 -51.05 17.76
CA ALA G 69 -8.43 -50.62 16.56
C ALA G 69 -9.79 -50.02 16.91
N SER G 70 -10.50 -50.69 17.80
CA SER G 70 -11.81 -50.27 18.23
C SER G 70 -11.85 -48.84 18.82
N LEU G 71 -10.91 -48.51 19.70
CA LEU G 71 -10.88 -47.17 20.28
C LEU G 71 -10.75 -46.20 19.11
N LEU G 72 -9.84 -46.51 18.20
CA LEU G 72 -9.61 -45.68 17.03
C LEU G 72 -10.84 -45.51 16.13
N ALA G 73 -11.46 -46.63 15.78
CA ALA G 73 -12.64 -46.58 14.92
C ALA G 73 -13.78 -45.75 15.49
N ARG G 74 -14.12 -45.98 16.76
CA ARG G 74 -15.19 -45.22 17.38
C ARG G 74 -14.86 -43.74 17.32
N ARG G 75 -13.63 -43.39 17.67
CA ARG G 75 -13.20 -41.99 17.66
C ARG G 75 -13.47 -41.40 16.28
N THR G 76 -13.06 -42.13 15.24
CA THR G 76 -13.27 -41.66 13.88
C THR G 76 -14.72 -41.50 13.49
N LEU G 77 -15.57 -42.48 13.81
CA LEU G 77 -16.98 -42.36 13.46
C LEU G 77 -17.53 -41.06 14.05
N ILE G 78 -17.25 -40.85 15.34
CA ILE G 78 -17.72 -39.66 16.03
C ILE G 78 -17.18 -38.40 15.35
N TYR G 79 -15.93 -38.45 14.93
CA TYR G 79 -15.32 -37.31 14.27
C TYR G 79 -16.13 -36.97 13.03
N MET G 80 -16.29 -37.96 12.15
CA MET G 80 -17.03 -37.74 10.91
C MET G 80 -18.49 -37.36 11.11
N VAL G 81 -19.16 -37.95 12.09
CA VAL G 81 -20.56 -37.58 12.29
C VAL G 81 -20.59 -36.09 12.59
N THR G 82 -19.51 -35.61 13.20
CA THR G 82 -19.35 -34.20 13.55
C THR G 82 -19.12 -33.36 12.31
N GLU G 83 -18.02 -33.63 11.62
CA GLU G 83 -17.69 -32.88 10.42
C GLU G 83 -18.89 -32.72 9.50
N ASN G 84 -19.66 -33.79 9.28
CA ASN G 84 -20.82 -33.71 8.42
C ASN G 84 -22.00 -33.12 9.16
N ASN G 85 -21.74 -32.68 10.39
CA ASN G 85 -22.77 -32.08 11.23
C ASN G 85 -24.11 -32.83 11.20
N ASN G 86 -24.11 -34.12 11.56
CA ASN G 86 -25.34 -34.92 11.56
C ASN G 86 -25.92 -35.13 12.96
N LYS G 87 -27.23 -35.40 13.01
CA LYS G 87 -27.92 -35.63 14.29
C LYS G 87 -27.20 -36.69 15.13
N LYS G 88 -26.41 -36.24 16.10
CA LYS G 88 -25.66 -37.13 16.97
C LYS G 88 -26.42 -38.42 17.33
N ASN G 89 -27.68 -38.29 17.74
CA ASN G 89 -28.46 -39.46 18.10
C ASN G 89 -29.32 -40.02 16.99
N ASP G 90 -28.92 -41.19 16.51
CA ASP G 90 -29.59 -41.96 15.46
C ASP G 90 -28.51 -42.75 14.73
N TYR G 91 -28.89 -43.46 13.68
CA TYR G 91 -27.94 -44.30 12.93
C TYR G 91 -26.71 -43.65 12.32
N HIS G 92 -25.58 -44.34 12.48
CA HIS G 92 -24.30 -43.92 11.92
C HIS G 92 -23.47 -45.19 11.79
N THR G 93 -22.76 -45.34 10.68
CA THR G 93 -21.98 -46.55 10.51
C THR G 93 -20.62 -46.26 9.91
N LEU G 94 -19.59 -46.88 10.46
CA LEU G 94 -18.27 -46.71 9.89
C LEU G 94 -17.89 -48.12 9.48
N GLN G 95 -17.55 -48.32 8.21
CA GLN G 95 -17.18 -49.65 7.74
C GLN G 95 -15.82 -49.55 7.08
N GLU G 96 -14.98 -50.55 7.31
CA GLU G 96 -13.64 -50.57 6.77
C GLU G 96 -13.28 -51.98 6.31
N VAL G 97 -12.62 -52.10 5.16
CA VAL G 97 -12.24 -53.41 4.63
C VAL G 97 -10.86 -53.32 4.08
N PHE G 98 -10.02 -54.28 4.38
CA PHE G 98 -8.70 -54.27 3.79
C PHE G 98 -8.29 -55.73 3.62
N GLY G 99 -7.37 -56.01 2.72
CA GLY G 99 -6.98 -57.38 2.51
C GLY G 99 -6.05 -57.60 1.36
N CYS G 100 -5.38 -58.74 1.37
CA CYS G 100 -4.43 -59.03 0.31
C CYS G 100 -4.88 -60.18 -0.55
N ASN G 101 -4.66 -60.00 -1.85
CA ASN G 101 -5.00 -61.00 -2.84
C ASN G 101 -3.73 -61.81 -3.08
N VAL G 102 -3.68 -63.04 -2.60
CA VAL G 102 -2.50 -63.86 -2.79
C VAL G 102 -2.74 -64.98 -3.79
N ALA G 103 -1.77 -65.22 -4.66
CA ALA G 103 -1.89 -66.27 -5.66
C ALA G 103 -1.71 -67.67 -5.11
N HIS G 104 -2.14 -68.66 -5.88
CA HIS G 104 -2.05 -70.06 -5.49
C HIS G 104 -0.64 -70.44 -5.04
N ASP G 105 0.37 -69.71 -5.51
CA ASP G 105 1.76 -69.99 -5.15
C ASP G 105 2.38 -69.06 -4.11
N GLY G 106 1.59 -68.63 -3.14
CA GLY G 106 2.08 -67.76 -2.08
C GLY G 106 2.56 -66.36 -2.46
N SER G 107 2.45 -66.01 -3.74
CA SER G 107 2.89 -64.71 -4.17
C SER G 107 1.78 -63.64 -4.18
N PHE G 108 2.17 -62.44 -3.76
CA PHE G 108 1.28 -61.30 -3.70
C PHE G 108 0.75 -60.92 -5.08
N LEU G 109 -0.56 -60.82 -5.24
CA LEU G 109 -1.16 -60.45 -6.52
C LEU G 109 -1.66 -59.02 -6.45
N GLY G 110 -2.29 -58.68 -5.34
CA GLY G 110 -2.82 -57.35 -5.15
C GLY G 110 -3.34 -57.19 -3.73
N GLY G 111 -4.04 -56.09 -3.48
CA GLY G 111 -4.56 -55.86 -2.16
C GLY G 111 -5.71 -54.86 -2.23
N HIS G 112 -6.32 -54.57 -1.10
CA HIS G 112 -7.43 -53.63 -1.10
C HIS G 112 -7.59 -52.98 0.25
N TYR G 113 -8.17 -51.78 0.22
CA TYR G 113 -8.45 -51.03 1.42
C TYR G 113 -9.52 -50.00 1.10
N GLY G 114 -10.53 -49.90 1.96
CA GLY G 114 -11.61 -48.95 1.77
C GLY G 114 -12.26 -48.62 3.10
N LEU G 115 -12.69 -47.38 3.25
CA LEU G 115 -13.31 -46.94 4.48
C LEU G 115 -14.51 -46.03 4.20
N THR G 116 -15.60 -46.19 4.95
CA THR G 116 -16.78 -45.34 4.77
C THR G 116 -17.45 -44.86 6.03
N TYR G 117 -18.10 -43.71 5.90
CA TYR G 117 -18.95 -43.20 6.93
C TYR G 117 -20.11 -43.34 5.96
N TYR G 118 -20.63 -44.56 5.86
CA TYR G 118 -21.69 -44.86 4.90
C TYR G 118 -22.66 -43.75 4.53
N GLY G 119 -22.65 -43.37 3.27
CA GLY G 119 -23.53 -42.32 2.79
C GLY G 119 -22.95 -40.93 2.90
N TYR G 120 -21.73 -40.79 3.42
CA TYR G 120 -21.15 -39.47 3.55
C TYR G 120 -19.72 -39.36 3.08
N ASP G 121 -18.89 -40.31 3.49
CA ASP G 121 -17.49 -40.25 3.11
C ASP G 121 -16.92 -41.58 2.68
N TYR G 122 -16.03 -41.51 1.72
CA TYR G 122 -15.39 -42.70 1.23
C TYR G 122 -13.92 -42.39 1.00
N ILE G 123 -13.07 -43.23 1.55
CA ILE G 123 -11.64 -43.09 1.36
C ILE G 123 -11.29 -44.46 0.83
N ILE G 124 -10.67 -44.50 -0.35
CA ILE G 124 -10.38 -45.80 -0.92
C ILE G 124 -9.07 -45.96 -1.67
N LEU G 125 -8.30 -46.95 -1.26
CA LEU G 125 -7.03 -47.22 -1.90
C LEU G 125 -7.32 -47.81 -3.28
N ASN G 126 -6.68 -47.28 -4.31
CA ASN G 126 -6.90 -47.75 -5.68
C ASN G 126 -6.16 -49.02 -6.03
N GLU G 127 -6.55 -49.69 -7.10
CA GLU G 127 -5.90 -50.93 -7.51
C GLU G 127 -4.42 -50.62 -7.74
N ASP G 128 -4.15 -49.41 -8.22
CA ASP G 128 -2.78 -48.97 -8.44
C ASP G 128 -2.02 -49.05 -7.12
N LEU G 129 -2.75 -49.33 -6.04
CA LEU G 129 -2.22 -49.40 -4.69
C LEU G 129 -1.23 -48.27 -4.44
N ASN G 130 -1.33 -47.20 -5.24
CA ASN G 130 -0.44 -46.04 -5.09
C ASN G 130 -1.22 -44.74 -5.01
N SER G 131 -2.50 -44.80 -5.37
CA SER G 131 -3.37 -43.63 -5.35
C SER G 131 -4.61 -43.85 -4.48
N TRP G 132 -5.34 -42.77 -4.19
CA TRP G 132 -6.55 -42.88 -3.38
C TRP G 132 -7.80 -42.34 -4.06
N THR G 133 -8.92 -42.39 -3.35
CA THR G 133 -10.18 -41.89 -3.84
C THR G 133 -10.97 -41.27 -2.70
N THR G 134 -10.68 -40.01 -2.42
CA THR G 134 -11.37 -39.26 -1.38
C THR G 134 -12.81 -39.11 -1.88
N GLU G 135 -13.73 -38.77 -0.97
CA GLU G 135 -15.12 -38.58 -1.32
C GLU G 135 -15.87 -38.10 -0.08
N GLY G 136 -16.52 -36.94 -0.17
CA GLY G 136 -17.25 -36.40 0.98
C GLY G 136 -16.59 -35.23 1.70
N LYS G 137 -17.33 -34.57 2.60
CA LYS G 137 -16.77 -33.44 3.34
C LYS G 137 -15.44 -33.88 3.92
N VAL G 138 -15.50 -34.83 4.82
CA VAL G 138 -14.29 -35.38 5.43
C VAL G 138 -13.71 -36.29 4.39
N GLY G 139 -12.46 -36.69 4.53
CA GLY G 139 -11.95 -37.62 3.57
C GLY G 139 -11.87 -37.06 2.17
N GLY G 140 -12.70 -36.08 1.83
CA GLY G 140 -12.57 -35.46 0.53
C GLY G 140 -11.29 -34.67 0.79
N LYS G 141 -11.17 -34.27 2.05
CA LYS G 141 -10.04 -33.50 2.55
C LYS G 141 -9.02 -34.49 3.15
N PHE G 142 -8.73 -35.55 2.41
CA PHE G 142 -7.79 -36.57 2.88
C PHE G 142 -6.39 -36.40 2.31
N ASN G 143 -5.38 -36.54 3.17
CA ASN G 143 -3.98 -36.40 2.77
C ASN G 143 -3.46 -37.66 2.05
N SER G 150 3.46 -41.83 2.42
CA SER G 150 3.64 -42.28 3.79
C SER G 150 2.48 -43.20 4.18
N VAL G 151 1.29 -42.62 4.32
CA VAL G 151 0.10 -43.39 4.68
C VAL G 151 -0.06 -44.50 3.66
N THR G 152 0.23 -44.16 2.42
CA THR G 152 0.13 -45.10 1.31
C THR G 152 1.11 -46.25 1.44
N GLU G 153 2.40 -45.93 1.60
CA GLU G 153 3.43 -46.96 1.73
C GLU G 153 3.12 -47.89 2.91
N GLY G 154 2.47 -47.35 3.93
CA GLY G 154 2.11 -48.15 5.09
C GLY G 154 1.31 -49.36 4.65
N TRP G 155 0.25 -49.08 3.88
CA TRP G 155 -0.61 -50.13 3.36
C TRP G 155 0.07 -50.99 2.33
N ARG G 156 0.77 -50.34 1.39
CA ARG G 156 1.47 -51.09 0.37
C ARG G 156 2.29 -52.14 1.08
N THR G 157 2.83 -51.78 2.25
CA THR G 157 3.63 -52.71 3.03
C THR G 157 2.78 -53.74 3.73
N TYR G 158 1.99 -53.29 4.70
CA TYR G 158 1.16 -54.20 5.46
C TYR G 158 0.58 -55.25 4.52
N LEU G 159 0.05 -54.79 3.39
CA LEU G 159 -0.55 -55.70 2.43
C LEU G 159 0.43 -56.70 1.83
N LYS G 160 1.55 -56.21 1.28
CA LYS G 160 2.54 -57.10 0.71
C LYS G 160 3.20 -57.95 1.79
N GLY G 161 3.50 -57.30 2.92
CA GLY G 161 4.16 -57.98 4.03
C GLY G 161 3.32 -58.73 5.03
N GLU G 162 3.10 -58.11 6.19
CA GLU G 162 2.32 -58.72 7.26
C GLU G 162 1.10 -59.47 6.77
N CYS G 163 0.23 -58.80 6.00
CA CYS G 163 -0.99 -59.44 5.48
C CYS G 163 -0.70 -60.77 4.77
N THR G 164 0.22 -60.77 3.81
CA THR G 164 0.54 -61.99 3.10
C THR G 164 1.13 -63.03 4.03
N GLU G 165 2.00 -62.58 4.93
CA GLU G 165 2.58 -63.49 5.90
C GLU G 165 1.38 -64.09 6.62
N ARG G 166 0.46 -63.23 7.06
CA ARG G 166 -0.74 -63.68 7.76
C ARG G 166 -1.51 -64.68 6.92
N PHE G 167 -1.62 -64.41 5.62
CA PHE G 167 -2.34 -65.34 4.78
C PHE G 167 -1.65 -66.69 4.72
N LEU G 168 -0.42 -66.70 4.24
CA LEU G 168 0.36 -67.93 4.13
C LEU G 168 0.23 -68.79 5.38
N ARG G 169 0.43 -68.18 6.53
CA ARG G 169 0.33 -68.87 7.80
C ARG G 169 -1.07 -69.50 7.99
N CYS G 170 -2.08 -68.85 7.44
CA CYS G 170 -3.45 -69.34 7.55
C CYS G 170 -3.66 -70.56 6.69
N LEU G 171 -3.14 -70.50 5.48
CA LEU G 171 -3.26 -71.60 4.54
C LEU G 171 -2.55 -72.82 5.12
N ASP G 172 -1.44 -72.55 5.79
CA ASP G 172 -0.65 -73.61 6.41
C ASP G 172 -1.57 -74.40 7.34
N LEU G 173 -2.31 -73.66 8.17
CA LEU G 173 -3.20 -74.27 9.16
C LEU G 173 -4.57 -74.76 8.72
N GLY G 174 -4.98 -74.51 7.48
CA GLY G 174 -6.30 -74.97 7.05
C GLY G 174 -6.40 -75.51 5.64
N LYS G 175 -5.26 -75.68 4.99
CA LYS G 175 -5.19 -76.18 3.62
C LYS G 175 -6.20 -77.32 3.39
N GLU G 176 -6.26 -78.24 4.34
CA GLU G 176 -7.17 -79.39 4.26
C GLU G 176 -8.61 -79.02 3.91
N THR G 177 -9.16 -78.02 4.60
CA THR G 177 -10.54 -77.60 4.36
C THR G 177 -10.65 -76.41 3.42
N LEU G 178 -9.60 -75.59 3.40
CA LEU G 178 -9.55 -74.39 2.58
C LEU G 178 -9.35 -74.63 1.09
N LEU G 179 -8.62 -75.69 0.77
CA LEU G 179 -8.36 -75.98 -0.62
C LEU G 179 -9.15 -77.17 -1.15
N ARG G 180 -10.16 -77.59 -0.40
CA ARG G 180 -10.97 -78.72 -0.84
C ARG G 180 -11.80 -78.36 -2.06
N SER G 181 -12.41 -79.36 -2.66
CA SER G 181 -13.27 -79.17 -3.82
C SER G 181 -14.40 -80.13 -3.55
N ASP G 182 -15.55 -79.57 -3.16
CA ASP G 182 -16.74 -80.37 -2.88
C ASP G 182 -17.69 -80.15 -4.03
N ALA G 183 -17.98 -81.21 -4.77
CA ALA G 183 -18.86 -81.12 -5.92
C ALA G 183 -20.32 -80.94 -5.57
N PRO G 184 -21.08 -80.31 -6.48
CA PRO G 184 -22.51 -80.05 -6.33
C PRO G 184 -23.30 -81.33 -6.38
N ARG G 185 -24.36 -81.42 -5.57
CA ARG G 185 -25.26 -82.56 -5.62
C ARG G 185 -26.31 -81.83 -6.44
N THR G 186 -26.56 -82.27 -7.67
CA THR G 186 -27.52 -81.58 -8.51
C THR G 186 -28.77 -82.39 -8.85
N HIS G 187 -29.81 -81.70 -9.33
CA HIS G 187 -31.07 -82.35 -9.72
C HIS G 187 -32.03 -81.33 -10.32
N VAL G 188 -33.11 -81.79 -10.93
CA VAL G 188 -34.07 -80.87 -11.53
C VAL G 188 -35.47 -81.05 -10.92
N THR G 189 -36.28 -80.00 -10.97
CA THR G 189 -37.63 -80.05 -10.43
C THR G 189 -38.65 -79.43 -11.38
N HIS G 190 -39.80 -80.08 -11.51
CA HIS G 190 -40.87 -79.62 -12.39
C HIS G 190 -42.03 -78.99 -11.64
N LYS G 191 -42.27 -77.72 -11.91
CA LYS G 191 -43.36 -76.97 -11.28
C LYS G 191 -44.37 -76.56 -12.33
N VAL G 192 -45.65 -76.55 -11.93
CA VAL G 192 -46.74 -76.18 -12.83
C VAL G 192 -47.18 -74.74 -12.52
N THR G 193 -47.57 -74.01 -13.56
CA THR G 193 -48.02 -72.63 -13.37
C THR G 193 -49.47 -72.58 -12.88
N VAL G 198 -44.74 -74.27 -17.93
CA VAL G 198 -44.24 -74.66 -16.63
C VAL G 198 -42.88 -74.01 -16.31
N THR G 199 -42.36 -74.34 -15.13
CA THR G 199 -41.08 -73.81 -14.68
C THR G 199 -40.19 -74.92 -14.14
N LEU G 200 -39.08 -75.16 -14.84
CA LEU G 200 -38.12 -76.20 -14.48
C LEU G 200 -36.98 -75.53 -13.69
N ARG G 201 -36.64 -76.14 -12.56
CA ARG G 201 -35.59 -75.61 -11.68
C ARG G 201 -34.39 -76.57 -11.56
N CYS G 202 -33.20 -76.02 -11.78
CA CYS G 202 -31.93 -76.75 -11.75
C CYS G 202 -31.27 -76.43 -10.41
N TRP G 203 -31.11 -77.42 -9.53
CA TRP G 203 -30.49 -77.20 -8.22
C TRP G 203 -29.08 -77.76 -8.06
N ALA G 204 -28.22 -76.98 -7.40
CA ALA G 204 -26.84 -77.36 -7.13
C ALA G 204 -26.64 -77.16 -5.64
N LEU G 205 -26.38 -78.24 -4.90
CA LEU G 205 -26.22 -78.13 -3.45
C LEU G 205 -24.94 -78.66 -2.79
N GLY G 206 -24.57 -78.05 -1.67
CA GLY G 206 -23.40 -78.48 -0.92
C GLY G 206 -22.08 -78.43 -1.64
N PHE G 207 -21.93 -77.51 -2.57
CA PHE G 207 -20.66 -77.39 -3.28
C PHE G 207 -19.75 -76.34 -2.69
N TYR G 208 -18.46 -76.54 -2.88
CA TYR G 208 -17.43 -75.65 -2.40
C TYR G 208 -16.25 -75.91 -3.33
N PRO G 209 -15.59 -74.86 -3.84
CA PRO G 209 -15.76 -73.42 -3.67
C PRO G 209 -17.11 -72.98 -4.16
N ALA G 210 -17.37 -71.68 -4.02
CA ALA G 210 -18.65 -71.10 -4.41
C ALA G 210 -18.76 -70.75 -5.88
N ASP G 211 -17.65 -70.75 -6.59
CA ASP G 211 -17.68 -70.44 -8.01
C ASP G 211 -18.36 -71.59 -8.73
N ILE G 212 -19.53 -71.35 -9.29
CA ILE G 212 -20.23 -72.42 -10.00
C ILE G 212 -20.93 -71.85 -11.22
N THR G 213 -21.43 -72.70 -12.12
CA THR G 213 -22.13 -72.23 -13.32
C THR G 213 -23.37 -73.04 -13.68
N LEU G 214 -24.52 -72.36 -13.74
CA LEU G 214 -25.80 -72.98 -14.08
C LEU G 214 -26.49 -72.30 -15.25
N THR G 215 -26.66 -73.03 -16.34
CA THR G 215 -27.31 -72.47 -17.54
C THR G 215 -28.28 -73.43 -18.20
N TRP G 216 -29.30 -72.89 -18.86
CA TRP G 216 -30.28 -73.70 -19.57
C TRP G 216 -30.11 -73.55 -21.08
N LYS G 217 -30.72 -74.46 -21.83
CA LYS G 217 -30.61 -74.42 -23.28
C LYS G 217 -31.83 -75.01 -23.96
N ARG G 218 -32.48 -74.20 -24.81
CA ARG G 218 -33.62 -74.69 -25.55
C ARG G 218 -32.99 -75.38 -26.75
N ASP G 219 -33.13 -76.70 -26.80
CA ASP G 219 -32.57 -77.49 -27.88
C ASP G 219 -31.10 -77.13 -28.05
N GLY G 220 -30.29 -77.48 -27.05
CA GLY G 220 -28.86 -77.19 -27.09
C GLY G 220 -28.41 -75.79 -27.48
N LYS G 221 -29.32 -74.82 -27.41
CA LYS G 221 -28.95 -73.45 -27.77
C LYS G 221 -28.90 -72.56 -26.53
N ASN G 222 -27.83 -71.77 -26.39
CA ASN G 222 -27.71 -70.86 -25.25
C ASN G 222 -29.05 -70.13 -25.13
N HIS G 223 -29.87 -70.50 -24.17
CA HIS G 223 -31.16 -69.83 -24.03
C HIS G 223 -31.18 -68.77 -22.93
N THR G 224 -30.95 -67.51 -23.32
CA THR G 224 -30.92 -66.41 -22.37
C THR G 224 -32.25 -65.67 -22.23
N GLN G 225 -32.29 -64.73 -21.28
CA GLN G 225 -33.46 -63.89 -21.03
C GLN G 225 -34.61 -64.56 -20.28
N ASP G 226 -35.39 -65.37 -21.00
CA ASP G 226 -36.56 -66.05 -20.43
C ASP G 226 -36.33 -66.92 -19.19
N MET G 227 -35.15 -66.82 -18.60
CA MET G 227 -34.83 -67.62 -17.40
C MET G 227 -34.67 -66.76 -16.15
N GLU G 228 -34.33 -67.42 -15.04
CA GLU G 228 -34.13 -66.77 -13.74
C GLU G 228 -32.74 -67.14 -13.20
N LEU G 229 -31.98 -66.15 -12.74
CA LEU G 229 -30.63 -66.40 -12.22
C LEU G 229 -30.37 -65.79 -10.85
N PRO G 230 -30.84 -66.46 -9.79
CA PRO G 230 -30.70 -66.03 -8.39
C PRO G 230 -29.25 -65.80 -7.97
N ASP G 231 -28.99 -65.96 -6.68
CA ASP G 231 -27.66 -65.75 -6.13
C ASP G 231 -27.23 -66.82 -5.16
N THR G 232 -26.02 -67.33 -5.35
CA THR G 232 -25.48 -68.35 -4.47
C THR G 232 -25.77 -67.97 -3.02
N ARG G 233 -26.23 -68.92 -2.23
CA ARG G 233 -26.53 -68.69 -0.83
C ARG G 233 -25.86 -69.81 -0.06
N PRO G 234 -25.49 -69.57 1.20
CA PRO G 234 -24.82 -70.60 2.02
C PRO G 234 -25.68 -71.72 2.57
N ALA G 235 -25.18 -72.94 2.48
CA ALA G 235 -25.90 -74.09 2.98
C ALA G 235 -25.92 -74.04 4.50
N GLY G 236 -24.92 -73.36 5.08
CA GLY G 236 -24.83 -73.26 6.51
C GLY G 236 -23.66 -74.05 7.06
N ASP G 237 -23.20 -75.05 6.32
CA ASP G 237 -22.09 -75.88 6.76
C ASP G 237 -20.73 -75.48 6.20
N GLY G 238 -20.70 -74.46 5.35
CA GLY G 238 -19.42 -74.06 4.78
C GLY G 238 -19.36 -74.27 3.29
N THR G 239 -20.48 -74.75 2.74
CA THR G 239 -20.64 -75.02 1.32
C THR G 239 -21.75 -74.10 0.84
N PHE G 240 -22.11 -74.19 -0.43
CA PHE G 240 -23.14 -73.32 -0.97
C PHE G 240 -24.27 -74.00 -1.74
N GLN G 241 -25.23 -73.18 -2.14
CA GLN G 241 -26.38 -73.63 -2.91
C GLN G 241 -26.64 -72.61 -3.97
N LYS G 242 -27.27 -73.03 -5.06
CA LYS G 242 -27.61 -72.12 -6.14
C LYS G 242 -28.58 -72.83 -7.04
N TRP G 243 -29.46 -72.06 -7.67
CA TRP G 243 -30.46 -72.61 -8.57
C TRP G 243 -30.73 -71.69 -9.75
N ALA G 244 -31.33 -72.24 -10.79
CA ALA G 244 -31.68 -71.48 -11.98
C ALA G 244 -32.90 -72.17 -12.54
N ALA G 245 -33.82 -71.37 -13.05
CA ALA G 245 -35.05 -71.94 -13.58
C ALA G 245 -35.48 -71.23 -14.85
N VAL G 246 -36.42 -71.85 -15.54
CA VAL G 246 -36.95 -71.29 -16.77
C VAL G 246 -38.43 -71.60 -16.87
N VAL G 247 -39.06 -70.95 -17.83
CA VAL G 247 -40.48 -71.11 -18.11
C VAL G 247 -40.61 -71.73 -19.50
N VAL G 248 -41.29 -72.88 -19.56
CA VAL G 248 -41.46 -73.59 -20.82
C VAL G 248 -42.88 -74.16 -20.96
N PRO G 249 -43.48 -74.04 -22.15
CA PRO G 249 -44.82 -74.51 -22.52
C PRO G 249 -45.22 -75.93 -22.07
N PHE G 250 -46.27 -76.00 -21.25
CA PHE G 250 -46.78 -77.27 -20.71
C PHE G 250 -46.52 -78.44 -21.64
N GLY G 251 -45.72 -79.39 -21.17
CA GLY G 251 -45.41 -80.56 -21.98
C GLY G 251 -44.21 -80.38 -22.89
N GLU G 252 -44.13 -79.24 -23.56
CA GLU G 252 -43.02 -78.94 -24.48
C GLU G 252 -41.75 -78.68 -23.66
N GLU G 253 -41.52 -79.54 -22.68
CA GLU G 253 -40.39 -79.46 -21.76
C GLU G 253 -39.03 -79.90 -22.27
N LEU G 254 -38.86 -81.21 -22.47
CA LEU G 254 -37.60 -81.79 -22.94
C LEU G 254 -36.72 -81.04 -23.93
N ARG G 255 -37.19 -79.92 -24.46
CA ARG G 255 -36.37 -79.15 -25.40
C ARG G 255 -35.42 -78.25 -24.59
N TYR G 256 -35.38 -78.47 -23.27
CA TYR G 256 -34.55 -77.70 -22.35
C TYR G 256 -33.66 -78.58 -21.46
N THR G 257 -32.38 -78.22 -21.39
CA THR G 257 -31.40 -78.95 -20.59
C THR G 257 -30.53 -77.97 -19.82
N CYS G 258 -30.22 -78.28 -18.56
CA CYS G 258 -29.36 -77.37 -17.81
C CYS G 258 -27.98 -77.97 -17.63
N HIS G 259 -26.97 -77.12 -17.83
CA HIS G 259 -25.59 -77.53 -17.73
C HIS G 259 -24.91 -76.94 -16.50
N VAL G 260 -24.33 -77.82 -15.69
CA VAL G 260 -23.66 -77.44 -14.47
C VAL G 260 -22.16 -77.58 -14.65
N HIS G 261 -21.44 -76.53 -14.28
CA HIS G 261 -19.97 -76.53 -14.38
C HIS G 261 -19.41 -76.18 -13.01
N HIS G 262 -18.51 -77.01 -12.49
CA HIS G 262 -17.90 -76.72 -11.19
C HIS G 262 -16.62 -77.49 -10.87
N GLU G 263 -15.65 -76.70 -10.43
CA GLU G 263 -14.33 -77.14 -10.04
C GLU G 263 -14.24 -78.57 -9.50
N GLY G 264 -15.21 -79.00 -8.71
CA GLY G 264 -15.15 -80.33 -8.15
C GLY G 264 -15.80 -81.45 -8.94
N LEU G 265 -16.03 -81.24 -10.23
CA LEU G 265 -16.66 -82.27 -11.05
C LEU G 265 -15.72 -82.83 -12.11
N PRO G 266 -15.87 -84.14 -12.44
CA PRO G 266 -15.01 -84.75 -13.46
C PRO G 266 -15.09 -83.96 -14.76
N GLY G 267 -16.27 -83.45 -15.06
CA GLY G 267 -16.44 -82.67 -16.28
C GLY G 267 -17.81 -82.05 -16.26
N PRO G 268 -18.27 -81.42 -17.36
CA PRO G 268 -19.60 -80.80 -17.38
C PRO G 268 -20.66 -81.83 -17.08
N LEU G 269 -21.78 -81.38 -16.53
CA LEU G 269 -22.88 -82.25 -16.18
C LEU G 269 -24.12 -81.74 -16.87
N THR G 270 -24.91 -82.62 -17.45
CA THR G 270 -26.12 -82.15 -18.11
C THR G 270 -27.36 -82.78 -17.52
N LEU G 271 -28.40 -81.98 -17.33
CA LEU G 271 -29.65 -82.48 -16.77
C LEU G 271 -30.87 -82.01 -17.56
N LYS G 272 -31.89 -82.88 -17.57
CA LYS G 272 -33.15 -82.65 -18.26
C LYS G 272 -34.24 -83.11 -17.30
N TRP G 273 -35.48 -82.72 -17.55
CA TRP G 273 -36.57 -83.14 -16.67
C TRP G 273 -36.68 -84.66 -16.67
N GLY G 274 -36.35 -85.27 -15.54
CA GLY G 274 -36.43 -86.73 -15.45
C GLY G 274 -37.82 -87.27 -15.73
N ILE H 1 -28.34 -43.75 2.85
CA ILE H 1 -29.48 -44.39 2.12
C ILE H 1 -29.80 -45.79 2.66
N GLN H 2 -30.94 -45.93 3.33
CA GLN H 2 -31.35 -47.22 3.90
C GLN H 2 -31.71 -48.22 2.82
N ARG H 3 -31.53 -49.50 3.12
CA ARG H 3 -31.81 -50.56 2.16
C ARG H 3 -32.46 -51.76 2.82
N THR H 4 -33.67 -52.09 2.39
CA THR H 4 -34.39 -53.22 2.95
C THR H 4 -33.73 -54.54 2.58
N PRO H 5 -33.73 -55.50 3.53
CA PRO H 5 -33.15 -56.83 3.39
C PRO H 5 -33.83 -57.78 2.41
N LYS H 6 -33.06 -58.69 1.83
CA LYS H 6 -33.58 -59.70 0.91
C LYS H 6 -33.63 -60.96 1.76
N ILE H 7 -34.76 -61.64 1.76
CA ILE H 7 -34.92 -62.83 2.61
C ILE H 7 -35.13 -64.15 1.88
N GLN H 8 -34.34 -65.14 2.26
CA GLN H 8 -34.45 -66.48 1.69
C GLN H 8 -34.63 -67.48 2.82
N VAL H 9 -35.65 -68.34 2.73
CA VAL H 9 -35.88 -69.36 3.76
C VAL H 9 -35.71 -70.71 3.10
N TYR H 10 -34.80 -71.51 3.62
CA TYR H 10 -34.51 -72.81 3.00
C TYR H 10 -33.82 -73.79 3.95
N SER H 11 -33.74 -75.05 3.53
CA SER H 11 -33.10 -76.08 4.35
C SER H 11 -31.66 -76.37 3.90
N ARG H 12 -30.79 -76.73 4.85
CA ARG H 12 -29.41 -77.03 4.49
C ARG H 12 -29.44 -78.16 3.46
N HIS H 13 -29.92 -79.33 3.90
CA HIS H 13 -30.04 -80.50 3.04
C HIS H 13 -31.51 -80.55 2.64
N PRO H 14 -31.84 -81.29 1.57
CA PRO H 14 -33.23 -81.40 1.11
C PRO H 14 -34.20 -81.89 2.18
N ALA H 15 -35.38 -81.29 2.20
CA ALA H 15 -36.40 -81.61 3.17
C ALA H 15 -36.84 -83.08 3.14
N GLU H 16 -36.32 -83.88 4.07
CA GLU H 16 -36.68 -85.29 4.15
C GLU H 16 -37.52 -85.47 5.41
N ASN H 17 -38.85 -85.52 5.24
CA ASN H 17 -39.77 -85.67 6.37
C ASN H 17 -39.25 -86.55 7.50
N GLY H 18 -39.48 -86.12 8.74
CA GLY H 18 -39.03 -86.91 9.87
C GLY H 18 -37.52 -87.05 9.96
N LYS H 19 -36.81 -86.62 8.91
CA LYS H 19 -35.36 -86.69 8.91
C LYS H 19 -34.83 -85.36 9.45
N SER H 20 -33.88 -85.43 10.37
CA SER H 20 -33.28 -84.23 10.95
C SER H 20 -32.83 -83.28 9.85
N ASN H 21 -32.37 -82.09 10.23
CA ASN H 21 -31.94 -81.11 9.23
C ASN H 21 -31.54 -79.78 9.88
N PHE H 22 -31.52 -78.73 9.06
CA PHE H 22 -31.20 -77.36 9.47
C PHE H 22 -32.03 -76.38 8.67
N LEU H 23 -32.67 -75.43 9.35
CA LEU H 23 -33.48 -74.43 8.68
C LEU H 23 -32.75 -73.10 8.65
N ASN H 24 -32.55 -72.58 7.44
CA ASN H 24 -31.85 -71.32 7.27
C ASN H 24 -32.70 -70.14 6.82
N CYS H 25 -32.39 -68.97 7.39
CA CYS H 25 -33.03 -67.72 6.98
C CYS H 25 -31.85 -66.83 6.64
N TYR H 26 -31.70 -66.53 5.36
CA TYR H 26 -30.59 -65.73 4.91
C TYR H 26 -31.05 -64.32 4.58
N VAL H 27 -30.54 -63.34 5.32
CA VAL H 27 -30.92 -61.95 5.07
C VAL H 27 -29.70 -61.24 4.57
N SER H 28 -29.88 -60.44 3.52
CA SER H 28 -28.76 -59.75 2.91
C SER H 28 -29.17 -58.49 2.15
N GLY H 29 -28.17 -57.68 1.84
CA GLY H 29 -28.36 -56.46 1.09
C GLY H 29 -29.06 -55.39 1.87
N PHE H 30 -29.02 -55.47 3.20
CA PHE H 30 -29.70 -54.46 4.00
C PHE H 30 -28.76 -53.48 4.66
N HIS H 31 -29.31 -52.34 5.01
CA HIS H 31 -28.56 -51.27 5.64
C HIS H 31 -29.57 -50.30 6.24
N PRO H 32 -29.40 -49.91 7.51
CA PRO H 32 -28.32 -50.33 8.39
C PRO H 32 -28.50 -51.75 8.90
N SER H 33 -27.54 -52.21 9.70
CA SER H 33 -27.51 -53.56 10.26
C SER H 33 -28.52 -53.84 11.36
N ASP H 34 -29.22 -52.82 11.84
CA ASP H 34 -30.21 -53.03 12.88
C ASP H 34 -31.34 -53.83 12.27
N ILE H 35 -31.29 -55.14 12.45
CA ILE H 35 -32.29 -56.03 11.88
C ILE H 35 -32.79 -57.07 12.89
N GLU H 36 -34.06 -57.45 12.79
CA GLU H 36 -34.67 -58.44 13.69
C GLU H 36 -35.09 -59.66 12.84
N VAL H 37 -34.61 -60.84 13.22
CA VAL H 37 -34.92 -62.06 12.44
C VAL H 37 -35.42 -63.26 13.27
N ASP H 38 -36.61 -63.76 12.90
CA ASP H 38 -37.23 -64.88 13.59
C ASP H 38 -37.58 -66.09 12.74
N LEU H 39 -37.40 -67.27 13.34
CA LEU H 39 -37.74 -68.53 12.71
C LEU H 39 -38.98 -69.02 13.45
N LEU H 40 -40.06 -69.26 12.70
CA LEU H 40 -41.31 -69.70 13.31
C LEU H 40 -41.76 -71.11 12.92
N LYS H 41 -42.22 -71.87 13.91
CA LYS H 41 -42.74 -73.21 13.65
C LYS H 41 -44.24 -73.12 13.90
N ASN H 42 -45.02 -73.26 12.83
CA ASN H 42 -46.46 -73.18 12.94
C ASN H 42 -46.91 -71.87 13.55
N GLY H 43 -45.97 -70.95 13.74
CA GLY H 43 -46.30 -69.65 14.31
C GLY H 43 -45.52 -69.24 15.54
N GLU H 44 -45.20 -70.20 16.39
CA GLU H 44 -44.47 -69.89 17.61
C GLU H 44 -43.00 -69.64 17.33
N ARG H 45 -42.53 -68.45 17.70
CA ARG H 45 -41.13 -68.07 17.51
C ARG H 45 -40.23 -69.15 18.14
N ILE H 46 -39.43 -69.83 17.31
CA ILE H 46 -38.53 -70.89 17.78
C ILE H 46 -37.43 -70.47 18.75
N GLU H 47 -37.17 -71.31 19.75
CA GLU H 47 -36.17 -71.05 20.79
C GLU H 47 -34.74 -70.84 20.31
N LYS H 48 -33.84 -71.70 20.78
CA LYS H 48 -32.41 -71.62 20.44
C LYS H 48 -32.12 -71.56 18.93
N VAL H 49 -31.85 -70.35 18.44
CA VAL H 49 -31.55 -70.10 17.04
C VAL H 49 -30.22 -69.35 16.88
N GLU H 50 -29.25 -69.98 16.24
CA GLU H 50 -27.97 -69.33 16.02
C GLU H 50 -27.96 -68.48 14.75
N HIS H 51 -26.95 -67.62 14.61
CA HIS H 51 -26.83 -66.77 13.43
C HIS H 51 -25.35 -66.44 13.24
N SER H 52 -24.97 -66.23 11.99
CA SER H 52 -23.60 -65.92 11.61
C SER H 52 -23.17 -64.55 12.08
N ASP H 53 -21.86 -64.31 12.04
CA ASP H 53 -21.30 -63.02 12.41
C ASP H 53 -21.64 -62.03 11.29
N LEU H 54 -21.85 -60.79 11.69
CA LEU H 54 -22.19 -59.73 10.75
C LEU H 54 -21.01 -59.40 9.85
N SER H 55 -21.28 -59.26 8.56
CA SER H 55 -20.25 -58.90 7.61
C SER H 55 -20.94 -58.12 6.52
N PHE H 56 -20.20 -57.43 5.68
CA PHE H 56 -20.85 -56.68 4.61
C PHE H 56 -20.27 -57.02 3.25
N SER H 57 -21.05 -56.71 2.21
CA SER H 57 -20.67 -56.99 0.83
C SER H 57 -19.95 -55.78 0.26
N LYS H 58 -19.53 -55.90 -0.99
CA LYS H 58 -18.83 -54.83 -1.67
C LYS H 58 -19.59 -53.51 -1.63
N ASP H 59 -20.90 -53.54 -1.84
CA ASP H 59 -21.70 -52.31 -1.82
C ASP H 59 -22.00 -51.85 -0.40
N TRP H 60 -21.24 -52.38 0.54
CA TRP H 60 -21.38 -52.05 1.95
C TRP H 60 -22.66 -52.56 2.61
N SER H 61 -23.54 -53.24 1.86
CA SER H 61 -24.77 -53.75 2.48
C SER H 61 -24.42 -54.95 3.37
N PHE H 62 -25.22 -55.20 4.40
CA PHE H 62 -24.95 -56.29 5.34
C PHE H 62 -25.68 -57.58 5.03
N TYR H 63 -25.19 -58.67 5.61
CA TYR H 63 -25.83 -59.96 5.46
C TYR H 63 -25.60 -60.85 6.69
N LEU H 64 -26.54 -61.74 6.96
CA LEU H 64 -26.50 -62.65 8.10
C LEU H 64 -27.22 -63.92 7.77
N LEU H 65 -26.88 -64.98 8.47
CA LEU H 65 -27.55 -66.26 8.30
C LEU H 65 -28.05 -66.74 9.67
N TYR H 66 -29.36 -66.96 9.79
CA TYR H 66 -29.95 -67.48 11.03
C TYR H 66 -30.32 -68.93 10.75
N TYR H 67 -30.16 -69.80 11.76
CA TYR H 67 -30.49 -71.21 11.54
C TYR H 67 -30.69 -72.01 12.83
N THR H 68 -31.30 -73.20 12.67
CA THR H 68 -31.57 -74.15 13.76
C THR H 68 -31.67 -75.55 13.19
N GLU H 69 -31.55 -76.54 14.06
CA GLU H 69 -31.69 -77.94 13.65
C GLU H 69 -33.19 -78.14 13.64
N PHE H 70 -33.69 -79.06 12.83
CA PHE H 70 -35.12 -79.27 12.81
C PHE H 70 -35.51 -80.48 11.95
N THR H 71 -36.47 -81.26 12.44
CA THR H 71 -36.95 -82.40 11.68
C THR H 71 -38.32 -82.00 11.15
N PRO H 72 -38.36 -81.66 9.86
CA PRO H 72 -39.63 -81.25 9.27
C PRO H 72 -40.66 -82.38 9.30
N THR H 73 -41.92 -82.00 9.11
CA THR H 73 -43.01 -82.95 9.09
C THR H 73 -43.96 -82.46 8.00
N GLU H 74 -44.82 -83.33 7.50
CA GLU H 74 -45.74 -82.91 6.45
C GLU H 74 -46.76 -81.95 7.05
N LYS H 75 -46.89 -81.99 8.36
CA LYS H 75 -47.83 -81.13 9.07
C LYS H 75 -47.26 -79.76 9.41
N ASP H 76 -46.12 -79.74 10.09
CA ASP H 76 -45.47 -78.50 10.49
C ASP H 76 -45.20 -77.54 9.34
N GLU H 77 -45.59 -76.29 9.52
CA GLU H 77 -45.35 -75.27 8.52
C GLU H 77 -44.42 -74.24 9.15
N TYR H 78 -43.24 -74.02 8.54
CA TYR H 78 -42.26 -73.07 9.07
C TYR H 78 -42.11 -71.80 8.24
N ALA H 79 -41.45 -70.79 8.81
CA ALA H 79 -41.23 -69.50 8.15
C ALA H 79 -40.26 -68.57 8.89
N CYS H 80 -39.86 -67.50 8.20
CA CYS H 80 -38.94 -66.52 8.76
C CYS H 80 -39.65 -65.18 8.85
N ARG H 81 -39.45 -64.47 9.94
CA ARG H 81 -40.07 -63.16 10.12
C ARG H 81 -38.97 -62.14 10.32
N VAL H 82 -39.02 -61.07 9.54
CA VAL H 82 -37.98 -60.03 9.60
C VAL H 82 -38.53 -58.63 9.86
N ASN H 83 -37.92 -57.89 10.77
CA ASN H 83 -38.36 -56.52 11.03
C ASN H 83 -37.09 -55.68 10.80
N HIS H 84 -37.23 -54.59 10.06
CA HIS H 84 -36.09 -53.73 9.79
C HIS H 84 -36.52 -52.27 9.65
N VAL H 85 -35.59 -51.38 9.96
CA VAL H 85 -35.84 -49.95 9.89
C VAL H 85 -36.60 -49.56 8.63
N THR H 86 -36.49 -50.37 7.59
CA THR H 86 -37.17 -50.08 6.32
C THR H 86 -38.48 -50.82 6.12
N LEU H 87 -38.97 -51.50 7.15
CA LEU H 87 -40.22 -52.23 7.05
C LEU H 87 -41.27 -51.63 7.98
N SER H 88 -42.42 -51.29 7.42
CA SER H 88 -43.52 -50.73 8.20
C SER H 88 -43.98 -51.78 9.20
N GLN H 89 -44.27 -52.97 8.68
CA GLN H 89 -44.69 -54.09 9.51
C GLN H 89 -43.80 -55.27 9.13
N PRO H 90 -43.38 -56.05 10.13
CA PRO H 90 -42.52 -57.21 9.89
C PRO H 90 -42.91 -58.09 8.72
N LYS H 91 -41.90 -58.40 7.91
CA LYS H 91 -42.04 -59.22 6.72
C LYS H 91 -41.98 -60.70 7.14
N ILE H 92 -42.85 -61.51 6.57
CA ILE H 92 -42.87 -62.94 6.89
C ILE H 92 -42.78 -63.76 5.62
N VAL H 93 -41.79 -64.63 5.56
CA VAL H 93 -41.59 -65.48 4.40
C VAL H 93 -41.73 -66.95 4.81
N LYS H 94 -42.74 -67.62 4.28
CA LYS H 94 -42.96 -69.01 4.62
C LYS H 94 -41.99 -69.91 3.89
N TRP H 95 -41.46 -70.90 4.59
CA TRP H 95 -40.51 -71.84 4.00
C TRP H 95 -41.20 -72.73 3.00
N ASP H 96 -40.86 -72.60 1.73
CA ASP H 96 -41.44 -73.48 0.71
C ASP H 96 -40.57 -74.71 0.69
N ARG H 97 -41.17 -75.89 0.76
CA ARG H 97 -40.39 -77.12 0.76
C ARG H 97 -39.63 -77.38 -0.54
N ASP H 98 -40.19 -76.93 -1.66
CA ASP H 98 -39.58 -77.13 -2.97
C ASP H 98 -38.76 -75.93 -3.43
N MET H 99 -38.21 -75.20 -2.46
CA MET H 99 -37.39 -74.02 -2.73
C MET H 99 -36.35 -73.72 -1.65
N SER I 1 -34.30 20.62 26.31
CA SER I 1 -34.61 19.20 26.02
C SER I 1 -34.73 18.42 27.32
N HIS I 2 -35.62 17.42 27.33
CA HIS I 2 -35.84 16.63 28.53
C HIS I 2 -35.93 15.15 28.23
N TRP I 3 -35.74 14.35 29.26
CA TRP I 3 -35.82 12.90 29.12
C TRP I 3 -36.65 12.29 30.22
N LEU I 4 -37.50 11.34 29.85
CA LEU I 4 -38.30 10.60 30.81
C LEU I 4 -37.80 9.20 30.54
N LYS I 5 -37.15 8.59 31.53
CA LYS I 5 -36.61 7.24 31.36
C LYS I 5 -37.10 6.32 32.47
N THR I 6 -37.29 5.05 32.13
CA THR I 6 -37.70 4.07 33.11
C THR I 6 -36.65 2.98 33.14
N PHE I 7 -36.28 2.60 34.35
CA PHE I 7 -35.27 1.57 34.55
C PHE I 7 -35.89 0.35 35.19
N ARG I 8 -35.51 -0.83 34.73
CA ARG I 8 -36.00 -2.08 35.27
C ARG I 8 -34.77 -2.92 35.56
N ILE I 9 -34.73 -3.59 36.71
CA ILE I 9 -33.60 -4.42 37.05
C ILE I 9 -34.12 -5.74 37.59
N VAL I 10 -33.52 -6.85 37.17
CA VAL I 10 -33.92 -8.16 37.69
C VAL I 10 -32.61 -8.72 38.19
N ILE I 11 -32.53 -8.96 39.50
CA ILE I 11 -31.32 -9.45 40.11
C ILE I 11 -31.40 -10.87 40.64
N MET I 12 -30.36 -11.65 40.38
CA MET I 12 -30.27 -13.02 40.85
C MET I 12 -28.94 -13.10 41.56
N GLU I 13 -28.97 -13.45 42.85
CA GLU I 13 -27.74 -13.55 43.61
C GLU I 13 -27.56 -15.02 43.95
N PRO I 14 -26.31 -15.44 44.23
CA PRO I 14 -26.04 -16.83 44.58
C PRO I 14 -26.73 -17.17 45.90
N GLY I 15 -27.79 -17.96 45.85
CA GLY I 15 -28.48 -18.33 47.06
C GLY I 15 -29.92 -17.84 47.14
N ILE I 16 -30.15 -16.56 46.81
CA ILE I 16 -31.49 -16.01 46.84
C ILE I 16 -32.47 -16.94 46.13
N LEU I 17 -33.53 -17.33 46.83
CA LEU I 17 -34.53 -18.22 46.26
C LEU I 17 -35.14 -17.61 45.01
N GLU I 18 -35.79 -16.46 45.17
CA GLU I 18 -36.42 -15.77 44.04
C GLU I 18 -35.63 -14.53 43.61
N PRO I 19 -35.71 -14.19 42.31
CA PRO I 19 -35.00 -13.03 41.79
C PRO I 19 -35.64 -11.76 42.31
N ARG I 20 -34.83 -10.73 42.52
CA ARG I 20 -35.33 -9.45 43.00
C ARG I 20 -35.60 -8.53 41.81
N PHE I 21 -36.70 -7.80 41.87
CA PHE I 21 -37.04 -6.90 40.78
C PHE I 21 -37.26 -5.52 41.33
N ILE I 22 -36.74 -4.51 40.64
CA ILE I 22 -36.95 -3.14 41.07
C ILE I 22 -37.16 -2.32 39.82
N GLN I 23 -37.98 -1.28 39.93
CA GLN I 23 -38.28 -0.43 38.79
C GLN I 23 -38.35 1.03 39.21
N VAL I 24 -37.50 1.88 38.63
CA VAL I 24 -37.53 3.31 38.96
C VAL I 24 -37.73 4.17 37.73
N SER I 25 -38.32 5.34 37.92
CA SER I 25 -38.54 6.25 36.80
C SER I 25 -38.03 7.64 37.11
N TYR I 26 -37.36 8.22 36.12
CA TYR I 26 -36.79 9.55 36.26
C TYR I 26 -37.34 10.48 35.19
N VAL I 27 -37.39 11.76 35.52
CA VAL I 27 -37.76 12.79 34.56
C VAL I 27 -36.49 13.64 34.74
N ASP I 28 -35.56 13.46 33.81
CA ASP I 28 -34.25 14.09 33.86
C ASP I 28 -33.54 13.65 35.14
N SER I 29 -32.72 14.49 35.75
CA SER I 29 -31.98 14.06 36.94
C SER I 29 -32.84 13.61 38.14
N ILE I 30 -34.14 13.91 38.10
CA ILE I 30 -35.05 13.57 39.21
C ILE I 30 -35.81 12.24 39.14
N GLN I 31 -35.69 11.43 40.20
CA GLN I 31 -36.42 10.17 40.28
C GLN I 31 -37.74 10.51 40.94
N TYR I 32 -38.85 10.00 40.42
CA TYR I 32 -40.13 10.32 41.04
C TYR I 32 -40.97 9.12 41.50
N GLN I 33 -40.59 7.92 41.07
CA GLN I 33 -41.30 6.71 41.45
C GLN I 33 -40.32 5.63 41.83
N GLY I 34 -40.84 4.51 42.28
CA GLY I 34 -39.97 3.42 42.65
C GLY I 34 -40.78 2.24 43.13
N PHE I 35 -40.48 1.07 42.58
CA PHE I 35 -41.13 -0.18 42.96
C PHE I 35 -40.00 -1.15 43.26
N ASP I 36 -40.12 -1.92 44.33
CA ASP I 36 -39.06 -2.86 44.69
C ASP I 36 -39.70 -4.15 45.14
N SER I 37 -39.41 -5.25 44.47
CA SER I 37 -40.01 -6.52 44.86
C SER I 37 -39.76 -6.83 46.34
N ARG I 38 -38.61 -6.45 46.87
CA ARG I 38 -38.36 -6.69 48.29
C ARG I 38 -39.18 -5.62 49.04
N SER I 39 -40.32 -5.25 48.45
CA SER I 39 -41.25 -4.22 48.96
C SER I 39 -40.75 -3.46 50.16
N GLY I 43 -46.10 -1.00 47.76
CA GLY I 43 -46.31 -1.15 46.32
C GLY I 43 -45.44 -0.20 45.50
N MET I 44 -46.02 0.45 44.48
CA MET I 44 -45.27 1.41 43.68
C MET I 44 -45.31 2.77 44.39
N GLN I 45 -44.23 3.12 45.08
CA GLN I 45 -44.13 4.35 45.84
C GLN I 45 -43.64 5.58 45.07
N PRO I 46 -43.87 6.78 45.64
CA PRO I 46 -43.45 8.06 45.05
C PRO I 46 -42.06 8.38 45.59
N ARG I 47 -41.29 9.15 44.83
CA ARG I 47 -39.94 9.51 45.27
C ARG I 47 -39.74 11.00 45.27
N ALA I 48 -40.50 11.70 44.44
CA ALA I 48 -40.39 13.14 44.36
C ALA I 48 -41.56 13.75 45.12
N ALA I 49 -41.25 14.69 46.01
CA ALA I 49 -42.26 15.35 46.83
C ALA I 49 -43.51 15.75 46.06
N TRP I 50 -43.32 16.30 44.86
CA TRP I 50 -44.45 16.72 44.05
C TRP I 50 -45.36 15.62 43.52
N MET I 51 -44.96 14.37 43.66
CA MET I 51 -45.78 13.27 43.18
C MET I 51 -46.97 13.00 44.07
N LYS I 52 -46.87 13.38 45.33
CA LYS I 52 -47.92 13.15 46.31
C LYS I 52 -49.28 13.72 45.85
N GLN I 53 -49.28 14.40 44.71
CA GLN I 53 -50.50 14.99 44.15
C GLN I 53 -51.25 14.06 43.21
N GLU I 54 -50.97 12.76 43.24
CA GLU I 54 -51.66 11.84 42.36
C GLU I 54 -52.67 10.99 43.11
N PRO I 55 -53.79 10.67 42.44
CA PRO I 55 -54.90 9.87 42.97
C PRO I 55 -54.44 8.48 43.39
N PRO I 56 -55.08 7.90 44.40
CA PRO I 56 -54.63 6.56 44.77
C PRO I 56 -54.92 5.60 43.61
N GLU I 57 -55.89 5.98 42.78
CA GLU I 57 -56.27 5.18 41.61
C GLU I 57 -55.05 5.05 40.72
N TYR I 58 -54.16 6.03 40.83
CA TYR I 58 -52.94 6.07 40.06
C TYR I 58 -51.96 5.00 40.50
N TRP I 59 -51.53 5.10 41.75
CA TRP I 59 -50.60 4.13 42.31
C TRP I 59 -51.18 2.73 42.19
N LYS I 60 -52.51 2.62 42.20
CA LYS I 60 -53.13 1.32 42.05
C LYS I 60 -52.73 0.87 40.66
N ASN I 61 -53.03 1.71 39.66
CA ASN I 61 -52.69 1.44 38.27
C ASN I 61 -51.21 1.04 38.20
N GLU I 62 -50.34 1.98 38.54
CA GLU I 62 -48.90 1.79 38.52
C GLU I 62 -48.42 0.52 39.18
N THR I 63 -48.84 0.27 40.40
CA THR I 63 -48.40 -0.94 41.07
C THR I 63 -48.84 -2.16 40.30
N GLU I 64 -50.03 -2.11 39.71
CA GLU I 64 -50.51 -3.24 38.93
C GLU I 64 -49.51 -3.50 37.79
N HIS I 65 -49.15 -2.45 37.06
CA HIS I 65 -48.22 -2.59 35.95
C HIS I 65 -46.86 -3.15 36.35
N ALA I 66 -46.24 -2.56 37.37
CA ALA I 66 -44.94 -3.03 37.83
C ALA I 66 -45.04 -4.51 38.18
N MET I 67 -46.14 -4.87 38.85
CA MET I 67 -46.43 -6.25 39.24
C MET I 67 -46.32 -7.13 38.01
N GLY I 68 -46.97 -6.68 36.93
CA GLY I 68 -46.96 -7.43 35.68
C GLY I 68 -45.59 -7.50 35.07
N ALA I 69 -45.01 -6.34 34.80
CA ALA I 69 -43.70 -6.27 34.19
C ALA I 69 -42.72 -7.21 34.89
N SER I 70 -42.77 -7.18 36.22
CA SER I 70 -41.91 -8.02 37.03
C SER I 70 -42.00 -9.52 36.73
N LEU I 71 -43.22 -10.05 36.60
CA LEU I 71 -43.38 -11.47 36.31
C LEU I 71 -42.67 -11.71 34.98
N LEU I 72 -42.91 -10.83 34.02
CA LEU I 72 -42.29 -10.93 32.71
C LEU I 72 -40.77 -10.88 32.73
N ALA I 73 -40.22 -9.88 33.42
CA ALA I 73 -38.78 -9.73 33.50
C ALA I 73 -38.07 -10.93 34.11
N ARG I 74 -38.58 -11.41 35.24
CA ARG I 74 -37.95 -12.56 35.88
C ARG I 74 -37.96 -13.73 34.91
N ARG I 75 -39.11 -13.97 34.27
CA ARG I 75 -39.23 -15.08 33.33
C ARG I 75 -38.12 -14.97 32.29
N THR I 76 -37.96 -13.77 31.73
CA THR I 76 -36.94 -13.55 30.73
C THR I 76 -35.52 -13.78 31.21
N LEU I 77 -35.18 -13.26 32.39
CA LEU I 77 -33.82 -13.46 32.90
C LEU I 77 -33.53 -14.96 32.97
N ILE I 78 -34.47 -15.71 33.54
CA ILE I 78 -34.32 -17.15 33.66
C ILE I 78 -34.16 -17.80 32.28
N TYR I 79 -34.94 -17.31 31.32
CA TYR I 79 -34.87 -17.85 29.99
C TYR I 79 -33.45 -17.69 29.46
N MET I 80 -32.95 -16.46 29.47
CA MET I 80 -31.62 -16.18 28.97
C MET I 80 -30.51 -16.88 29.74
N VAL I 81 -30.62 -16.99 31.05
CA VAL I 81 -29.58 -17.66 31.80
C VAL I 81 -29.50 -19.09 31.27
N THR I 82 -30.64 -19.59 30.81
CA THR I 82 -30.77 -20.93 30.26
C THR I 82 -30.11 -21.01 28.89
N GLU I 83 -30.62 -20.23 27.95
CA GLU I 83 -30.08 -20.22 26.60
C GLU I 83 -28.55 -20.15 26.60
N ASN I 84 -27.99 -19.28 27.42
CA ASN I 84 -26.53 -19.15 27.49
C ASN I 84 -25.94 -20.25 28.34
N ASN I 85 -26.79 -21.16 28.79
CA ASN I 85 -26.36 -22.28 29.62
C ASN I 85 -25.39 -21.88 30.73
N ASN I 86 -25.79 -20.95 31.60
CA ASN I 86 -24.92 -20.51 32.71
C ASN I 86 -25.29 -21.11 34.06
N LYS I 87 -24.33 -21.15 34.98
CA LYS I 87 -24.55 -21.70 36.32
C LYS I 87 -25.78 -21.07 36.99
N LYS I 88 -26.90 -21.77 36.94
CA LYS I 88 -28.14 -21.28 37.55
C LYS I 88 -27.93 -20.51 38.84
N ASN I 89 -27.15 -21.06 39.76
CA ASN I 89 -26.91 -20.38 41.03
C ASN I 89 -25.65 -19.53 41.07
N ASP I 90 -25.88 -18.22 41.11
CA ASP I 90 -24.84 -17.19 41.19
C ASP I 90 -25.40 -15.95 40.49
N TYR I 91 -24.59 -14.91 40.36
CA TYR I 91 -25.03 -13.65 39.75
C TYR I 91 -25.57 -13.67 38.34
N HIS I 92 -26.66 -12.93 38.14
CA HIS I 92 -27.31 -12.79 36.84
C HIS I 92 -28.08 -11.49 36.91
N THR I 93 -28.03 -10.69 35.86
CA THR I 93 -28.74 -9.42 35.90
C THR I 93 -29.43 -9.11 34.60
N LEU I 94 -30.66 -8.64 34.67
CA LEU I 94 -31.37 -8.27 33.47
C LEU I 94 -31.64 -6.79 33.68
N GLN I 95 -31.21 -5.94 32.76
CA GLN I 95 -31.43 -4.51 32.89
C GLN I 95 -32.12 -4.01 31.65
N GLU I 96 -33.06 -3.11 31.82
CA GLU I 96 -33.83 -2.58 30.70
C GLU I 96 -34.06 -1.08 30.90
N VAL I 97 -33.94 -0.29 29.84
CA VAL I 97 -34.13 1.16 29.93
C VAL I 97 -34.90 1.60 28.74
N PHE I 98 -35.90 2.44 28.93
CA PHE I 98 -36.60 2.98 27.79
C PHE I 98 -37.05 4.38 28.18
N GLY I 99 -37.30 5.22 27.20
CA GLY I 99 -37.69 6.58 27.54
C GLY I 99 -37.81 7.50 26.35
N CYS I 100 -38.53 8.60 26.54
CA CYS I 100 -38.71 9.54 25.46
C CYS I 100 -38.02 10.85 25.71
N ASN I 101 -37.41 11.37 24.66
CA ASN I 101 -36.71 12.63 24.70
C ASN I 101 -37.71 13.68 24.22
N VAL I 102 -38.21 14.51 25.12
CA VAL I 102 -39.17 15.54 24.72
C VAL I 102 -38.56 16.92 24.78
N ALA I 103 -38.86 17.73 23.77
CA ALA I 103 -38.34 19.09 23.69
C ALA I 103 -39.03 20.06 24.66
N HIS I 104 -38.37 21.19 24.89
CA HIS I 104 -38.89 22.22 25.78
C HIS I 104 -40.33 22.60 25.48
N ASP I 105 -40.76 22.39 24.24
CA ASP I 105 -42.12 22.74 23.81
C ASP I 105 -43.08 21.55 23.68
N GLY I 106 -42.94 20.56 24.55
CA GLY I 106 -43.83 19.40 24.53
C GLY I 106 -43.78 18.49 23.32
N SER I 107 -42.90 18.78 22.38
CA SER I 107 -42.81 17.95 21.18
C SER I 107 -41.76 16.84 21.28
N PHE I 108 -42.13 15.69 20.74
CA PHE I 108 -41.29 14.51 20.71
C PHE I 108 -40.00 14.75 19.91
N LEU I 109 -38.84 14.49 20.52
CA LEU I 109 -37.57 14.67 19.83
C LEU I 109 -36.99 13.32 19.45
N GLY I 110 -37.08 12.38 20.37
CA GLY I 110 -36.57 11.04 20.13
C GLY I 110 -36.95 10.13 21.27
N GLY I 111 -36.38 8.94 21.29
CA GLY I 111 -36.69 7.99 22.34
C GLY I 111 -35.60 6.96 22.44
N HIS I 112 -35.71 6.04 23.39
CA HIS I 112 -34.69 5.03 23.54
C HIS I 112 -35.24 3.79 24.20
N TYR I 113 -34.59 2.68 23.91
CA TYR I 113 -34.95 1.40 24.49
C TYR I 113 -33.74 0.47 24.37
N GLY I 114 -33.43 -0.23 25.46
CA GLY I 114 -32.31 -1.15 25.48
C GLY I 114 -32.52 -2.21 26.55
N LEU I 115 -32.07 -3.42 26.28
CA LEU I 115 -32.22 -4.51 27.22
C LEU I 115 -30.97 -5.39 27.26
N THR I 116 -30.56 -5.81 28.45
CA THR I 116 -29.39 -6.69 28.58
C THR I 116 -29.50 -7.83 29.55
N TYR I 117 -28.74 -8.87 29.26
CA TYR I 117 -28.58 -9.97 30.17
C TYR I 117 -27.12 -9.60 30.26
N TYR I 118 -26.81 -8.62 31.10
CA TYR I 118 -25.46 -8.09 31.23
C TYR I 118 -24.30 -9.06 30.98
N GLY I 119 -23.51 -8.77 29.94
CA GLY I 119 -22.38 -9.60 29.62
C GLY I 119 -22.70 -10.73 28.67
N TYR I 120 -23.95 -10.86 28.25
CA TYR I 120 -24.30 -11.94 27.35
C TYR I 120 -25.15 -11.54 26.17
N ASP I 121 -26.20 -10.77 26.44
CA ASP I 121 -27.08 -10.37 25.36
C ASP I 121 -27.50 -8.91 25.43
N TYR I 122 -27.64 -8.33 24.25
CA TYR I 122 -28.04 -6.96 24.16
C TYR I 122 -29.03 -6.83 23.02
N ILE I 123 -30.16 -6.21 23.30
CA ILE I 123 -31.17 -5.97 22.31
C ILE I 123 -31.35 -4.48 22.43
N ILE I 124 -31.17 -3.75 21.34
CA ILE I 124 -31.26 -2.31 21.44
C ILE I 124 -31.89 -1.56 20.29
N LEU I 125 -32.91 -0.77 20.61
CA LEU I 125 -33.58 0.02 19.60
C LEU I 125 -32.64 1.13 19.17
N ASN I 126 -32.47 1.30 17.86
CA ASN I 126 -31.56 2.31 17.32
C ASN I 126 -32.15 3.71 17.31
N GLU I 127 -31.31 4.72 17.15
CA GLU I 127 -31.78 6.11 17.13
C GLU I 127 -32.78 6.25 15.99
N ASP I 128 -32.55 5.48 14.92
CA ASP I 128 -33.45 5.49 13.77
C ASP I 128 -34.84 5.06 14.25
N LEU I 129 -34.91 4.64 15.51
CA LEU I 129 -36.14 4.15 16.14
C LEU I 129 -36.91 3.24 15.17
N ASN I 130 -36.21 2.70 14.17
CA ASN I 130 -36.83 1.82 13.18
C ASN I 130 -36.06 0.51 13.03
N SER I 131 -34.83 0.48 13.55
CA SER I 131 -33.98 -0.69 13.47
C SER I 131 -33.51 -1.16 14.86
N TRP I 132 -32.95 -2.36 14.93
CA TRP I 132 -32.47 -2.89 16.21
C TRP I 132 -30.99 -3.26 16.20
N THR I 133 -30.52 -3.78 17.32
CA THR I 133 -29.14 -4.21 17.47
C THR I 133 -29.09 -5.44 18.36
N THR I 134 -29.29 -6.60 17.75
CA THR I 134 -29.23 -7.87 18.45
C THR I 134 -27.76 -8.04 18.88
N GLU I 135 -27.51 -8.94 19.81
CA GLU I 135 -26.15 -9.20 20.29
C GLU I 135 -26.21 -10.35 21.29
N GLY I 136 -25.46 -11.42 21.02
CA GLY I 136 -25.46 -12.57 21.92
C GLY I 136 -26.25 -13.80 21.44
N LYS I 137 -26.07 -14.94 22.11
CA LYS I 137 -26.78 -16.16 21.72
C LYS I 137 -28.25 -15.81 21.55
N VAL I 138 -28.88 -15.43 22.66
CA VAL I 138 -30.27 -15.04 22.64
C VAL I 138 -30.26 -13.64 22.08
N GLY I 139 -31.41 -13.13 21.68
CA GLY I 139 -31.39 -11.77 21.20
C GLY I 139 -30.57 -11.55 19.96
N GLY I 140 -29.57 -12.39 19.73
CA GLY I 140 -28.82 -12.27 18.50
C GLY I 140 -29.87 -12.82 17.55
N LYS I 141 -30.64 -13.76 18.09
CA LYS I 141 -31.73 -14.43 17.40
C LYS I 141 -33.03 -13.69 17.71
N PHE I 142 -33.00 -12.37 17.58
CA PHE I 142 -34.16 -11.53 17.87
C PHE I 142 -34.93 -11.14 16.62
N ASN I 143 -36.26 -11.25 16.67
CA ASN I 143 -37.13 -10.90 15.54
C ASN I 143 -37.32 -9.38 15.41
N SER I 150 -43.68 -4.67 13.80
CA SER I 150 -44.69 -4.91 14.82
C SER I 150 -44.13 -4.53 16.19
N VAL I 151 -43.17 -5.33 16.66
CA VAL I 151 -42.54 -5.07 17.96
C VAL I 151 -41.99 -3.65 17.93
N THR I 152 -41.44 -3.29 16.79
CA THR I 152 -40.87 -1.98 16.58
C THR I 152 -41.91 -0.86 16.69
N GLU I 153 -42.97 -0.96 15.90
CA GLU I 153 -44.03 0.05 15.92
C GLU I 153 -44.59 0.21 17.32
N GLY I 154 -44.60 -0.87 18.10
CA GLY I 154 -45.10 -0.81 19.46
C GLY I 154 -44.37 0.28 20.22
N TRP I 155 -43.04 0.22 20.18
CA TRP I 155 -42.21 1.19 20.86
C TRP I 155 -42.28 2.56 20.22
N ARG I 156 -42.21 2.59 18.89
CA ARG I 156 -42.28 3.85 18.18
C ARG I 156 -43.51 4.57 18.72
N THR I 157 -44.56 3.80 18.99
CA THR I 157 -45.79 4.36 19.51
C THR I 157 -45.68 4.75 20.97
N TYR I 158 -45.55 3.75 21.82
CA TYR I 158 -45.45 4.00 23.25
C TYR I 158 -44.60 5.24 23.48
N LEU I 159 -43.45 5.29 22.82
CA LEU I 159 -42.54 6.41 22.99
C LEU I 159 -43.13 7.75 22.52
N LYS I 160 -43.63 7.80 21.29
CA LYS I 160 -44.23 9.04 20.79
C LYS I 160 -45.51 9.35 21.55
N GLY I 161 -46.32 8.32 21.80
CA GLY I 161 -47.59 8.49 22.48
C GLY I 161 -47.60 8.48 23.99
N GLU I 162 -48.01 7.35 24.57
CA GLU I 162 -48.10 7.21 26.01
C GLU I 162 -46.95 7.86 26.77
N CYS I 163 -45.70 7.49 26.43
CA CYS I 163 -44.52 8.05 27.09
C CYS I 163 -44.54 9.59 27.12
N THR I 164 -44.73 10.22 25.97
CA THR I 164 -44.74 11.67 25.94
C THR I 164 -45.91 12.22 26.73
N GLU I 165 -47.07 11.57 26.60
CA GLU I 165 -48.23 12.00 27.35
C GLU I 165 -47.78 11.93 28.81
N ARG I 166 -47.17 10.80 29.19
CA ARG I 166 -46.68 10.62 30.55
C ARG I 166 -45.72 11.73 30.94
N PHE I 167 -44.84 12.11 30.02
CA PHE I 167 -43.91 13.17 30.33
C PHE I 167 -44.63 14.49 30.58
N LEU I 168 -45.34 14.98 29.56
CA LEU I 168 -46.07 16.22 29.66
C LEU I 168 -46.83 16.33 30.99
N ARG I 169 -47.58 15.29 31.32
CA ARG I 169 -48.33 15.24 32.56
C ARG I 169 -47.42 15.43 33.79
N CYS I 170 -46.20 14.94 33.68
CA CYS I 170 -45.24 15.03 34.77
C CYS I 170 -44.75 16.46 34.94
N LEU I 171 -44.45 17.09 33.81
CA LEU I 171 -43.97 18.46 33.82
C LEU I 171 -45.06 19.35 34.40
N ASP I 172 -46.30 19.03 34.07
CA ASP I 172 -47.44 19.78 34.56
C ASP I 172 -47.37 19.82 36.08
N LEU I 173 -47.16 18.66 36.69
CA LEU I 173 -47.09 18.51 38.14
C LEU I 173 -45.82 18.89 38.88
N GLY I 174 -44.73 19.21 38.17
CA GLY I 174 -43.50 19.54 38.88
C GLY I 174 -42.67 20.67 38.28
N LYS I 175 -43.24 21.35 37.28
CA LYS I 175 -42.58 22.46 36.60
C LYS I 175 -41.80 23.34 37.58
N GLU I 176 -42.44 23.66 38.70
CA GLU I 176 -41.85 24.50 39.73
C GLU I 176 -40.43 24.08 40.14
N THR I 177 -40.24 22.79 40.41
CA THR I 177 -38.94 22.28 40.82
C THR I 177 -38.12 21.69 39.68
N LEU I 178 -38.83 21.21 38.67
CA LEU I 178 -38.21 20.59 37.49
C LEU I 178 -37.55 21.55 36.53
N LEU I 179 -38.10 22.75 36.43
CA LEU I 179 -37.54 23.72 35.51
C LEU I 179 -36.79 24.84 36.21
N ARG I 180 -36.47 24.65 37.49
CA ARG I 180 -35.74 25.67 38.22
C ARG I 180 -34.31 25.79 37.70
N SER I 181 -33.61 26.82 38.17
CA SER I 181 -32.23 27.05 37.78
C SER I 181 -31.62 27.52 39.09
N ASP I 182 -30.85 26.64 39.72
CA ASP I 182 -30.18 26.95 40.98
C ASP I 182 -28.72 27.13 40.67
N ALA I 183 -28.22 28.35 40.87
CA ALA I 183 -26.82 28.66 40.56
C ALA I 183 -25.83 28.05 41.53
N PRO I 184 -24.60 27.81 41.06
CA PRO I 184 -23.51 27.24 41.84
C PRO I 184 -23.03 28.20 42.90
N ARG I 185 -22.68 27.69 44.08
CA ARG I 185 -22.11 28.51 45.11
C ARG I 185 -20.67 28.09 44.81
N THR I 186 -19.82 29.01 44.38
CA THR I 186 -18.45 28.64 44.02
C THR I 186 -17.38 29.26 44.91
N HIS I 187 -16.17 28.70 44.85
CA HIS I 187 -15.04 29.19 45.63
C HIS I 187 -13.77 28.42 45.27
N VAL I 188 -12.61 28.91 45.72
CA VAL I 188 -11.36 28.23 45.42
C VAL I 188 -10.62 27.83 46.69
N THR I 189 -9.79 26.79 46.60
CA THR I 189 -9.03 26.32 47.75
C THR I 189 -7.57 26.05 47.40
N HIS I 190 -6.67 26.45 48.29
CA HIS I 190 -5.22 26.29 48.10
C HIS I 190 -4.65 25.16 48.93
N LYS I 191 -4.10 24.16 48.25
CA LYS I 191 -3.50 23.01 48.92
C LYS I 191 -2.01 22.97 48.61
N VAL I 192 -1.22 22.53 49.58
CA VAL I 192 0.23 22.42 49.43
C VAL I 192 0.62 20.97 49.17
N THR I 193 1.64 20.76 48.35
CA THR I 193 2.10 19.41 48.03
C THR I 193 2.98 18.84 49.16
N VAL I 198 1.88 23.64 43.99
CA VAL I 198 0.66 23.44 44.76
C VAL I 198 -0.51 23.00 43.89
N THR I 199 -1.66 22.80 44.53
CA THR I 199 -2.87 22.38 43.82
C THR I 199 -4.07 23.24 44.23
N LEU I 200 -4.58 24.00 43.26
CA LEU I 200 -5.71 24.89 43.45
C LEU I 200 -6.98 24.17 42.99
N ARG I 201 -8.01 24.20 43.85
CA ARG I 201 -9.27 23.52 43.56
C ARG I 201 -10.44 24.52 43.43
N CYS I 202 -11.19 24.38 42.35
CA CYS I 202 -12.33 25.23 42.01
C CYS I 202 -13.61 24.43 42.34
N TRP I 203 -14.38 24.89 43.32
CA TRP I 203 -15.60 24.19 43.73
C TRP I 203 -16.90 24.86 43.30
N ALA I 204 -17.85 24.05 42.86
CA ALA I 204 -19.18 24.50 42.44
C ALA I 204 -20.19 23.64 43.20
N LEU I 205 -20.98 24.26 44.07
CA LEU I 205 -21.92 23.50 44.88
C LEU I 205 -23.41 23.88 44.85
N GLY I 206 -24.27 22.88 45.08
CA GLY I 206 -25.71 23.12 45.11
C GLY I 206 -26.34 23.68 43.87
N PHE I 207 -25.78 23.37 42.71
CA PHE I 207 -26.36 23.85 41.46
C PHE I 207 -27.28 22.83 40.82
N TYR I 208 -28.24 23.35 40.05
CA TYR I 208 -29.21 22.56 39.34
C TYR I 208 -29.64 23.45 38.19
N PRO I 209 -29.72 22.92 36.96
CA PRO I 209 -29.47 21.59 36.45
C PRO I 209 -28.03 21.19 36.68
N ALA I 210 -27.71 19.96 36.27
CA ALA I 210 -26.38 19.40 36.45
C ALA I 210 -25.39 19.80 35.37
N ASP I 211 -25.86 20.35 34.27
CA ASP I 211 -24.96 20.76 33.21
C ASP I 211 -24.18 21.97 33.69
N ILE I 212 -22.88 21.82 33.88
CA ILE I 212 -22.07 22.93 34.35
C ILE I 212 -20.71 22.89 33.66
N THR I 213 -19.92 23.97 33.77
CA THR I 213 -18.59 24.01 33.15
C THR I 213 -17.50 24.63 34.02
N LEU I 214 -16.45 23.86 34.30
CA LEU I 214 -15.33 24.31 35.11
C LEU I 214 -13.99 24.16 34.40
N THR I 215 -13.31 25.28 34.15
CA THR I 215 -12.03 25.25 33.46
C THR I 215 -11.01 26.21 34.05
N TRP I 216 -9.73 25.87 33.93
CA TRP I 216 -8.65 26.73 34.43
C TRP I 216 -7.89 27.34 33.27
N LYS I 217 -7.11 28.37 33.57
CA LYS I 217 -6.34 29.05 32.54
C LYS I 217 -5.06 29.66 33.08
N ARG I 218 -3.93 29.25 32.50
CA ARG I 218 -2.64 29.81 32.90
C ARG I 218 -2.56 31.11 32.10
N ASP I 219 -2.62 32.23 32.80
CA ASP I 219 -2.57 33.53 32.16
C ASP I 219 -3.58 33.59 31.04
N GLY I 220 -4.86 33.55 31.41
CA GLY I 220 -5.94 33.61 30.42
C GLY I 220 -5.87 32.69 29.22
N LYS I 221 -5.04 31.64 29.29
CA LYS I 221 -4.92 30.72 28.17
C LYS I 221 -5.54 29.37 28.51
N ASN I 222 -6.36 28.83 27.60
CA ASN I 222 -7.00 27.53 27.83
C ASN I 222 -5.87 26.59 28.30
N HIS I 223 -5.83 26.28 29.59
CA HIS I 223 -4.78 25.40 30.08
C HIS I 223 -5.25 23.95 30.27
N THR I 224 -5.01 23.11 29.28
CA THR I 224 -5.43 21.71 29.33
C THR I 224 -4.33 20.76 29.80
N GLN I 225 -4.72 19.50 29.98
CA GLN I 225 -3.81 18.44 30.40
C GLN I 225 -3.41 18.42 31.88
N ASP I 226 -2.50 19.31 32.25
CA ASP I 226 -1.98 19.39 33.61
C ASP I 226 -3.02 19.58 34.74
N MET I 227 -4.30 19.44 34.41
CA MET I 227 -5.36 19.60 35.40
C MET I 227 -6.10 18.29 35.71
N GLU I 228 -7.12 18.38 36.56
CA GLU I 228 -7.93 17.24 36.98
C GLU I 228 -9.40 17.57 36.72
N LEU I 229 -10.14 16.65 36.10
CA LEU I 229 -11.56 16.87 35.80
C LEU I 229 -12.47 15.73 36.25
N PRO I 230 -12.81 15.70 37.55
CA PRO I 230 -13.67 14.68 38.17
C PRO I 230 -15.04 14.56 37.51
N ASP I 231 -16.03 14.11 38.28
CA ASP I 231 -17.38 13.94 37.77
C ASP I 231 -18.45 14.46 38.71
N THR I 232 -19.37 15.22 38.15
CA THR I 232 -20.47 15.78 38.92
C THR I 232 -21.03 14.69 39.85
N ARG I 233 -21.25 15.05 41.11
CA ARG I 233 -21.80 14.11 42.08
C ARG I 233 -22.95 14.82 42.76
N PRO I 234 -23.94 14.08 43.26
CA PRO I 234 -25.11 14.68 43.92
C PRO I 234 -24.90 15.22 45.34
N ALA I 235 -25.44 16.40 45.59
CA ALA I 235 -25.32 17.01 46.90
C ALA I 235 -26.18 16.22 47.88
N GLY I 236 -27.21 15.56 47.36
CA GLY I 236 -28.11 14.79 48.20
C GLY I 236 -29.48 15.43 48.28
N ASP I 237 -29.56 16.73 48.04
CA ASP I 237 -30.84 17.43 48.11
C ASP I 237 -31.53 17.62 46.76
N GLY I 238 -30.92 17.17 45.68
CA GLY I 238 -31.55 17.34 44.38
C GLY I 238 -30.75 18.26 43.48
N THR I 239 -29.62 18.72 43.99
CA THR I 239 -28.70 19.61 43.29
C THR I 239 -27.40 18.84 43.15
N PHE I 240 -26.39 19.47 42.56
CA PHE I 240 -25.11 18.78 42.37
C PHE I 240 -23.87 19.51 42.84
N GLN I 241 -22.74 18.83 42.71
CA GLN I 241 -21.44 19.36 43.09
C GLN I 241 -20.46 18.95 42.03
N LYS I 242 -19.39 19.72 41.88
CA LYS I 242 -18.37 19.40 40.91
C LYS I 242 -17.16 20.25 41.24
N TRP I 243 -15.97 19.72 40.93
CA TRP I 243 -14.74 20.44 41.19
C TRP I 243 -13.70 20.17 40.11
N ALA I 244 -12.70 21.03 40.05
CA ALA I 244 -11.62 20.89 39.09
C ALA I 244 -10.41 21.51 39.75
N ALA I 245 -9.26 20.90 39.56
CA ALA I 245 -8.06 21.41 40.17
C ALA I 245 -6.87 21.34 39.23
N VAL I 246 -5.80 22.02 39.64
CA VAL I 246 -4.59 22.02 38.85
C VAL I 246 -3.39 22.06 39.78
N VAL I 247 -2.22 21.84 39.18
CA VAL I 247 -0.96 21.85 39.89
C VAL I 247 -0.14 23.02 39.36
N VAL I 248 0.26 23.90 40.28
CA VAL I 248 1.04 25.08 39.90
C VAL I 248 2.16 25.36 40.90
N PRO I 249 3.35 25.73 40.40
CA PRO I 249 4.58 26.05 41.16
C PRO I 249 4.41 26.96 42.39
N PHE I 250 4.77 26.43 43.56
CA PHE I 250 4.68 27.15 44.83
C PHE I 250 4.84 28.65 44.66
N GLY I 251 3.78 29.40 44.99
CA GLY I 251 3.83 30.84 44.86
C GLY I 251 3.42 31.36 43.49
N GLU I 252 3.93 30.72 42.44
CA GLU I 252 3.61 31.12 41.05
C GLU I 252 2.17 30.74 40.73
N GLU I 253 1.27 31.06 41.68
CA GLU I 253 -0.14 30.75 41.60
C GLU I 253 -1.01 31.64 40.71
N LEU I 254 -1.21 32.88 41.13
CA LEU I 254 -2.04 33.86 40.41
C LEU I 254 -2.06 33.87 38.88
N ARG I 255 -1.21 33.07 38.24
CA ARG I 255 -1.21 33.02 36.77
C ARG I 255 -2.30 32.04 36.32
N TYR I 256 -3.14 31.61 37.27
CA TYR I 256 -4.23 30.66 37.02
C TYR I 256 -5.58 31.15 37.53
N THR I 257 -6.59 31.06 36.67
CA THR I 257 -7.94 31.48 37.00
C THR I 257 -8.95 30.44 36.53
N CYS I 258 -9.98 30.15 37.33
CA CYS I 258 -10.96 29.18 36.87
C CYS I 258 -12.26 29.86 36.51
N HIS I 259 -12.82 29.44 35.39
CA HIS I 259 -14.05 30.00 34.87
C HIS I 259 -15.22 29.04 35.00
N VAL I 260 -16.28 29.51 35.64
CA VAL I 260 -17.48 28.72 35.86
C VAL I 260 -18.59 29.21 34.97
N HIS I 261 -19.23 28.28 34.28
CA HIS I 261 -20.34 28.60 33.38
C HIS I 261 -21.53 27.76 33.77
N HIS I 262 -22.69 28.38 34.02
CA HIS I 262 -23.88 27.63 34.38
C HIS I 262 -25.20 28.37 34.24
N GLU I 263 -26.13 27.67 33.60
CA GLU I 263 -27.47 28.12 33.32
C GLU I 263 -28.06 29.09 34.33
N GLY I 264 -27.80 28.88 35.61
CA GLY I 264 -28.38 29.78 36.61
C GLY I 264 -27.57 30.99 37.01
N LEU I 265 -26.60 31.39 36.20
CA LEU I 265 -25.78 32.55 36.53
C LEU I 265 -26.00 33.72 35.58
N PRO I 266 -25.88 34.95 36.09
CA PRO I 266 -26.07 36.13 35.26
C PRO I 266 -25.14 36.07 34.05
N GLY I 267 -23.94 35.55 34.26
CA GLY I 267 -22.98 35.45 33.18
C GLY I 267 -21.80 34.65 33.66
N PRO I 268 -20.70 34.55 32.89
CA PRO I 268 -19.53 33.77 33.32
C PRO I 268 -19.00 34.31 34.63
N LEU I 269 -18.36 33.44 35.40
CA LEU I 269 -17.82 33.81 36.69
C LEU I 269 -16.35 33.47 36.70
N THR I 270 -15.50 34.34 37.20
CA THR I 270 -14.09 34.02 37.22
C THR I 270 -13.54 34.05 38.63
N LEU I 271 -12.70 33.07 38.95
CA LEU I 271 -12.09 32.99 40.27
C LEU I 271 -10.59 32.74 40.21
N LYS I 272 -9.90 33.28 41.21
CA LYS I 272 -8.44 33.18 41.37
C LYS I 272 -8.21 32.90 42.85
N TRP I 273 -7.01 32.45 43.20
CA TRP I 273 -6.71 32.18 44.59
C TRP I 273 -6.85 33.46 45.41
N GLY I 274 -7.86 33.51 46.28
CA GLY I 274 -8.07 34.68 47.10
C GLY I 274 -6.88 35.02 47.97
N ILE J 1 -18.77 -9.33 33.10
CA ILE J 1 -17.53 -8.64 33.60
C ILE J 1 -17.80 -7.77 34.82
N GLN J 2 -17.31 -8.20 35.98
CA GLN J 2 -17.50 -7.44 37.22
C GLN J 2 -16.72 -6.14 37.24
N ARG J 3 -17.24 -5.16 37.96
CA ARG J 3 -16.61 -3.85 38.02
C ARG J 3 -16.66 -3.26 39.42
N THR J 4 -15.48 -3.00 39.98
CA THR J 4 -15.40 -2.45 41.32
C THR J 4 -15.91 -1.02 41.37
N PRO J 5 -16.61 -0.65 42.45
CA PRO J 5 -17.19 0.67 42.71
C PRO J 5 -16.21 1.82 42.92
N LYS J 6 -16.63 3.04 42.55
CA LYS J 6 -15.83 4.24 42.75
C LYS J 6 -16.48 4.90 43.96
N ILE J 7 -15.67 5.26 44.95
CA ILE J 7 -16.21 5.83 46.18
C ILE J 7 -15.82 7.26 46.47
N GLN J 8 -16.82 8.08 46.78
CA GLN J 8 -16.59 9.48 47.13
C GLN J 8 -17.27 9.77 48.47
N VAL J 9 -16.52 10.35 49.42
CA VAL J 9 -17.08 10.67 50.73
C VAL J 9 -17.04 12.18 50.86
N TYR J 10 -18.20 12.79 51.10
CA TYR J 10 -18.25 14.24 51.18
C TYR J 10 -19.50 14.75 51.90
N SER J 11 -19.51 16.04 52.19
CA SER J 11 -20.65 16.66 52.87
C SER J 11 -21.58 17.40 51.92
N ARG J 12 -22.88 17.42 52.22
CA ARG J 12 -23.82 18.12 51.35
C ARG J 12 -23.38 19.57 51.25
N HIS J 13 -23.43 20.26 52.39
CA HIS J 13 -23.00 21.65 52.48
C HIS J 13 -21.59 21.61 53.08
N PRO J 14 -20.82 22.70 52.93
CA PRO J 14 -19.46 22.75 53.48
C PRO J 14 -19.38 22.47 54.98
N ALA J 15 -18.36 21.71 55.36
CA ALA J 15 -18.14 21.32 56.74
C ALA J 15 -18.00 22.51 57.70
N GLU J 16 -19.07 22.84 58.40
CA GLU J 16 -19.03 23.94 59.37
C GLU J 16 -19.12 23.32 60.76
N ASN J 17 -17.97 23.19 61.43
CA ASN J 17 -17.92 22.60 62.77
C ASN J 17 -19.12 22.91 63.66
N GLY J 18 -19.58 21.89 64.38
CA GLY J 18 -20.73 22.11 65.26
C GLY J 18 -22.00 22.49 64.52
N LYS J 19 -21.90 22.76 63.23
CA LYS J 19 -23.08 23.08 62.43
C LYS J 19 -23.61 21.80 61.83
N SER J 20 -24.92 21.59 61.92
CA SER J 20 -25.55 20.40 61.37
C SER J 20 -25.14 20.21 59.91
N ASN J 21 -25.54 19.10 59.31
CA ASN J 21 -25.17 18.82 57.92
C ASN J 21 -25.67 17.45 57.46
N PHE J 22 -25.05 16.95 56.39
CA PHE J 22 -25.34 15.65 55.79
C PHE J 22 -24.06 15.03 55.25
N LEU J 23 -23.81 13.77 55.60
CA LEU J 23 -22.62 13.09 55.11
C LEU J 23 -22.99 12.10 54.02
N ASN J 24 -22.37 12.27 52.86
CA ASN J 24 -22.65 11.43 51.72
C ASN J 24 -21.52 10.46 51.32
N CYS J 25 -21.93 9.25 50.94
CA CYS J 25 -20.99 8.27 50.40
C CYS J 25 -21.61 7.89 49.07
N TYR J 26 -20.94 8.29 48.00
CA TYR J 26 -21.45 8.03 46.67
C TYR J 26 -20.67 6.89 46.02
N VAL J 27 -21.36 5.81 45.72
CA VAL J 27 -20.71 4.67 45.09
C VAL J 27 -21.30 4.53 43.70
N SER J 28 -20.41 4.32 42.72
CA SER J 28 -20.85 4.23 41.35
C SER J 28 -19.90 3.45 40.45
N GLY J 29 -20.40 3.11 39.28
CA GLY J 29 -19.63 2.38 38.29
C GLY J 29 -19.36 0.95 38.67
N PHE J 30 -20.18 0.39 39.55
CA PHE J 30 -19.95 -0.99 39.96
C PHE J 30 -20.94 -1.97 39.36
N HIS J 31 -20.53 -3.22 39.34
CA HIS J 31 -21.35 -4.29 38.80
C HIS J 31 -20.73 -5.61 39.28
N PRO J 32 -21.55 -6.52 39.83
CA PRO J 32 -23.00 -6.38 39.99
C PRO J 32 -23.35 -5.44 41.14
N SER J 33 -24.66 -5.25 41.34
CA SER J 33 -25.20 -4.37 42.36
C SER J 33 -25.08 -4.84 43.81
N ASP J 34 -24.65 -6.08 44.00
CA ASP J 34 -24.50 -6.60 45.35
C ASP J 34 -23.35 -5.83 46.00
N ILE J 35 -23.69 -4.79 46.75
CA ILE J 35 -22.68 -3.95 47.38
C ILE J 35 -23.04 -3.65 48.84
N GLU J 36 -22.01 -3.52 49.69
CA GLU J 36 -22.20 -3.22 51.11
C GLU J 36 -21.56 -1.86 51.40
N VAL J 37 -22.33 -0.93 51.96
CA VAL J 37 -21.81 0.42 52.25
C VAL J 37 -22.06 0.94 53.66
N ASP J 38 -20.98 1.33 54.34
CA ASP J 38 -21.05 1.84 55.71
C ASP J 38 -20.46 3.22 55.95
N LEU J 39 -21.12 3.96 56.83
CA LEU J 39 -20.66 5.28 57.23
C LEU J 39 -20.17 5.12 58.67
N LEU J 40 -18.93 5.47 58.91
CA LEU J 40 -18.33 5.32 60.24
C LEU J 40 -17.96 6.62 60.94
N LYS J 41 -18.28 6.71 62.23
CA LYS J 41 -17.91 7.87 63.03
C LYS J 41 -16.85 7.39 64.00
N ASN J 42 -15.62 7.86 63.80
CA ASN J 42 -14.51 7.47 64.66
C ASN J 42 -14.32 5.97 64.67
N GLY J 43 -15.05 5.27 63.79
CA GLY J 43 -14.91 3.84 63.71
C GLY J 43 -16.19 3.03 63.88
N GLU J 44 -17.09 3.51 64.73
CA GLU J 44 -18.34 2.79 64.96
C GLU J 44 -19.31 3.00 63.80
N ARG J 45 -19.73 1.90 63.19
CA ARG J 45 -20.68 1.93 62.09
C ARG J 45 -21.92 2.72 62.52
N ILE J 46 -22.19 3.85 61.86
CA ILE J 46 -23.33 4.71 62.19
C ILE J 46 -24.73 4.09 61.98
N GLU J 47 -25.64 4.38 62.91
CA GLU J 47 -26.99 3.84 62.90
C GLU J 47 -27.84 4.16 61.67
N LYS J 48 -28.95 4.85 61.88
CA LYS J 48 -29.88 5.21 60.81
C LYS J 48 -29.24 5.94 59.63
N VAL J 49 -28.99 5.20 58.55
CA VAL J 49 -28.37 5.72 57.33
C VAL J 49 -29.22 5.42 56.12
N GLU J 50 -29.73 6.45 55.45
CA GLU J 50 -30.54 6.24 54.25
C GLU J 50 -29.67 6.12 52.99
N HIS J 51 -30.27 5.66 51.90
CA HIS J 51 -29.57 5.53 50.64
C HIS J 51 -30.59 5.61 49.51
N SER J 52 -30.13 6.12 48.37
CA SER J 52 -30.96 6.30 47.19
C SER J 52 -31.38 4.99 46.58
N ASP J 53 -32.36 5.05 45.68
CA ASP J 53 -32.83 3.87 44.96
C ASP J 53 -31.77 3.51 43.92
N LEU J 54 -31.64 2.21 43.68
CA LEU J 54 -30.68 1.70 42.74
C LEU J 54 -31.03 2.06 41.31
N SER J 55 -30.05 2.52 40.55
CA SER J 55 -30.27 2.87 39.17
C SER J 55 -28.97 2.60 38.46
N PHE J 56 -28.97 2.55 37.14
CA PHE J 56 -27.72 2.31 36.43
C PHE J 56 -27.43 3.36 35.38
N SER J 57 -26.17 3.46 35.00
CA SER J 57 -25.71 4.43 34.01
C SER J 57 -25.78 3.82 32.63
N LYS J 58 -25.41 4.60 31.63
CA LYS J 58 -25.41 4.15 30.25
C LYS J 58 -24.62 2.85 30.04
N ASP J 59 -23.47 2.73 30.67
CA ASP J 59 -22.65 1.52 30.52
C ASP J 59 -23.16 0.38 31.40
N TRP J 60 -24.40 0.52 31.86
CA TRP J 60 -25.06 -0.47 32.69
C TRP J 60 -24.49 -0.59 34.10
N SER J 61 -23.46 0.17 34.45
CA SER J 61 -22.90 0.08 35.81
C SER J 61 -23.88 0.75 36.78
N PHE J 62 -23.87 0.30 38.04
CA PHE J 62 -24.79 0.83 39.05
C PHE J 62 -24.22 1.94 39.90
N TYR J 63 -25.12 2.68 40.55
CA TYR J 63 -24.72 3.75 41.46
C TYR J 63 -25.76 3.95 42.58
N LEU J 64 -25.28 4.40 43.73
CA LEU J 64 -26.12 4.63 44.90
C LEU J 64 -25.53 5.75 45.73
N LEU J 65 -26.38 6.39 46.53
CA LEU J 65 -25.92 7.42 47.42
C LEU J 65 -26.39 7.08 48.85
N TYR J 66 -25.45 6.95 49.79
CA TYR J 66 -25.78 6.69 51.18
C TYR J 66 -25.54 7.98 51.94
N TYR J 67 -26.36 8.28 52.95
CA TYR J 67 -26.19 9.52 53.68
C TYR J 67 -26.90 9.55 55.04
N THR J 68 -26.50 10.52 55.88
CA THR J 68 -27.06 10.76 57.21
C THR J 68 -26.86 12.21 57.59
N GLU J 69 -27.60 12.67 58.59
CA GLU J 69 -27.45 14.03 59.10
C GLU J 69 -26.28 13.91 60.05
N PHE J 70 -25.55 15.00 60.26
CA PHE J 70 -24.42 14.93 61.17
C PHE J 70 -23.80 16.28 61.42
N THR J 71 -23.42 16.53 62.68
CA THR J 71 -22.77 17.79 63.02
C THR J 71 -21.30 17.44 63.24
N PRO J 72 -20.47 17.76 62.27
CA PRO J 72 -19.05 17.46 62.39
C PRO J 72 -18.41 18.20 63.56
N THR J 73 -17.24 17.74 63.95
CA THR J 73 -16.49 18.35 65.04
C THR J 73 -15.04 18.27 64.61
N GLU J 74 -14.18 19.08 65.21
CA GLU J 74 -12.77 19.06 64.85
C GLU J 74 -12.16 17.76 65.33
N LYS J 75 -12.83 17.12 66.29
CA LYS J 75 -12.35 15.88 66.86
C LYS J 75 -12.80 14.65 66.07
N ASP J 76 -14.11 14.53 65.87
CA ASP J 76 -14.69 13.40 65.14
C ASP J 76 -14.09 13.18 63.76
N GLU J 77 -13.69 11.95 63.48
CA GLU J 77 -13.14 11.61 62.18
C GLU J 77 -14.12 10.60 61.55
N TYR J 78 -14.67 10.94 60.37
CA TYR J 78 -15.63 10.05 59.68
C TYR J 78 -15.06 9.39 58.42
N ALA J 79 -15.78 8.39 57.91
CA ALA J 79 -15.37 7.65 56.72
C ALA J 79 -16.44 6.68 56.19
N CYS J 80 -16.20 6.18 54.98
CA CYS J 80 -17.12 5.24 54.34
C CYS J 80 -16.40 3.93 54.13
N ARG J 81 -17.10 2.81 54.38
CA ARG J 81 -16.50 1.51 54.20
C ARG J 81 -17.34 0.75 53.19
N VAL J 82 -16.70 0.19 52.17
CA VAL J 82 -17.41 -0.52 51.11
C VAL J 82 -16.91 -1.95 50.89
N ASN J 83 -17.81 -2.91 50.78
CA ASN J 83 -17.42 -4.29 50.51
C ASN J 83 -18.16 -4.66 49.23
N HIS J 84 -17.46 -5.25 48.28
CA HIS J 84 -18.08 -5.64 47.02
C HIS J 84 -17.45 -6.90 46.45
N VAL J 85 -18.24 -7.62 45.68
CA VAL J 85 -17.79 -8.86 45.06
C VAL J 85 -16.39 -8.73 44.47
N THR J 86 -15.99 -7.52 44.14
CA THR J 86 -14.68 -7.29 43.55
C THR J 86 -13.61 -6.81 44.53
N LEU J 87 -13.93 -6.81 45.81
CA LEU J 87 -12.97 -6.39 46.83
C LEU J 87 -12.59 -7.55 47.74
N SER J 88 -11.29 -7.79 47.86
CA SER J 88 -10.78 -8.85 48.71
C SER J 88 -11.15 -8.53 50.16
N GLN J 89 -10.80 -7.32 50.56
CA GLN J 89 -11.10 -6.84 51.90
C GLN J 89 -11.77 -5.49 51.74
N PRO J 90 -12.80 -5.21 52.54
CA PRO J 90 -13.52 -3.95 52.48
C PRO J 90 -12.66 -2.71 52.36
N LYS J 91 -13.05 -1.85 51.41
CA LYS J 91 -12.37 -0.60 51.12
C LYS J 91 -12.88 0.47 52.10
N ILE J 92 -11.97 1.27 52.63
CA ILE J 92 -12.35 2.33 53.56
C ILE J 92 -11.80 3.66 53.09
N VAL J 93 -12.70 4.62 52.92
CA VAL J 93 -12.30 5.95 52.47
C VAL J 93 -12.65 6.98 53.54
N LYS J 94 -11.63 7.62 54.11
CA LYS J 94 -11.87 8.60 55.15
C LYS J 94 -12.36 9.91 54.55
N TRP J 95 -13.33 10.52 55.21
CA TRP J 95 -13.89 11.78 54.75
C TRP J 95 -12.90 12.90 54.94
N ASP J 96 -12.39 13.47 53.85
CA ASP J 96 -11.47 14.60 53.94
C ASP J 96 -12.34 15.83 54.04
N ARG J 97 -12.08 16.69 55.03
CA ARG J 97 -12.89 17.89 55.19
C ARG J 97 -12.78 18.88 54.04
N ASP J 98 -11.61 18.93 53.41
CA ASP J 98 -11.36 19.86 52.29
C ASP J 98 -11.58 19.20 50.92
N MET J 99 -12.48 18.22 50.88
CA MET J 99 -12.80 17.49 49.66
C MET J 99 -14.22 16.92 49.62
C1 NAG K . -9.00 -9.62 35.52
C2 NAG K . -8.22 -8.79 36.59
C3 NAG K . -8.06 -7.32 36.18
C4 NAG K . -7.55 -7.19 34.74
C5 NAG K . -8.47 -8.00 33.81
C6 NAG K . -8.01 -7.93 32.34
C7 NAG K . -9.04 -7.75 38.61
C8 NAG K . -10.31 -6.93 38.38
N2 NAG K . -8.89 -8.86 37.88
O3 NAG K . -7.13 -6.68 37.04
O4 NAG K . -7.52 -5.83 34.35
O5 NAG K . -8.46 -9.40 34.20
O6 NAG K . -7.30 -6.73 32.08
O7 NAG K . -8.19 -7.34 39.41
C1 NAG L . -0.14 2.69 -63.45
C2 NAG L . -1.08 1.62 -62.83
C3 NAG L . -1.93 2.17 -61.66
C4 NAG L . -1.08 2.97 -60.69
C5 NAG L . -0.30 4.04 -61.45
C6 NAG L . 0.60 4.88 -60.51
C7 NAG L . -3.24 0.84 -63.54
C8 NAG L . -4.20 1.97 -63.87
N2 NAG L . -1.96 1.03 -63.83
O3 NAG L . -2.54 1.10 -60.96
O4 NAG L . -1.91 3.57 -59.69
O5 NAG L . 0.57 3.41 -62.42
O6 NAG L . 0.07 4.93 -59.19
O7 NAG L . -3.68 -0.19 -63.02
C1 NAG M . 55.00 60.19 -4.65
C2 NAG M . 54.91 60.54 -3.14
C3 NAG M . 54.90 59.27 -2.24
C4 NAG M . 53.90 58.24 -2.74
C5 NAG M . 54.17 57.95 -4.23
C6 NAG M . 53.20 56.92 -4.80
C7 NAG M . 56.67 61.16 -1.60
C8 NAG M . 57.88 60.24 -1.68
N2 NAG M . 56.01 61.40 -2.73
O3 NAG M . 54.56 59.64 -0.91
O4 NAG M . 54.00 57.05 -1.97
O5 NAG M . 54.03 59.17 -5.00
O6 NAG M . 52.70 56.05 -3.79
O7 NAG M . 56.32 61.62 -0.50
C1 NAG N . -22.87 -69.60 -25.15
C2 NAG N . -22.03 -68.54 -25.93
C3 NAG N . -20.73 -68.18 -25.18
C4 NAG N . -21.00 -67.87 -23.71
C5 NAG N . -21.75 -69.04 -23.08
C6 NAG N . -22.06 -68.80 -21.59
C7 NAG N . -20.46 -68.85 -27.74
C8 NAG N . -19.47 -69.97 -27.48
N2 NAG N . -21.70 -69.02 -27.27
O3 NAG N . -20.15 -67.03 -25.79
O4 NAG N . -19.76 -67.65 -23.03
O5 NAG N . -23.03 -69.23 -23.76
O6 NAG N . -21.11 -67.93 -21.00
O7 NAG N . -20.10 -67.83 -28.34
C1 NAG O . -10.73 27.33 24.51
C2 NAG O . -10.79 26.97 23.00
C3 NAG O . -12.21 26.54 22.56
C4 NAG O . -12.81 25.51 23.53
C5 NAG O . -12.75 26.07 24.96
C6 NAG O . -13.32 25.08 25.98
C7 NAG O . -11.04 28.40 21.08
C8 NAG O . -12.15 29.43 21.24
N2 NAG O . -10.34 28.08 22.17
O3 NAG O . -12.16 25.96 21.27
O4 NAG O . -14.16 25.23 23.16
O5 NAG O . -11.35 26.31 25.32
O6 NAG O . -14.30 24.23 25.40
O7 NAG O . -10.83 27.89 19.97
#